data_2RQ5
#
_entry.id   2RQ5
#
_cell.length_a   1.000
_cell.length_b   1.000
_cell.length_c   1.000
_cell.angle_alpha   90.00
_cell.angle_beta   90.00
_cell.angle_gamma   90.00
#
_symmetry.space_group_name_H-M   'P 1'
#
_entity_poly.entity_id   1
_entity_poly.type   'polypeptide(L)'
_entity_poly.pdbx_seq_one_letter_code
;GPLGSLGRRWGPNVQRLACIKKHLRSQGITMDELPLIGGCELDLACFFRLINEMGGMQQVTDLKKWNKLADMLRIPKTAQ
DRLAKLQEAYCQYLLSYDSLSPEEHRRLEKEVLMEKEILEK
;
_entity_poly.pdbx_strand_id   A
#
# COMPACT_ATOMS: atom_id res chain seq x y z
N GLY A 1 -18.95 11.96 -20.23
CA GLY A 1 -17.60 11.62 -20.75
C GLY A 1 -17.46 10.14 -21.05
N PRO A 2 -16.41 9.74 -21.80
CA PRO A 2 -16.17 8.34 -22.15
C PRO A 2 -15.73 7.51 -20.94
N LEU A 3 -15.09 8.17 -19.98
CA LEU A 3 -14.61 7.49 -18.79
C LEU A 3 -15.75 7.32 -17.77
N GLY A 4 -15.43 6.69 -16.64
CA GLY A 4 -16.44 6.47 -15.62
C GLY A 4 -17.09 5.11 -15.73
N SER A 5 -16.30 4.06 -15.57
CA SER A 5 -16.80 2.69 -15.67
C SER A 5 -17.04 2.11 -14.27
N LEU A 6 -17.40 2.98 -13.33
CA LEU A 6 -17.65 2.55 -11.95
C LEU A 6 -18.90 1.67 -11.88
N GLY A 7 -19.12 1.06 -10.72
CA GLY A 7 -20.27 0.20 -10.54
C GLY A 7 -19.94 -1.05 -9.75
N ARG A 8 -18.91 -1.77 -10.19
CA ARG A 8 -18.50 -2.99 -9.52
C ARG A 8 -17.14 -2.80 -8.84
N ARG A 9 -16.31 -3.83 -8.84
CA ARG A 9 -14.99 -3.76 -8.22
C ARG A 9 -14.05 -2.88 -9.04
N TRP A 10 -13.28 -2.04 -8.33
CA TRP A 10 -12.33 -1.14 -8.99
C TRP A 10 -11.03 -1.85 -9.31
N GLY A 11 -10.82 -3.03 -8.71
CA GLY A 11 -9.60 -3.77 -8.95
C GLY A 11 -8.82 -4.05 -7.67
N PRO A 12 -7.87 -4.99 -7.70
CA PRO A 12 -7.06 -5.34 -6.53
C PRO A 12 -6.12 -4.20 -6.13
N ASN A 13 -5.52 -3.57 -7.13
CA ASN A 13 -4.59 -2.47 -6.88
C ASN A 13 -5.30 -1.31 -6.19
N VAL A 14 -6.56 -1.09 -6.56
CA VAL A 14 -7.34 -0.01 -5.97
C VAL A 14 -7.81 -0.39 -4.57
N GLN A 15 -8.20 -1.65 -4.40
CA GLN A 15 -8.66 -2.14 -3.11
C GLN A 15 -7.54 -2.10 -2.08
N ARG A 16 -6.34 -2.47 -2.51
CA ARG A 16 -5.18 -2.48 -1.64
C ARG A 16 -4.82 -1.06 -1.21
N LEU A 17 -4.70 -0.16 -2.19
CA LEU A 17 -4.37 1.23 -1.91
C LEU A 17 -5.44 1.89 -1.06
N ALA A 18 -6.69 1.47 -1.26
CA ALA A 18 -7.81 2.03 -0.52
C ALA A 18 -7.79 1.58 0.95
N CYS A 19 -7.64 0.28 1.16
CA CYS A 19 -7.61 -0.28 2.51
C CYS A 19 -6.49 0.36 3.33
N ILE A 20 -5.30 0.46 2.75
CA ILE A 20 -4.17 1.03 3.43
C ILE A 20 -4.40 2.52 3.74
N LYS A 21 -5.00 3.22 2.79
CA LYS A 21 -5.28 4.64 2.95
C LYS A 21 -6.25 4.87 4.10
N LYS A 22 -7.33 4.09 4.12
CA LYS A 22 -8.35 4.21 5.16
C LYS A 22 -7.74 3.97 6.55
N HIS A 23 -6.86 3.00 6.64
CA HIS A 23 -6.21 2.67 7.91
C HIS A 23 -5.19 3.74 8.29
N LEU A 24 -4.42 4.21 7.32
CA LEU A 24 -3.40 5.22 7.56
C LEU A 24 -4.00 6.46 8.20
N ARG A 25 -5.09 6.98 7.61
CA ARG A 25 -5.74 8.17 8.12
C ARG A 25 -6.41 7.88 9.46
N SER A 26 -7.01 6.69 9.58
CA SER A 26 -7.68 6.31 10.82
C SER A 26 -6.67 5.96 11.91
N GLN A 27 -5.40 5.83 11.54
CA GLN A 27 -4.35 5.49 12.49
C GLN A 27 -3.57 6.73 12.93
N GLY A 28 -3.85 7.87 12.33
CA GLY A 28 -3.17 9.10 12.68
C GLY A 28 -2.29 9.62 11.56
N ILE A 29 -2.28 8.90 10.44
CA ILE A 29 -1.48 9.29 9.29
C ILE A 29 -2.36 9.79 8.15
N THR A 30 -2.37 11.12 7.96
CA THR A 30 -3.17 11.71 6.90
C THR A 30 -2.49 11.54 5.54
N MET A 31 -3.16 10.81 4.65
CA MET A 31 -2.62 10.57 3.31
C MET A 31 -3.68 10.86 2.24
N ASP A 32 -4.55 11.82 2.54
CA ASP A 32 -5.61 12.20 1.61
C ASP A 32 -5.03 12.86 0.36
N GLU A 33 -4.00 13.68 0.56
CA GLU A 33 -3.36 14.37 -0.56
C GLU A 33 -2.71 13.38 -1.51
N LEU A 34 -1.52 12.89 -1.15
CA LEU A 34 -0.80 11.93 -1.97
C LEU A 34 0.50 11.51 -1.30
N PRO A 35 0.79 10.19 -1.25
CA PRO A 35 2.00 9.67 -0.63
C PRO A 35 3.23 9.89 -1.51
N LEU A 36 4.36 10.19 -0.88
CA LEU A 36 5.60 10.42 -1.61
C LEU A 36 6.77 9.67 -0.96
N ILE A 37 7.74 9.32 -1.79
CA ILE A 37 8.93 8.63 -1.32
C ILE A 37 10.12 9.00 -2.20
N GLY A 38 11.25 9.31 -1.57
CA GLY A 38 12.43 9.68 -2.33
C GLY A 38 12.15 10.82 -3.30
N GLY A 39 11.33 11.78 -2.86
CA GLY A 39 11.01 12.92 -3.71
C GLY A 39 10.09 12.56 -4.87
N CYS A 40 9.58 11.33 -4.90
CA CYS A 40 8.72 10.90 -6.00
C CYS A 40 7.47 10.20 -5.48
N GLU A 41 6.46 10.09 -6.33
CA GLU A 41 5.20 9.45 -5.97
C GLU A 41 5.34 7.94 -5.99
N LEU A 42 4.65 7.27 -5.08
CA LEU A 42 4.71 5.81 -4.99
C LEU A 42 3.32 5.21 -4.81
N ASP A 43 3.12 4.03 -5.41
CA ASP A 43 1.83 3.35 -5.33
C ASP A 43 1.87 2.25 -4.27
N LEU A 44 1.10 2.43 -3.20
CA LEU A 44 1.05 1.45 -2.11
C LEU A 44 0.75 0.06 -2.64
N ALA A 45 -0.13 -0.03 -3.63
CA ALA A 45 -0.50 -1.30 -4.22
C ALA A 45 0.69 -1.95 -4.91
N CYS A 46 1.45 -1.15 -5.65
CA CYS A 46 2.63 -1.65 -6.36
C CYS A 46 3.74 -1.99 -5.38
N PHE A 47 3.88 -1.18 -4.34
CA PHE A 47 4.90 -1.41 -3.33
C PHE A 47 4.59 -2.66 -2.51
N PHE A 48 3.34 -2.78 -2.08
CA PHE A 48 2.91 -3.94 -1.29
C PHE A 48 3.17 -5.24 -2.04
N ARG A 49 2.76 -5.28 -3.30
CA ARG A 49 2.95 -6.47 -4.13
C ARG A 49 4.42 -6.80 -4.28
N LEU A 50 5.25 -5.76 -4.45
CA LEU A 50 6.68 -5.94 -4.63
C LEU A 50 7.29 -6.66 -3.41
N ILE A 51 7.01 -6.16 -2.22
CA ILE A 51 7.53 -6.76 -1.00
C ILE A 51 7.12 -8.23 -0.89
N ASN A 52 5.85 -8.51 -1.15
CA ASN A 52 5.35 -9.88 -1.09
C ASN A 52 6.05 -10.78 -2.10
N GLU A 53 6.31 -10.24 -3.28
CA GLU A 53 6.99 -11.01 -4.33
C GLU A 53 8.45 -11.29 -3.97
N MET A 54 8.95 -10.59 -2.95
CA MET A 54 10.34 -10.77 -2.53
C MET A 54 10.43 -11.77 -1.37
N GLY A 55 9.59 -12.80 -1.41
CA GLY A 55 9.59 -13.79 -0.35
C GLY A 55 9.10 -13.24 0.97
N GLY A 56 8.28 -12.19 0.91
CA GLY A 56 7.75 -11.59 2.11
C GLY A 56 8.56 -10.37 2.55
N MET A 57 8.03 -9.63 3.52
CA MET A 57 8.70 -8.45 4.02
C MET A 57 10.01 -8.81 4.72
N GLN A 58 10.02 -9.93 5.43
CA GLN A 58 11.21 -10.37 6.16
C GLN A 58 12.43 -10.38 5.24
N GLN A 59 12.27 -10.88 4.02
CA GLN A 59 13.37 -10.94 3.08
C GLN A 59 13.81 -9.55 2.65
N VAL A 60 12.85 -8.75 2.20
CA VAL A 60 13.12 -7.39 1.76
C VAL A 60 13.96 -6.63 2.80
N THR A 61 13.47 -6.58 4.03
CA THR A 61 14.15 -5.87 5.11
C THR A 61 15.36 -6.61 5.67
N ASP A 62 15.19 -7.88 6.05
CA ASP A 62 16.28 -8.67 6.63
C ASP A 62 17.48 -8.80 5.70
N LEU A 63 17.24 -9.21 4.46
CA LEU A 63 18.33 -9.39 3.50
C LEU A 63 18.83 -8.06 2.95
N LYS A 64 18.26 -6.96 3.41
CA LYS A 64 18.66 -5.64 2.93
C LYS A 64 18.70 -5.60 1.41
N LYS A 65 17.53 -5.42 0.81
CA LYS A 65 17.43 -5.37 -0.64
C LYS A 65 16.37 -4.37 -1.08
N TRP A 66 16.03 -3.42 -0.20
CA TRP A 66 15.03 -2.42 -0.55
C TRP A 66 15.44 -1.69 -1.82
N ASN A 67 16.74 -1.58 -2.03
CA ASN A 67 17.28 -0.90 -3.21
C ASN A 67 16.74 -1.48 -4.51
N LYS A 68 16.64 -2.81 -4.57
CA LYS A 68 16.14 -3.47 -5.78
C LYS A 68 14.62 -3.39 -5.89
N LEU A 69 13.92 -3.79 -4.82
CA LEU A 69 12.47 -3.75 -4.81
C LEU A 69 11.99 -2.32 -5.07
N ALA A 70 12.68 -1.35 -4.47
CA ALA A 70 12.33 0.06 -4.66
C ALA A 70 12.68 0.52 -6.06
N ASP A 71 13.78 -0.01 -6.60
CA ASP A 71 14.21 0.35 -7.96
C ASP A 71 13.07 0.12 -8.95
N MET A 72 12.45 -1.04 -8.87
CA MET A 72 11.33 -1.38 -9.75
C MET A 72 10.14 -0.44 -9.51
N LEU A 73 10.10 0.14 -8.31
CA LEU A 73 9.02 1.06 -7.95
C LEU A 73 9.22 2.44 -8.58
N ARG A 74 10.34 2.63 -9.27
CA ARG A 74 10.66 3.90 -9.91
C ARG A 74 10.99 4.99 -8.89
N ILE A 75 12.15 4.87 -8.26
CA ILE A 75 12.60 5.83 -7.28
C ILE A 75 13.96 6.42 -7.67
N PRO A 76 14.17 7.72 -7.45
CA PRO A 76 15.43 8.39 -7.80
C PRO A 76 16.60 7.95 -6.92
N LYS A 77 17.63 7.40 -7.57
CA LYS A 77 18.82 6.93 -6.86
C LYS A 77 19.62 8.11 -6.31
N THR A 78 19.42 9.29 -6.88
CA THR A 78 20.13 10.50 -6.45
C THR A 78 19.76 10.89 -5.03
N ALA A 79 18.59 10.45 -4.57
CA ALA A 79 18.13 10.77 -3.22
C ALA A 79 18.93 10.01 -2.17
N GLN A 80 19.65 10.75 -1.34
CA GLN A 80 20.45 10.14 -0.29
C GLN A 80 19.61 9.84 0.96
N ASP A 81 18.31 10.08 0.86
CA ASP A 81 17.40 9.84 1.97
C ASP A 81 16.30 8.85 1.57
N ARG A 82 16.15 8.63 0.26
CA ARG A 82 15.13 7.71 -0.23
C ARG A 82 15.28 6.32 0.39
N LEU A 83 16.52 5.94 0.67
CA LEU A 83 16.80 4.64 1.27
C LEU A 83 16.33 4.58 2.73
N ALA A 84 16.78 5.54 3.53
CA ALA A 84 16.42 5.59 4.95
C ALA A 84 14.96 5.99 5.13
N LYS A 85 14.50 6.91 4.29
CA LYS A 85 13.11 7.37 4.36
C LYS A 85 12.17 6.22 4.05
N LEU A 86 12.57 5.40 3.08
CA LEU A 86 11.78 4.24 2.66
C LEU A 86 11.67 3.23 3.78
N GLN A 87 12.81 2.92 4.41
CA GLN A 87 12.84 1.95 5.50
C GLN A 87 11.86 2.34 6.61
N GLU A 88 11.92 3.59 7.04
CA GLU A 88 11.04 4.09 8.09
C GLU A 88 9.62 4.32 7.56
N ALA A 89 9.52 4.65 6.28
CA ALA A 89 8.23 4.91 5.65
C ALA A 89 7.37 3.66 5.57
N TYR A 90 8.01 2.52 5.32
CA TYR A 90 7.30 1.26 5.22
C TYR A 90 7.11 0.64 6.60
N CYS A 91 8.12 0.80 7.45
CA CYS A 91 8.07 0.26 8.80
C CYS A 91 6.94 0.90 9.59
N GLN A 92 6.63 2.16 9.27
CA GLN A 92 5.57 2.88 9.94
C GLN A 92 4.25 2.82 9.16
N TYR A 93 4.29 2.23 7.97
CA TYR A 93 3.10 2.11 7.14
C TYR A 93 2.75 0.65 6.86
N LEU A 94 3.48 0.04 5.94
CA LEU A 94 3.24 -1.35 5.57
C LEU A 94 3.32 -2.28 6.78
N LEU A 95 4.31 -2.03 7.64
CA LEU A 95 4.49 -2.85 8.84
C LEU A 95 3.27 -2.75 9.76
N SER A 96 2.92 -1.52 10.15
CA SER A 96 1.78 -1.30 11.03
C SER A 96 0.52 -1.94 10.45
N TYR A 97 0.18 -1.57 9.23
CA TYR A 97 -1.01 -2.10 8.57
C TYR A 97 -0.94 -3.62 8.45
N ASP A 98 0.17 -4.11 7.92
CA ASP A 98 0.37 -5.55 7.75
C ASP A 98 0.29 -6.28 9.09
N SER A 99 0.48 -5.55 10.17
CA SER A 99 0.42 -6.13 11.52
C SER A 99 -1.02 -6.21 12.02
N LEU A 100 -1.91 -5.46 11.36
CA LEU A 100 -3.32 -5.42 11.74
C LEU A 100 -3.90 -6.83 11.85
N SER A 101 -4.76 -7.02 12.85
CA SER A 101 -5.39 -8.32 13.07
C SER A 101 -6.50 -8.56 12.05
N PRO A 102 -7.01 -9.80 11.97
CA PRO A 102 -8.07 -10.16 11.02
C PRO A 102 -9.30 -9.24 11.15
N GLU A 103 -9.48 -8.66 12.34
CA GLU A 103 -10.61 -7.77 12.58
C GLU A 103 -10.44 -6.45 11.83
N GLU A 104 -9.30 -5.80 12.02
CA GLU A 104 -9.02 -4.53 11.36
C GLU A 104 -9.03 -4.70 9.84
N HIS A 105 -8.74 -5.92 9.39
CA HIS A 105 -8.73 -6.20 7.96
C HIS A 105 -10.16 -6.32 7.43
N ARG A 106 -10.94 -7.18 8.06
CA ARG A 106 -12.33 -7.41 7.66
C ARG A 106 -13.16 -6.14 7.83
N ARG A 107 -12.95 -5.43 8.93
CA ARG A 107 -13.70 -4.21 9.21
C ARG A 107 -13.36 -3.12 8.19
N LEU A 108 -12.08 -2.82 8.05
CA LEU A 108 -11.64 -1.80 7.11
C LEU A 108 -11.93 -2.20 5.68
N GLU A 109 -11.71 -3.48 5.37
CA GLU A 109 -11.95 -3.98 4.02
C GLU A 109 -13.44 -3.98 3.71
N LYS A 110 -14.23 -4.61 4.57
CA LYS A 110 -15.67 -4.69 4.39
C LYS A 110 -16.29 -3.31 4.19
N GLU A 111 -15.72 -2.31 4.86
CA GLU A 111 -16.22 -0.94 4.74
C GLU A 111 -15.96 -0.39 3.34
N VAL A 112 -14.70 -0.42 2.93
CA VAL A 112 -14.30 0.07 1.61
C VAL A 112 -14.94 -0.76 0.50
N LEU A 113 -14.74 -2.08 0.58
CA LEU A 113 -15.27 -3.01 -0.42
C LEU A 113 -16.75 -2.76 -0.70
N MET A 114 -17.53 -2.57 0.36
CA MET A 114 -18.96 -2.33 0.18
C MET A 114 -19.19 -0.94 -0.38
N GLU A 115 -18.42 0.03 0.10
CA GLU A 115 -18.54 1.42 -0.35
C GLU A 115 -18.47 1.51 -1.89
N LYS A 116 -17.65 0.65 -2.48
CA LYS A 116 -17.49 0.64 -3.94
C LYS A 116 -18.56 -0.21 -4.62
N GLU A 117 -18.86 -1.35 -4.02
CA GLU A 117 -19.87 -2.26 -4.58
C GLU A 117 -21.26 -1.64 -4.55
N ILE A 118 -21.67 -1.17 -3.38
CA ILE A 118 -22.98 -0.56 -3.23
C ILE A 118 -22.95 0.95 -3.55
N LEU A 119 -21.86 1.40 -4.14
CA LEU A 119 -21.72 2.81 -4.50
C LEU A 119 -22.84 3.24 -5.44
N GLU A 120 -23.30 2.32 -6.27
CA GLU A 120 -24.38 2.60 -7.22
C GLU A 120 -25.68 2.89 -6.49
N LYS A 121 -26.24 1.86 -5.87
CA LYS A 121 -27.49 2.01 -5.12
C LYS A 121 -27.25 2.62 -3.74
N GLY A 1 -30.00 -13.66 -14.50
CA GLY A 1 -31.26 -13.21 -15.14
C GLY A 1 -31.63 -11.79 -14.76
N PRO A 2 -32.28 -11.59 -13.60
CA PRO A 2 -32.68 -10.26 -13.14
C PRO A 2 -31.51 -9.28 -13.10
N LEU A 3 -30.36 -9.76 -12.62
CA LEU A 3 -29.17 -8.93 -12.53
C LEU A 3 -28.36 -8.99 -13.84
N GLY A 4 -27.47 -8.03 -14.01
CA GLY A 4 -26.65 -7.99 -15.22
C GLY A 4 -25.19 -7.70 -14.90
N SER A 5 -24.54 -8.65 -14.26
CA SER A 5 -23.12 -8.50 -13.91
C SER A 5 -22.93 -7.31 -12.97
N LEU A 6 -23.42 -7.45 -11.74
CA LEU A 6 -23.30 -6.39 -10.75
C LEU A 6 -22.03 -6.56 -9.92
N GLY A 7 -21.70 -5.53 -9.13
CA GLY A 7 -20.51 -5.58 -8.30
C GLY A 7 -19.55 -4.45 -8.58
N ARG A 8 -18.86 -4.52 -9.71
CA ARG A 8 -17.91 -3.50 -10.11
C ARG A 8 -16.82 -3.32 -9.07
N ARG A 9 -15.58 -3.24 -9.55
CA ARG A 9 -14.43 -3.06 -8.67
C ARG A 9 -13.39 -2.16 -9.33
N TRP A 10 -12.78 -1.29 -8.53
CA TRP A 10 -11.76 -0.37 -9.03
C TRP A 10 -10.46 -1.10 -9.35
N GLY A 11 -10.38 -2.37 -8.96
CA GLY A 11 -9.18 -3.14 -9.22
C GLY A 11 -8.53 -3.65 -7.95
N PRO A 12 -7.70 -4.70 -8.03
CA PRO A 12 -7.02 -5.27 -6.86
C PRO A 12 -5.99 -4.31 -6.27
N ASN A 13 -5.26 -3.63 -7.15
CA ASN A 13 -4.24 -2.68 -6.73
C ASN A 13 -4.88 -1.50 -6.00
N VAL A 14 -6.07 -1.11 -6.44
CA VAL A 14 -6.79 0.00 -5.84
C VAL A 14 -7.35 -0.40 -4.47
N GLN A 15 -7.86 -1.63 -4.38
CA GLN A 15 -8.42 -2.13 -3.13
C GLN A 15 -7.36 -2.15 -2.04
N ARG A 16 -6.15 -2.55 -2.39
CA ARG A 16 -5.05 -2.61 -1.44
C ARG A 16 -4.66 -1.21 -0.98
N LEU A 17 -4.43 -0.32 -1.94
CA LEU A 17 -4.04 1.05 -1.64
C LEU A 17 -5.13 1.76 -0.84
N ALA A 18 -6.38 1.36 -1.07
CA ALA A 18 -7.51 1.97 -0.38
C ALA A 18 -7.55 1.57 1.09
N CYS A 19 -7.35 0.28 1.36
CA CYS A 19 -7.36 -0.23 2.72
C CYS A 19 -6.21 0.36 3.54
N ILE A 20 -5.04 0.50 2.91
CA ILE A 20 -3.87 1.04 3.60
C ILE A 20 -4.07 2.51 3.96
N LYS A 21 -4.56 3.30 3.02
CA LYS A 21 -4.79 4.73 3.27
C LYS A 21 -5.88 4.94 4.30
N LYS A 22 -6.85 4.03 4.33
CA LYS A 22 -7.95 4.13 5.28
C LYS A 22 -7.45 3.92 6.70
N HIS A 23 -6.60 2.92 6.89
CA HIS A 23 -6.05 2.62 8.20
C HIS A 23 -5.04 3.68 8.61
N LEU A 24 -4.25 4.16 7.65
CA LEU A 24 -3.25 5.18 7.92
C LEU A 24 -3.89 6.43 8.49
N ARG A 25 -4.94 6.92 7.84
CA ARG A 25 -5.63 8.11 8.31
C ARG A 25 -6.28 7.86 9.66
N SER A 26 -6.86 6.67 9.82
CA SER A 26 -7.51 6.30 11.08
C SER A 26 -6.47 6.00 12.15
N GLN A 27 -5.21 5.87 11.74
CA GLN A 27 -4.12 5.58 12.67
C GLN A 27 -3.36 6.85 13.08
N GLY A 28 -3.69 7.97 12.44
CA GLY A 28 -3.03 9.23 12.77
C GLY A 28 -2.19 9.74 11.62
N ILE A 29 -2.16 9.00 10.53
CA ILE A 29 -1.38 9.38 9.36
C ILE A 29 -2.29 9.83 8.21
N THR A 30 -2.33 11.14 7.98
CA THR A 30 -3.17 11.69 6.92
C THR A 30 -2.53 11.44 5.54
N MET A 31 -3.27 10.74 4.69
CA MET A 31 -2.78 10.43 3.34
C MET A 31 -3.85 10.72 2.29
N ASP A 32 -4.73 11.68 2.60
CA ASP A 32 -5.80 12.06 1.69
C ASP A 32 -5.24 12.74 0.44
N GLU A 33 -4.12 13.44 0.61
CA GLU A 33 -3.50 14.15 -0.50
C GLU A 33 -2.85 13.17 -1.47
N LEU A 34 -1.67 12.66 -1.10
CA LEU A 34 -0.96 11.71 -1.94
C LEU A 34 0.36 11.28 -1.28
N PRO A 35 0.61 9.97 -1.16
CA PRO A 35 1.83 9.45 -0.56
C PRO A 35 3.05 9.62 -1.46
N LEU A 36 4.14 10.13 -0.89
CA LEU A 36 5.37 10.34 -1.65
C LEU A 36 6.54 9.61 -1.01
N ILE A 37 7.50 9.24 -1.85
CA ILE A 37 8.70 8.55 -1.40
C ILE A 37 9.87 8.90 -2.30
N GLY A 38 11.01 9.23 -1.71
CA GLY A 38 12.18 9.58 -2.49
C GLY A 38 11.89 10.72 -3.46
N GLY A 39 11.08 11.68 -3.02
CA GLY A 39 10.74 12.81 -3.87
C GLY A 39 9.82 12.47 -5.01
N CYS A 40 9.29 11.24 -5.03
CA CYS A 40 8.40 10.80 -6.10
C CYS A 40 7.17 10.08 -5.56
N GLU A 41 6.16 9.94 -6.40
CA GLU A 41 4.93 9.27 -6.01
C GLU A 41 5.12 7.75 -6.01
N LEU A 42 4.44 7.08 -5.09
CA LEU A 42 4.55 5.63 -4.98
C LEU A 42 3.16 5.00 -4.80
N ASP A 43 2.99 3.80 -5.38
CA ASP A 43 1.74 3.08 -5.29
C ASP A 43 1.79 2.02 -4.20
N LEU A 44 1.03 2.23 -3.13
CA LEU A 44 1.00 1.29 -2.01
C LEU A 44 0.72 -0.13 -2.49
N ALA A 45 -0.11 -0.25 -3.52
CA ALA A 45 -0.45 -1.56 -4.07
C ALA A 45 0.75 -2.20 -4.77
N CYS A 46 1.45 -1.40 -5.56
CA CYS A 46 2.62 -1.88 -6.28
C CYS A 46 3.75 -2.20 -5.32
N PHE A 47 3.87 -1.39 -4.27
CA PHE A 47 4.91 -1.60 -3.26
C PHE A 47 4.65 -2.87 -2.46
N PHE A 48 3.39 -3.05 -2.05
CA PHE A 48 3.02 -4.23 -1.28
C PHE A 48 3.34 -5.51 -2.04
N ARG A 49 2.92 -5.56 -3.30
CA ARG A 49 3.16 -6.73 -4.14
C ARG A 49 4.66 -7.02 -4.27
N LEU A 50 5.45 -5.96 -4.46
CA LEU A 50 6.89 -6.10 -4.60
C LEU A 50 7.50 -6.81 -3.39
N ILE A 51 7.15 -6.34 -2.20
CA ILE A 51 7.66 -6.94 -0.97
C ILE A 51 7.32 -8.42 -0.91
N ASN A 52 6.07 -8.76 -1.25
CA ASN A 52 5.61 -10.14 -1.22
C ASN A 52 6.36 -10.98 -2.26
N GLU A 53 6.44 -10.46 -3.48
CA GLU A 53 7.11 -11.18 -4.57
C GLU A 53 8.54 -11.54 -4.21
N MET A 54 9.11 -10.85 -3.22
CA MET A 54 10.48 -11.12 -2.80
C MET A 54 10.53 -12.20 -1.71
N GLY A 55 9.47 -12.99 -1.60
CA GLY A 55 9.42 -14.05 -0.60
C GLY A 55 8.81 -13.59 0.70
N GLY A 56 8.75 -12.27 0.91
CA GLY A 56 8.19 -11.73 2.13
C GLY A 56 8.85 -10.43 2.55
N MET A 57 8.33 -9.82 3.61
CA MET A 57 8.88 -8.57 4.12
C MET A 57 10.23 -8.80 4.79
N GLN A 58 10.35 -9.93 5.50
CA GLN A 58 11.58 -10.27 6.20
C GLN A 58 12.78 -10.27 5.25
N GLN A 59 12.60 -10.84 4.06
CA GLN A 59 13.67 -10.90 3.08
C GLN A 59 14.06 -9.50 2.61
N VAL A 60 13.05 -8.68 2.32
CA VAL A 60 13.27 -7.32 1.85
C VAL A 60 14.09 -6.51 2.87
N THR A 61 13.61 -6.45 4.10
CA THR A 61 14.28 -5.68 5.16
C THR A 61 15.53 -6.38 5.70
N ASP A 62 15.39 -7.63 6.15
CA ASP A 62 16.51 -8.37 6.73
C ASP A 62 17.70 -8.46 5.78
N LEU A 63 17.44 -8.89 4.55
CA LEU A 63 18.51 -9.03 3.56
C LEU A 63 18.97 -7.68 3.01
N LYS A 64 18.34 -6.60 3.45
CA LYS A 64 18.71 -5.27 2.98
C LYS A 64 18.76 -5.23 1.46
N LYS A 65 17.60 -5.03 0.85
CA LYS A 65 17.49 -4.99 -0.59
C LYS A 65 16.37 -4.05 -1.04
N TRP A 66 16.00 -3.12 -0.16
CA TRP A 66 14.94 -2.18 -0.50
C TRP A 66 15.30 -1.43 -1.78
N ASN A 67 16.60 -1.27 -2.00
CA ASN A 67 17.10 -0.56 -3.17
C ASN A 67 16.59 -1.21 -4.47
N LYS A 68 16.57 -2.53 -4.52
CA LYS A 68 16.11 -3.24 -5.71
C LYS A 68 14.59 -3.24 -5.82
N LEU A 69 13.91 -3.66 -4.75
CA LEU A 69 12.46 -3.70 -4.74
C LEU A 69 11.91 -2.31 -5.04
N ALA A 70 12.54 -1.28 -4.49
CA ALA A 70 12.13 0.10 -4.73
C ALA A 70 12.47 0.53 -6.15
N ASP A 71 13.58 0.02 -6.66
CA ASP A 71 14.02 0.34 -8.01
C ASP A 71 12.90 0.05 -9.01
N MET A 72 12.30 -1.13 -8.89
CA MET A 72 11.20 -1.52 -9.76
C MET A 72 9.98 -0.64 -9.53
N LEU A 73 9.92 -0.01 -8.36
CA LEU A 73 8.80 0.86 -8.01
C LEU A 73 8.93 2.23 -8.67
N ARG A 74 10.04 2.43 -9.40
CA ARG A 74 10.28 3.70 -10.09
C ARG A 74 10.61 4.82 -9.10
N ILE A 75 11.80 4.75 -8.52
CA ILE A 75 12.25 5.75 -7.57
C ILE A 75 13.58 6.36 -8.01
N PRO A 76 13.73 7.69 -7.94
CA PRO A 76 14.96 8.38 -8.34
C PRO A 76 16.16 8.00 -7.47
N LYS A 77 17.22 7.53 -8.11
CA LYS A 77 18.43 7.15 -7.39
C LYS A 77 19.16 8.36 -6.82
N THR A 78 18.83 9.54 -7.32
CA THR A 78 19.45 10.77 -6.86
C THR A 78 19.10 11.06 -5.40
N ALA A 79 17.98 10.52 -4.94
CA ALA A 79 17.55 10.72 -3.57
C ALA A 79 18.31 9.80 -2.61
N GLN A 80 19.15 10.40 -1.78
CA GLN A 80 19.95 9.64 -0.82
C GLN A 80 19.08 9.08 0.31
N ASP A 81 18.57 9.98 1.15
CA ASP A 81 17.75 9.59 2.28
C ASP A 81 16.54 8.73 1.88
N ARG A 82 16.26 8.67 0.58
CA ARG A 82 15.13 7.87 0.10
C ARG A 82 15.14 6.47 0.71
N LEU A 83 16.32 5.88 0.78
CA LEU A 83 16.49 4.54 1.34
C LEU A 83 16.06 4.51 2.80
N ALA A 84 16.52 5.48 3.58
CA ALA A 84 16.17 5.55 5.00
C ALA A 84 14.72 5.98 5.19
N LYS A 85 14.27 6.91 4.36
CA LYS A 85 12.90 7.40 4.43
C LYS A 85 11.92 6.28 4.10
N LEU A 86 12.29 5.45 3.13
CA LEU A 86 11.46 4.33 2.72
C LEU A 86 11.37 3.29 3.83
N GLN A 87 12.52 2.99 4.44
CA GLN A 87 12.57 2.01 5.52
C GLN A 87 11.59 2.38 6.64
N GLU A 88 11.64 3.64 7.05
CA GLU A 88 10.75 4.13 8.11
C GLU A 88 9.34 4.36 7.58
N ALA A 89 9.24 4.68 6.29
CA ALA A 89 7.94 4.94 5.67
C ALA A 89 7.10 3.67 5.59
N TYR A 90 7.75 2.54 5.32
CA TYR A 90 7.03 1.27 5.22
C TYR A 90 6.86 0.65 6.61
N CYS A 91 7.85 0.84 7.47
CA CYS A 91 7.80 0.31 8.82
C CYS A 91 6.67 0.95 9.63
N GLN A 92 6.35 2.20 9.31
CA GLN A 92 5.29 2.93 10.00
C GLN A 92 3.98 2.89 9.21
N TYR A 93 4.00 2.29 8.02
CA TYR A 93 2.82 2.21 7.18
C TYR A 93 2.39 0.77 6.94
N LEU A 94 3.08 0.09 6.02
CA LEU A 94 2.78 -1.29 5.69
C LEU A 94 2.92 -2.21 6.90
N LEU A 95 3.95 -1.98 7.70
CA LEU A 95 4.19 -2.80 8.89
C LEU A 95 2.99 -2.75 9.83
N SER A 96 2.61 -1.55 10.23
CA SER A 96 1.48 -1.37 11.14
C SER A 96 0.22 -2.06 10.61
N TYR A 97 -0.16 -1.72 9.39
CA TYR A 97 -1.35 -2.32 8.77
C TYR A 97 -1.23 -3.84 8.68
N ASP A 98 -0.10 -4.32 8.16
CA ASP A 98 0.14 -5.75 8.02
C ASP A 98 0.08 -6.45 9.38
N SER A 99 0.38 -5.72 10.44
CA SER A 99 0.35 -6.29 11.78
C SER A 99 -1.07 -6.35 12.33
N LEU A 100 -1.98 -5.62 11.70
CA LEU A 100 -3.38 -5.59 12.12
C LEU A 100 -3.96 -7.00 12.21
N SER A 101 -4.88 -7.20 13.15
CA SER A 101 -5.52 -8.48 13.33
C SER A 101 -6.58 -8.71 12.25
N PRO A 102 -7.10 -9.95 12.14
CA PRO A 102 -8.12 -10.29 11.14
C PRO A 102 -9.36 -9.42 11.24
N GLU A 103 -9.57 -8.82 12.41
CA GLU A 103 -10.74 -7.96 12.63
C GLU A 103 -10.60 -6.65 11.85
N GLU A 104 -9.49 -5.96 12.05
CA GLU A 104 -9.25 -4.69 11.37
C GLU A 104 -9.26 -4.86 9.86
N HIS A 105 -8.95 -6.08 9.40
CA HIS A 105 -8.93 -6.37 7.97
C HIS A 105 -10.35 -6.51 7.42
N ARG A 106 -11.13 -7.40 8.05
CA ARG A 106 -12.49 -7.65 7.62
C ARG A 106 -13.38 -6.42 7.79
N ARG A 107 -13.10 -5.61 8.80
CA ARG A 107 -13.88 -4.41 9.06
C ARG A 107 -13.49 -3.29 8.10
N LEU A 108 -12.21 -2.97 8.05
CA LEU A 108 -11.72 -1.92 7.16
C LEU A 108 -11.97 -2.28 5.70
N GLU A 109 -11.77 -3.55 5.36
CA GLU A 109 -11.97 -4.00 3.99
C GLU A 109 -13.45 -3.90 3.61
N LYS A 110 -14.32 -4.51 4.41
CA LYS A 110 -15.75 -4.47 4.13
C LYS A 110 -16.24 -3.04 3.90
N GLU A 111 -15.67 -2.10 4.64
CA GLU A 111 -16.08 -0.70 4.50
C GLU A 111 -15.65 -0.16 3.13
N VAL A 112 -14.36 -0.26 2.84
CA VAL A 112 -13.82 0.22 1.56
C VAL A 112 -14.45 -0.52 0.38
N LEU A 113 -14.37 -1.85 0.43
CA LEU A 113 -14.90 -2.70 -0.63
C LEU A 113 -16.33 -2.33 -1.00
N MET A 114 -17.18 -2.11 0.01
CA MET A 114 -18.56 -1.74 -0.27
C MET A 114 -18.60 -0.29 -0.76
N GLU A 115 -17.83 0.57 -0.12
CA GLU A 115 -17.78 1.98 -0.49
C GLU A 115 -17.48 2.16 -1.97
N LYS A 116 -16.71 1.24 -2.53
CA LYS A 116 -16.33 1.30 -3.94
C LYS A 116 -17.39 0.65 -4.83
N GLU A 117 -17.98 -0.43 -4.34
CA GLU A 117 -19.01 -1.15 -5.09
C GLU A 117 -20.31 -0.35 -5.14
N ILE A 118 -20.80 0.07 -3.98
CA ILE A 118 -22.03 0.84 -3.89
C ILE A 118 -21.77 2.33 -4.02
N LEU A 119 -20.56 2.70 -4.44
CA LEU A 119 -20.20 4.10 -4.61
C LEU A 119 -21.13 4.79 -5.61
N GLU A 120 -21.32 4.16 -6.76
CA GLU A 120 -22.18 4.71 -7.81
C GLU A 120 -23.59 4.95 -7.29
N LYS A 121 -24.02 4.10 -6.36
CA LYS A 121 -25.35 4.22 -5.78
C LYS A 121 -25.41 5.37 -4.78
N GLY A 1 -5.57 -14.25 -8.81
CA GLY A 1 -6.30 -14.43 -10.11
C GLY A 1 -5.37 -14.63 -11.27
N PRO A 2 -5.02 -15.89 -11.61
CA PRO A 2 -4.12 -16.19 -12.72
C PRO A 2 -4.57 -15.53 -14.03
N LEU A 3 -5.83 -15.76 -14.40
CA LEU A 3 -6.37 -15.19 -15.61
C LEU A 3 -6.59 -13.68 -15.46
N GLY A 4 -6.80 -13.01 -16.58
CA GLY A 4 -7.03 -11.57 -16.56
C GLY A 4 -8.42 -11.19 -16.99
N SER A 5 -9.42 -11.63 -16.22
CA SER A 5 -10.81 -11.32 -16.52
C SER A 5 -11.66 -11.31 -15.25
N LEU A 6 -12.09 -10.13 -14.84
CA LEU A 6 -12.91 -9.99 -13.65
C LEU A 6 -14.27 -9.38 -13.98
N GLY A 7 -15.10 -9.19 -12.97
CA GLY A 7 -16.41 -8.62 -13.18
C GLY A 7 -16.47 -7.14 -12.86
N ARG A 8 -16.54 -6.81 -11.58
CA ARG A 8 -16.59 -5.42 -11.14
C ARG A 8 -15.34 -5.06 -10.33
N ARG A 9 -15.51 -4.24 -9.30
CA ARG A 9 -14.38 -3.82 -8.46
C ARG A 9 -13.46 -2.87 -9.23
N TRP A 10 -12.85 -1.93 -8.51
CA TRP A 10 -11.95 -0.97 -9.13
C TRP A 10 -10.59 -1.60 -9.44
N GLY A 11 -10.38 -2.83 -8.99
CA GLY A 11 -9.12 -3.50 -9.25
C GLY A 11 -8.44 -3.94 -7.96
N PRO A 12 -7.53 -4.94 -8.03
CA PRO A 12 -6.81 -5.43 -6.85
C PRO A 12 -5.82 -4.40 -6.32
N ASN A 13 -5.19 -3.66 -7.24
CA ASN A 13 -4.23 -2.65 -6.87
C ASN A 13 -4.92 -1.44 -6.23
N VAL A 14 -6.15 -1.19 -6.66
CA VAL A 14 -6.93 -0.07 -6.12
C VAL A 14 -7.45 -0.40 -4.74
N GLN A 15 -7.85 -1.66 -4.54
CA GLN A 15 -8.37 -2.11 -3.27
C GLN A 15 -7.28 -2.07 -2.20
N ARG A 16 -6.09 -2.54 -2.56
CA ARG A 16 -4.96 -2.55 -1.64
C ARG A 16 -4.58 -1.13 -1.23
N LEU A 17 -4.41 -0.26 -2.23
CA LEU A 17 -4.05 1.12 -1.98
C LEU A 17 -5.13 1.82 -1.14
N ALA A 18 -6.38 1.44 -1.39
CA ALA A 18 -7.51 2.02 -0.67
C ALA A 18 -7.56 1.54 0.77
N CYS A 19 -7.40 0.23 0.94
CA CYS A 19 -7.42 -0.38 2.27
C CYS A 19 -6.35 0.22 3.17
N ILE A 20 -5.14 0.34 2.65
CA ILE A 20 -4.02 0.90 3.40
C ILE A 20 -4.24 2.38 3.69
N LYS A 21 -4.82 3.08 2.72
CA LYS A 21 -5.09 4.51 2.87
C LYS A 21 -6.05 4.76 4.04
N LYS A 22 -7.14 4.01 4.07
CA LYS A 22 -8.14 4.15 5.13
C LYS A 22 -7.55 3.80 6.48
N HIS A 23 -6.73 2.75 6.52
CA HIS A 23 -6.10 2.31 7.76
C HIS A 23 -5.11 3.35 8.25
N LEU A 24 -4.31 3.89 7.34
CA LEU A 24 -3.31 4.89 7.69
C LEU A 24 -3.96 6.09 8.38
N ARG A 25 -5.01 6.63 7.79
CA ARG A 25 -5.71 7.78 8.36
C ARG A 25 -6.26 7.42 9.74
N SER A 26 -6.81 6.22 9.88
CA SER A 26 -7.36 5.77 11.14
C SER A 26 -6.25 5.45 12.15
N GLN A 27 -5.05 5.22 11.63
CA GLN A 27 -3.91 4.90 12.48
C GLN A 27 -3.16 6.15 12.93
N GLY A 28 -3.49 7.30 12.34
CA GLY A 28 -2.84 8.54 12.71
C GLY A 28 -2.11 9.18 11.54
N ILE A 29 -2.05 8.47 10.42
CA ILE A 29 -1.37 8.95 9.24
C ILE A 29 -2.37 9.48 8.21
N THR A 30 -2.46 10.80 8.11
CA THR A 30 -3.38 11.43 7.16
C THR A 30 -2.80 11.38 5.74
N MET A 31 -3.40 10.54 4.90
CA MET A 31 -2.95 10.40 3.52
C MET A 31 -4.09 10.70 2.54
N ASP A 32 -5.02 11.55 2.96
CA ASP A 32 -6.16 11.91 2.13
C ASP A 32 -5.70 12.59 0.85
N GLU A 33 -4.58 13.30 0.93
CA GLU A 33 -4.03 14.00 -0.22
C GLU A 33 -3.43 13.01 -1.22
N LEU A 34 -2.22 12.53 -0.91
CA LEU A 34 -1.54 11.58 -1.78
C LEU A 34 -0.21 11.14 -1.16
N PRO A 35 0.13 9.84 -1.25
CA PRO A 35 1.37 9.30 -0.70
C PRO A 35 2.57 9.64 -1.56
N LEU A 36 3.67 10.04 -0.92
CA LEU A 36 4.89 10.39 -1.63
C LEU A 36 6.11 9.75 -1.00
N ILE A 37 7.11 9.49 -1.82
CA ILE A 37 8.36 8.89 -1.36
C ILE A 37 9.50 9.37 -2.24
N GLY A 38 10.60 9.77 -1.62
CA GLY A 38 11.73 10.25 -2.38
C GLY A 38 11.36 11.35 -3.35
N GLY A 39 10.48 12.26 -2.92
CA GLY A 39 10.06 13.37 -3.76
C GLY A 39 9.17 12.95 -4.92
N CYS A 40 8.76 11.68 -4.95
CA CYS A 40 7.91 11.20 -6.03
C CYS A 40 6.74 10.39 -5.49
N GLU A 41 5.74 10.17 -6.35
CA GLU A 41 4.55 9.41 -5.97
C GLU A 41 4.83 7.91 -6.01
N LEU A 42 4.24 7.18 -5.09
CA LEU A 42 4.43 5.72 -5.03
C LEU A 42 3.10 5.00 -4.83
N ASP A 43 2.99 3.82 -5.44
CA ASP A 43 1.78 3.02 -5.33
C ASP A 43 1.90 1.99 -4.22
N LEU A 44 1.21 2.25 -3.09
CA LEU A 44 1.25 1.35 -1.95
C LEU A 44 0.87 -0.07 -2.37
N ALA A 45 -0.11 -0.17 -3.26
CA ALA A 45 -0.56 -1.47 -3.74
C ALA A 45 0.55 -2.20 -4.49
N CYS A 46 1.27 -1.46 -5.32
CA CYS A 46 2.37 -2.04 -6.09
C CYS A 46 3.53 -2.39 -5.17
N PHE A 47 3.69 -1.60 -4.10
CA PHE A 47 4.75 -1.82 -3.14
C PHE A 47 4.48 -3.06 -2.29
N PHE A 48 3.24 -3.18 -1.82
CA PHE A 48 2.85 -4.32 -1.00
C PHE A 48 3.05 -5.63 -1.76
N ARG A 49 2.56 -5.67 -2.99
CA ARG A 49 2.69 -6.87 -3.81
C ARG A 49 4.15 -7.21 -4.07
N LEU A 50 4.95 -6.19 -4.37
CA LEU A 50 6.37 -6.38 -4.64
C LEU A 50 7.09 -7.01 -3.45
N ILE A 51 6.88 -6.45 -2.27
CA ILE A 51 7.51 -6.96 -1.06
C ILE A 51 7.17 -8.44 -0.85
N ASN A 52 5.90 -8.77 -1.00
CA ASN A 52 5.44 -10.15 -0.83
C ASN A 52 6.04 -11.07 -1.90
N GLU A 53 6.03 -10.61 -3.14
CA GLU A 53 6.57 -11.38 -4.25
C GLU A 53 8.07 -11.62 -4.08
N MET A 54 8.75 -10.65 -3.48
CA MET A 54 10.19 -10.74 -3.28
C MET A 54 10.53 -11.75 -2.18
N GLY A 55 9.51 -12.22 -1.47
CA GLY A 55 9.73 -13.17 -0.39
C GLY A 55 9.28 -12.65 0.96
N GLY A 56 8.16 -11.93 0.96
CA GLY A 56 7.65 -11.38 2.20
C GLY A 56 8.44 -10.16 2.66
N MET A 57 7.94 -9.51 3.70
CA MET A 57 8.59 -8.32 4.25
C MET A 57 9.95 -8.67 4.86
N GLN A 58 10.01 -9.78 5.58
CA GLN A 58 11.24 -10.20 6.23
C GLN A 58 12.42 -10.21 5.27
N GLN A 59 12.23 -10.77 4.07
CA GLN A 59 13.31 -10.82 3.08
C GLN A 59 13.73 -9.42 2.66
N VAL A 60 12.75 -8.60 2.29
CA VAL A 60 13.01 -7.24 1.85
C VAL A 60 13.79 -6.44 2.90
N THR A 61 13.25 -6.38 4.12
CA THR A 61 13.86 -5.62 5.21
C THR A 61 15.09 -6.30 5.82
N ASP A 62 14.95 -7.56 6.24
CA ASP A 62 16.06 -8.27 6.88
C ASP A 62 17.28 -8.39 5.97
N LEU A 63 17.05 -8.87 4.75
CA LEU A 63 18.15 -9.05 3.80
C LEU A 63 18.60 -7.73 3.19
N LYS A 64 17.99 -6.63 3.60
CA LYS A 64 18.35 -5.31 3.07
C LYS A 64 18.36 -5.35 1.55
N LYS A 65 17.18 -5.19 0.96
CA LYS A 65 17.05 -5.21 -0.49
C LYS A 65 16.01 -4.21 -0.97
N TRP A 66 15.75 -3.18 -0.16
CA TRP A 66 14.78 -2.17 -0.53
C TRP A 66 15.22 -1.46 -1.81
N ASN A 67 16.53 -1.41 -2.01
CA ASN A 67 17.10 -0.75 -3.18
C ASN A 67 16.57 -1.35 -4.48
N LYS A 68 16.53 -2.69 -4.55
CA LYS A 68 16.05 -3.36 -5.76
C LYS A 68 14.53 -3.29 -5.87
N LEU A 69 13.83 -3.67 -4.80
CA LEU A 69 12.37 -3.63 -4.79
C LEU A 69 11.90 -2.22 -5.13
N ALA A 70 12.58 -1.22 -4.57
CA ALA A 70 12.24 0.17 -4.82
C ALA A 70 12.62 0.57 -6.25
N ASP A 71 13.68 -0.05 -6.77
CA ASP A 71 14.14 0.23 -8.13
C ASP A 71 13.00 0.01 -9.11
N MET A 72 12.35 -1.14 -9.02
CA MET A 72 11.23 -1.47 -9.89
C MET A 72 10.09 -0.47 -9.70
N LEU A 73 10.08 0.19 -8.54
CA LEU A 73 9.04 1.17 -8.23
C LEU A 73 9.33 2.53 -8.89
N ARG A 74 10.46 2.61 -9.60
CA ARG A 74 10.85 3.85 -10.28
C ARG A 74 11.23 4.92 -9.26
N ILE A 75 12.38 4.74 -8.62
CA ILE A 75 12.86 5.69 -7.62
C ILE A 75 14.20 6.30 -8.04
N PRO A 76 14.37 7.63 -7.87
CA PRO A 76 15.60 8.32 -8.25
C PRO A 76 16.78 7.90 -7.36
N LYS A 77 17.85 7.42 -8.01
CA LYS A 77 19.03 6.98 -7.30
C LYS A 77 19.79 8.16 -6.68
N THR A 78 19.48 9.37 -7.15
CA THR A 78 20.14 10.57 -6.64
C THR A 78 19.80 10.79 -5.17
N ALA A 79 18.66 10.25 -4.74
CA ALA A 79 18.23 10.41 -3.35
C ALA A 79 18.88 9.36 -2.46
N GLN A 80 19.84 9.79 -1.66
CA GLN A 80 20.56 8.88 -0.76
C GLN A 80 19.68 8.48 0.43
N ASP A 81 19.38 9.43 1.31
CA ASP A 81 18.56 9.17 2.49
C ASP A 81 17.24 8.48 2.13
N ARG A 82 16.83 8.60 0.87
CA ARG A 82 15.59 7.98 0.41
C ARG A 82 15.46 6.55 0.92
N LEU A 83 16.57 5.82 0.91
CA LEU A 83 16.59 4.44 1.37
C LEU A 83 16.13 4.33 2.82
N ALA A 84 16.63 5.22 3.66
CA ALA A 84 16.26 5.24 5.07
C ALA A 84 14.84 5.76 5.25
N LYS A 85 14.47 6.74 4.45
CA LYS A 85 13.12 7.32 4.52
C LYS A 85 12.08 6.28 4.15
N LEU A 86 12.40 5.47 3.14
CA LEU A 86 11.50 4.42 2.68
C LEU A 86 11.35 3.36 3.76
N GLN A 87 12.47 2.97 4.36
CA GLN A 87 12.46 1.97 5.42
C GLN A 87 11.52 2.37 6.55
N GLU A 88 11.61 3.63 6.96
CA GLU A 88 10.77 4.15 8.03
C GLU A 88 9.36 4.44 7.53
N ALA A 89 9.25 4.79 6.25
CA ALA A 89 7.97 5.09 5.64
C ALA A 89 7.07 3.86 5.58
N TYR A 90 7.66 2.71 5.31
CA TYR A 90 6.91 1.47 5.23
C TYR A 90 6.77 0.85 6.62
N CYS A 91 7.80 1.03 7.44
CA CYS A 91 7.80 0.50 8.79
C CYS A 91 6.68 1.12 9.62
N GLN A 92 6.34 2.37 9.31
CA GLN A 92 5.29 3.07 10.05
C GLN A 92 3.97 3.07 9.27
N TYR A 93 3.98 2.48 8.07
CA TYR A 93 2.78 2.43 7.24
C TYR A 93 2.34 1.00 6.99
N LEU A 94 3.06 0.32 6.09
CA LEU A 94 2.73 -1.07 5.75
C LEU A 94 2.90 -2.00 6.93
N LEU A 95 3.97 -1.82 7.70
CA LEU A 95 4.24 -2.65 8.86
C LEU A 95 3.00 -2.83 9.74
N SER A 96 2.45 -1.71 10.19
CA SER A 96 1.27 -1.72 11.04
C SER A 96 0.13 -2.52 10.38
N TYR A 97 -0.11 -2.24 9.10
CA TYR A 97 -1.17 -2.92 8.36
C TYR A 97 -0.92 -4.41 8.25
N ASP A 98 0.36 -4.80 8.25
CA ASP A 98 0.74 -6.20 8.15
C ASP A 98 1.02 -6.82 9.52
N SER A 99 0.95 -6.00 10.57
CA SER A 99 1.20 -6.47 11.93
C SER A 99 -0.06 -6.44 12.78
N LEU A 100 -1.03 -5.63 12.37
CA LEU A 100 -2.29 -5.51 13.10
C LEU A 100 -3.12 -6.78 12.96
N SER A 101 -4.21 -6.86 13.72
CA SER A 101 -5.08 -8.03 13.69
C SER A 101 -5.89 -8.06 12.39
N PRO A 102 -6.48 -9.23 12.07
CA PRO A 102 -7.30 -9.39 10.86
C PRO A 102 -8.55 -8.53 10.89
N GLU A 103 -9.06 -8.29 12.11
CA GLU A 103 -10.26 -7.48 12.29
C GLU A 103 -10.13 -6.15 11.56
N GLU A 104 -9.02 -5.46 11.79
CA GLU A 104 -8.77 -4.18 11.15
C GLU A 104 -8.78 -4.30 9.63
N HIS A 105 -8.43 -5.49 9.14
CA HIS A 105 -8.41 -5.76 7.71
C HIS A 105 -9.82 -5.94 7.18
N ARG A 106 -10.56 -6.85 7.80
CA ARG A 106 -11.94 -7.14 7.39
C ARG A 106 -12.83 -5.92 7.54
N ARG A 107 -12.70 -5.23 8.68
CA ARG A 107 -13.51 -4.04 8.93
C ARG A 107 -13.18 -2.91 7.96
N LEU A 108 -11.90 -2.56 7.88
CA LEU A 108 -11.46 -1.50 6.99
C LEU A 108 -11.73 -1.86 5.54
N GLU A 109 -11.48 -3.13 5.19
CA GLU A 109 -11.69 -3.59 3.83
C GLU A 109 -13.18 -3.58 3.51
N LYS A 110 -13.98 -4.25 4.35
CA LYS A 110 -15.41 -4.33 4.14
C LYS A 110 -16.02 -2.93 3.91
N GLU A 111 -15.46 -1.94 4.58
CA GLU A 111 -15.94 -0.57 4.44
C GLU A 111 -15.63 -0.03 3.04
N VAL A 112 -14.37 -0.07 2.68
CA VAL A 112 -13.92 0.41 1.37
C VAL A 112 -14.58 -0.40 0.25
N LEU A 113 -14.43 -1.72 0.33
CA LEU A 113 -14.98 -2.63 -0.66
C LEU A 113 -16.44 -2.33 -0.97
N MET A 114 -17.25 -2.14 0.07
CA MET A 114 -18.66 -1.83 -0.14
C MET A 114 -18.80 -0.42 -0.68
N GLU A 115 -18.02 0.51 -0.15
CA GLU A 115 -18.07 1.90 -0.59
C GLU A 115 -17.90 2.02 -2.10
N LYS A 116 -17.11 1.11 -2.68
CA LYS A 116 -16.87 1.11 -4.12
C LYS A 116 -17.96 0.35 -4.87
N GLU A 117 -18.36 -0.80 -4.32
CA GLU A 117 -19.39 -1.62 -4.94
C GLU A 117 -20.74 -0.92 -4.94
N ILE A 118 -21.17 -0.49 -3.75
CA ILE A 118 -22.45 0.19 -3.60
C ILE A 118 -22.31 1.70 -3.84
N LEU A 119 -21.16 2.13 -4.36
CA LEU A 119 -20.93 3.54 -4.62
C LEU A 119 -21.99 4.12 -5.56
N GLU A 120 -22.33 3.35 -6.59
CA GLU A 120 -23.33 3.79 -7.56
C GLU A 120 -24.68 4.06 -6.89
N LYS A 121 -25.15 3.09 -6.11
CA LYS A 121 -26.42 3.22 -5.41
C LYS A 121 -26.32 4.23 -4.27
N GLY A 1 -19.98 -16.62 -15.79
CA GLY A 1 -21.25 -17.20 -16.32
C GLY A 1 -22.48 -16.46 -15.82
N PRO A 2 -23.63 -17.16 -15.69
CA PRO A 2 -24.87 -16.55 -15.22
C PRO A 2 -24.79 -16.13 -13.76
N LEU A 3 -24.16 -16.97 -12.94
CA LEU A 3 -24.01 -16.68 -11.51
C LEU A 3 -23.03 -15.54 -11.28
N GLY A 4 -22.85 -15.17 -10.02
CA GLY A 4 -21.93 -14.09 -9.69
C GLY A 4 -22.65 -12.81 -9.31
N SER A 5 -23.04 -12.04 -10.32
CA SER A 5 -23.74 -10.78 -10.09
C SER A 5 -22.89 -9.83 -9.26
N LEU A 6 -22.38 -8.78 -9.89
CA LEU A 6 -21.56 -7.79 -9.20
C LEU A 6 -21.91 -6.38 -9.65
N GLY A 7 -21.10 -5.41 -9.26
CA GLY A 7 -21.34 -4.03 -9.63
C GLY A 7 -20.17 -3.41 -10.36
N ARG A 8 -19.29 -2.73 -9.63
CA ARG A 8 -18.13 -2.09 -10.22
C ARG A 8 -16.96 -2.11 -9.24
N ARG A 9 -15.86 -2.71 -9.67
CA ARG A 9 -14.66 -2.79 -8.84
C ARG A 9 -13.49 -2.07 -9.50
N TRP A 10 -12.89 -1.13 -8.76
CA TRP A 10 -11.76 -0.36 -9.28
C TRP A 10 -10.58 -1.28 -9.62
N GLY A 11 -10.59 -2.49 -9.08
CA GLY A 11 -9.51 -3.43 -9.35
C GLY A 11 -8.80 -3.87 -8.09
N PRO A 12 -7.93 -4.89 -8.17
CA PRO A 12 -7.19 -5.40 -7.02
C PRO A 12 -6.15 -4.40 -6.52
N ASN A 13 -5.50 -3.72 -7.45
CA ASN A 13 -4.48 -2.74 -7.12
C ASN A 13 -5.08 -1.59 -6.31
N VAL A 14 -6.26 -1.13 -6.73
CA VAL A 14 -6.94 -0.04 -6.05
C VAL A 14 -7.50 -0.51 -4.71
N GLN A 15 -7.95 -1.76 -4.66
CA GLN A 15 -8.50 -2.33 -3.45
C GLN A 15 -7.49 -2.27 -2.32
N ARG A 16 -6.26 -2.68 -2.60
CA ARG A 16 -5.19 -2.67 -1.60
C ARG A 16 -4.80 -1.24 -1.25
N LEU A 17 -4.68 -0.39 -2.26
CA LEU A 17 -4.31 1.01 -2.06
C LEU A 17 -5.33 1.71 -1.16
N ALA A 18 -6.60 1.36 -1.33
CA ALA A 18 -7.67 1.96 -0.54
C ALA A 18 -7.65 1.46 0.90
N CYS A 19 -7.52 0.15 1.06
CA CYS A 19 -7.49 -0.47 2.39
C CYS A 19 -6.37 0.13 3.23
N ILE A 20 -5.18 0.24 2.66
CA ILE A 20 -4.04 0.79 3.37
C ILE A 20 -4.23 2.28 3.67
N LYS A 21 -4.81 3.00 2.71
CA LYS A 21 -5.05 4.43 2.88
C LYS A 21 -6.03 4.68 4.02
N LYS A 22 -7.14 3.96 4.00
CA LYS A 22 -8.16 4.10 5.04
C LYS A 22 -7.59 3.82 6.43
N HIS A 23 -6.77 2.78 6.52
CA HIS A 23 -6.15 2.40 7.78
C HIS A 23 -5.13 3.45 8.22
N LEU A 24 -4.35 3.94 7.27
CA LEU A 24 -3.33 4.94 7.57
C LEU A 24 -3.93 6.17 8.24
N ARG A 25 -5.04 6.67 7.68
CA ARG A 25 -5.71 7.83 8.24
C ARG A 25 -6.28 7.52 9.62
N SER A 26 -6.87 6.34 9.76
CA SER A 26 -7.45 5.93 11.03
C SER A 26 -6.38 5.55 12.04
N GLN A 27 -5.14 5.40 11.57
CA GLN A 27 -4.02 5.04 12.44
C GLN A 27 -3.23 6.27 12.88
N GLY A 28 -3.52 7.42 12.28
CA GLY A 28 -2.83 8.64 12.63
C GLY A 28 -2.07 9.23 11.46
N ILE A 29 -1.99 8.48 10.36
CA ILE A 29 -1.29 8.92 9.17
C ILE A 29 -2.26 9.46 8.14
N THR A 30 -2.31 10.79 8.00
CA THR A 30 -3.20 11.43 7.04
C THR A 30 -2.61 11.39 5.63
N MET A 31 -3.29 10.68 4.74
CA MET A 31 -2.83 10.56 3.35
C MET A 31 -3.91 11.03 2.38
N ASP A 32 -4.90 11.75 2.88
CA ASP A 32 -5.99 12.24 2.05
C ASP A 32 -5.46 13.07 0.88
N GLU A 33 -4.33 13.73 1.10
CA GLU A 33 -3.72 14.57 0.06
C GLU A 33 -3.12 13.69 -1.04
N LEU A 34 -1.99 13.04 -0.73
CA LEU A 34 -1.33 12.18 -1.70
C LEU A 34 -0.06 11.56 -1.09
N PRO A 35 0.10 10.23 -1.22
CA PRO A 35 1.27 9.53 -0.67
C PRO A 35 2.53 9.80 -1.48
N LEU A 36 3.57 10.28 -0.80
CA LEU A 36 4.84 10.57 -1.47
C LEU A 36 6.01 9.89 -0.77
N ILE A 37 7.04 9.62 -1.54
CA ILE A 37 8.24 8.98 -1.03
C ILE A 37 9.44 9.46 -1.84
N GLY A 38 10.52 9.83 -1.16
CA GLY A 38 11.70 10.31 -1.85
C GLY A 38 11.38 11.39 -2.86
N GLY A 39 10.52 12.33 -2.46
CA GLY A 39 10.14 13.42 -3.35
C GLY A 39 9.31 12.99 -4.54
N CYS A 40 8.90 11.73 -4.58
CA CYS A 40 8.11 11.23 -5.71
C CYS A 40 6.87 10.48 -5.24
N GLU A 41 5.91 10.31 -6.15
CA GLU A 41 4.67 9.61 -5.85
C GLU A 41 4.88 8.10 -5.91
N LEU A 42 4.23 7.38 -5.02
CA LEU A 42 4.35 5.92 -4.97
C LEU A 42 2.98 5.26 -4.80
N ASP A 43 2.81 4.10 -5.42
CA ASP A 43 1.56 3.36 -5.34
C ASP A 43 1.63 2.29 -4.25
N LEU A 44 0.87 2.48 -3.18
CA LEU A 44 0.85 1.53 -2.07
C LEU A 44 0.60 0.11 -2.57
N ALA A 45 -0.28 -0.01 -3.55
CA ALA A 45 -0.62 -1.32 -4.12
C ALA A 45 0.59 -1.94 -4.81
N CYS A 46 1.30 -1.12 -5.60
CA CYS A 46 2.48 -1.59 -6.32
C CYS A 46 3.61 -1.91 -5.35
N PHE A 47 3.70 -1.15 -4.26
CA PHE A 47 4.74 -1.35 -3.26
C PHE A 47 4.47 -2.62 -2.45
N PHE A 48 3.22 -2.79 -2.02
CA PHE A 48 2.85 -3.96 -1.24
C PHE A 48 3.07 -5.24 -2.04
N ARG A 49 2.63 -5.23 -3.29
CA ARG A 49 2.78 -6.40 -4.15
C ARG A 49 4.26 -6.73 -4.36
N LEU A 50 5.06 -5.71 -4.62
CA LEU A 50 6.49 -5.89 -4.82
C LEU A 50 7.13 -6.59 -3.62
N ILE A 51 6.84 -6.09 -2.43
CA ILE A 51 7.39 -6.68 -1.21
C ILE A 51 7.01 -8.14 -1.09
N ASN A 52 5.74 -8.44 -1.34
CA ASN A 52 5.24 -9.81 -1.25
C ASN A 52 5.91 -10.71 -2.30
N GLU A 53 5.96 -10.23 -3.54
CA GLU A 53 6.57 -10.98 -4.63
C GLU A 53 7.99 -11.39 -4.29
N MET A 54 8.74 -10.48 -3.68
CA MET A 54 10.12 -10.75 -3.30
C MET A 54 10.20 -11.84 -2.24
N GLY A 55 9.14 -11.97 -1.44
CA GLY A 55 9.11 -12.97 -0.39
C GLY A 55 8.67 -12.40 0.94
N GLY A 56 7.59 -11.62 0.92
CA GLY A 56 7.09 -11.03 2.14
C GLY A 56 7.92 -9.85 2.60
N MET A 57 7.48 -9.19 3.67
CA MET A 57 8.19 -8.04 4.21
C MET A 57 9.47 -8.46 4.92
N GLN A 58 9.46 -9.67 5.48
CA GLN A 58 10.62 -10.18 6.19
C GLN A 58 11.86 -10.22 5.30
N GLN A 59 11.71 -10.71 4.09
CA GLN A 59 12.84 -10.80 3.15
C GLN A 59 13.32 -9.41 2.75
N VAL A 60 12.40 -8.58 2.28
CA VAL A 60 12.74 -7.22 1.85
C VAL A 60 13.57 -6.49 2.91
N THR A 61 13.04 -6.43 4.13
CA THR A 61 13.70 -5.73 5.23
C THR A 61 14.88 -6.51 5.83
N ASP A 62 14.67 -7.79 6.15
CA ASP A 62 15.72 -8.60 6.78
C ASP A 62 16.94 -8.77 5.88
N LEU A 63 16.72 -9.19 4.64
CA LEU A 63 17.81 -9.41 3.71
C LEU A 63 18.32 -8.11 3.10
N LYS A 64 17.76 -6.98 3.54
CA LYS A 64 18.18 -5.67 3.02
C LYS A 64 18.21 -5.69 1.51
N LYS A 65 17.05 -5.45 0.90
CA LYS A 65 16.94 -5.43 -0.55
C LYS A 65 15.94 -4.39 -1.01
N TRP A 66 15.68 -3.38 -0.19
CA TRP A 66 14.74 -2.34 -0.56
C TRP A 66 15.22 -1.62 -1.82
N ASN A 67 16.54 -1.59 -2.01
CA ASN A 67 17.14 -0.93 -3.15
C ASN A 67 16.60 -1.51 -4.47
N LYS A 68 16.50 -2.83 -4.55
CA LYS A 68 16.01 -3.49 -5.75
C LYS A 68 14.50 -3.36 -5.88
N LEU A 69 13.78 -3.73 -4.82
CA LEU A 69 12.33 -3.64 -4.83
C LEU A 69 11.89 -2.21 -5.17
N ALA A 70 12.60 -1.24 -4.62
CA ALA A 70 12.30 0.17 -4.87
C ALA A 70 12.70 0.55 -6.29
N ASP A 71 13.78 -0.07 -6.78
CA ASP A 71 14.26 0.19 -8.13
C ASP A 71 13.13 0.01 -9.14
N MET A 72 12.44 -1.11 -9.04
CA MET A 72 11.33 -1.41 -9.93
C MET A 72 10.21 -0.38 -9.75
N LEU A 73 10.19 0.26 -8.58
CA LEU A 73 9.17 1.27 -8.28
C LEU A 73 9.51 2.62 -8.92
N ARG A 74 10.65 2.67 -9.62
CA ARG A 74 11.09 3.89 -10.28
C ARG A 74 11.51 4.95 -9.27
N ILE A 75 12.65 4.72 -8.62
CA ILE A 75 13.17 5.65 -7.62
C ILE A 75 14.55 6.18 -8.03
N PRO A 76 14.78 7.49 -7.88
CA PRO A 76 16.06 8.11 -8.25
C PRO A 76 17.21 7.63 -7.36
N LYS A 77 18.24 7.08 -8.00
CA LYS A 77 19.41 6.58 -7.27
C LYS A 77 20.22 7.73 -6.67
N THR A 78 19.98 8.95 -7.16
CA THR A 78 20.68 10.13 -6.67
C THR A 78 20.35 10.40 -5.21
N ALA A 79 19.20 9.92 -4.77
CA ALA A 79 18.77 10.13 -3.39
C ALA A 79 19.35 9.06 -2.47
N GLN A 80 20.35 9.43 -1.69
CA GLN A 80 21.00 8.51 -0.77
C GLN A 80 20.07 8.14 0.39
N ASP A 81 19.80 9.10 1.25
CA ASP A 81 18.93 8.89 2.42
C ASP A 81 17.59 8.30 2.01
N ARG A 82 17.24 8.40 0.73
CA ARG A 82 15.97 7.86 0.23
C ARG A 82 15.73 6.45 0.74
N LEU A 83 16.82 5.68 0.87
CA LEU A 83 16.73 4.30 1.34
C LEU A 83 16.27 4.26 2.80
N ALA A 84 16.80 5.18 3.60
CA ALA A 84 16.45 5.25 5.01
C ALA A 84 15.03 5.78 5.19
N LYS A 85 14.65 6.74 4.36
CA LYS A 85 13.32 7.31 4.42
C LYS A 85 12.27 6.26 4.08
N LEU A 86 12.58 5.44 3.08
CA LEU A 86 11.67 4.38 2.66
C LEU A 86 11.50 3.34 3.77
N GLN A 87 12.61 2.97 4.40
CA GLN A 87 12.58 1.99 5.48
C GLN A 87 11.64 2.44 6.59
N GLU A 88 11.74 3.71 6.97
CA GLU A 88 10.89 4.28 8.01
C GLU A 88 9.49 4.57 7.49
N ALA A 89 9.40 4.87 6.20
CA ALA A 89 8.12 5.18 5.56
C ALA A 89 7.22 3.96 5.52
N TYR A 90 7.81 2.79 5.25
CA TYR A 90 7.04 1.55 5.18
C TYR A 90 6.88 0.94 6.57
N CYS A 91 7.88 1.16 7.42
CA CYS A 91 7.85 0.64 8.79
C CYS A 91 6.74 1.30 9.58
N GLN A 92 6.44 2.56 9.24
CA GLN A 92 5.40 3.31 9.92
C GLN A 92 4.08 3.25 9.15
N TYR A 93 4.11 2.71 7.94
CA TYR A 93 2.91 2.61 7.11
C TYR A 93 2.50 1.15 6.90
N LEU A 94 3.18 0.47 5.99
CA LEU A 94 2.89 -0.92 5.68
C LEU A 94 2.96 -1.81 6.93
N LEU A 95 4.01 -1.63 7.71
CA LEU A 95 4.19 -2.42 8.93
C LEU A 95 2.97 -2.31 9.83
N SER A 96 2.52 -1.08 10.06
CA SER A 96 1.34 -0.84 10.89
C SER A 96 0.16 -1.66 10.39
N TYR A 97 -0.17 -1.47 9.12
CA TYR A 97 -1.30 -2.18 8.49
C TYR A 97 -1.27 -3.68 8.83
N ASP A 98 -0.10 -4.29 8.76
CA ASP A 98 0.03 -5.72 9.04
C ASP A 98 0.43 -5.98 10.50
N SER A 99 0.56 -4.92 11.28
CA SER A 99 0.94 -5.05 12.69
C SER A 99 -0.25 -5.43 13.57
N LEU A 100 -1.46 -5.18 13.08
CA LEU A 100 -2.67 -5.51 13.85
C LEU A 100 -3.22 -6.88 13.49
N SER A 101 -4.38 -7.21 14.05
CA SER A 101 -5.01 -8.50 13.78
C SER A 101 -5.86 -8.44 12.51
N PRO A 102 -6.29 -9.61 12.00
CA PRO A 102 -7.11 -9.69 10.79
C PRO A 102 -8.42 -8.92 10.91
N GLU A 103 -8.82 -8.61 12.14
CA GLU A 103 -10.06 -7.88 12.38
C GLU A 103 -10.02 -6.51 11.70
N GLU A 104 -8.97 -5.75 12.00
CA GLU A 104 -8.81 -4.42 11.42
C GLU A 104 -8.64 -4.50 9.90
N HIS A 105 -8.14 -5.64 9.42
CA HIS A 105 -7.94 -5.84 8.00
C HIS A 105 -9.28 -6.09 7.31
N ARG A 106 -10.01 -7.07 7.80
CA ARG A 106 -11.31 -7.42 7.23
C ARG A 106 -12.32 -6.29 7.43
N ARG A 107 -12.23 -5.61 8.56
CA ARG A 107 -13.15 -4.51 8.86
C ARG A 107 -12.94 -3.35 7.89
N LEU A 108 -11.71 -2.87 7.79
CA LEU A 108 -11.38 -1.77 6.90
C LEU A 108 -11.65 -2.16 5.45
N GLU A 109 -11.39 -3.43 5.13
CA GLU A 109 -11.62 -3.92 3.78
C GLU A 109 -13.11 -3.97 3.47
N LYS A 110 -13.87 -4.64 4.33
CA LYS A 110 -15.31 -4.77 4.13
C LYS A 110 -15.97 -3.40 3.92
N GLU A 111 -15.43 -2.38 4.59
CA GLU A 111 -15.98 -1.03 4.47
C GLU A 111 -15.69 -0.48 3.07
N VAL A 112 -14.43 -0.46 2.70
CA VAL A 112 -14.02 0.05 1.39
C VAL A 112 -14.64 -0.77 0.26
N LEU A 113 -14.45 -2.09 0.33
CA LEU A 113 -14.95 -3.01 -0.67
C LEU A 113 -16.45 -2.81 -0.93
N MET A 114 -17.22 -2.63 0.14
CA MET A 114 -18.66 -2.43 -0.01
C MET A 114 -18.93 -1.05 -0.60
N GLU A 115 -18.16 -0.06 -0.15
CA GLU A 115 -18.33 1.31 -0.63
C GLU A 115 -18.20 1.38 -2.15
N LYS A 116 -17.36 0.51 -2.71
CA LYS A 116 -17.15 0.48 -4.16
C LYS A 116 -18.20 -0.39 -4.86
N GLU A 117 -18.48 -1.56 -4.29
CA GLU A 117 -19.46 -2.47 -4.86
C GLU A 117 -20.85 -1.84 -4.86
N ILE A 118 -21.25 -1.29 -3.72
CA ILE A 118 -22.55 -0.66 -3.57
C ILE A 118 -22.51 0.82 -3.93
N LEU A 119 -21.40 1.25 -4.53
CA LEU A 119 -21.24 2.65 -4.94
C LEU A 119 -22.36 3.08 -5.88
N GLU A 120 -22.81 2.15 -6.71
CA GLU A 120 -23.88 2.43 -7.67
C GLU A 120 -25.23 2.45 -6.98
N LYS A 121 -25.54 1.38 -6.25
CA LYS A 121 -26.80 1.27 -5.54
C LYS A 121 -26.82 2.18 -4.32
N GLY A 1 -13.23 0.16 -26.87
CA GLY A 1 -14.21 1.02 -27.59
C GLY A 1 -15.54 1.11 -26.85
N PRO A 2 -16.50 0.23 -27.18
CA PRO A 2 -17.82 0.23 -26.54
C PRO A 2 -17.72 0.19 -25.01
N LEU A 3 -16.71 -0.51 -24.51
CA LEU A 3 -16.51 -0.62 -23.06
C LEU A 3 -16.00 0.69 -22.49
N GLY A 4 -15.69 0.68 -21.19
CA GLY A 4 -15.18 1.88 -20.54
C GLY A 4 -16.17 2.45 -19.55
N SER A 5 -17.45 2.16 -19.75
CA SER A 5 -18.50 2.66 -18.86
C SER A 5 -18.83 1.63 -17.79
N LEU A 6 -17.80 1.03 -17.20
CA LEU A 6 -17.98 0.04 -16.16
C LEU A 6 -18.18 0.70 -14.80
N GLY A 7 -18.57 -0.10 -13.81
CA GLY A 7 -18.79 0.43 -12.48
C GLY A 7 -18.96 -0.66 -11.45
N ARG A 8 -18.00 -1.57 -11.39
CA ARG A 8 -18.05 -2.67 -10.43
C ARG A 8 -16.79 -2.67 -9.55
N ARG A 9 -16.32 -3.85 -9.17
CA ARG A 9 -15.14 -3.98 -8.33
C ARG A 9 -13.88 -3.56 -9.10
N TRP A 10 -13.23 -2.51 -8.63
CA TRP A 10 -12.01 -2.01 -9.26
C TRP A 10 -10.93 -3.08 -9.24
N GLY A 11 -9.81 -2.80 -9.93
CA GLY A 11 -8.71 -3.75 -9.97
C GLY A 11 -8.23 -4.13 -8.58
N PRO A 12 -7.35 -5.14 -8.48
CA PRO A 12 -6.81 -5.60 -7.19
C PRO A 12 -5.95 -4.54 -6.53
N ASN A 13 -5.01 -3.99 -7.30
CA ASN A 13 -4.10 -2.96 -6.79
C ASN A 13 -4.89 -1.75 -6.27
N VAL A 14 -6.13 -1.59 -6.73
CA VAL A 14 -6.96 -0.49 -6.29
C VAL A 14 -7.47 -0.72 -4.87
N GLN A 15 -7.96 -1.94 -4.63
CA GLN A 15 -8.47 -2.30 -3.32
C GLN A 15 -7.34 -2.26 -2.29
N ARG A 16 -6.20 -2.81 -2.67
CA ARG A 16 -5.03 -2.83 -1.78
C ARG A 16 -4.66 -1.42 -1.35
N LEU A 17 -4.53 -0.51 -2.32
CA LEU A 17 -4.19 0.86 -2.01
C LEU A 17 -5.28 1.52 -1.16
N ALA A 18 -6.51 1.11 -1.39
CA ALA A 18 -7.65 1.64 -0.65
C ALA A 18 -7.64 1.18 0.80
N CYS A 19 -7.40 -0.11 1.00
CA CYS A 19 -7.36 -0.68 2.35
C CYS A 19 -6.22 -0.07 3.17
N ILE A 20 -5.05 0.06 2.55
CA ILE A 20 -3.90 0.63 3.23
C ILE A 20 -4.17 2.06 3.67
N LYS A 21 -4.75 2.85 2.77
CA LYS A 21 -5.06 4.24 3.07
C LYS A 21 -6.09 4.35 4.19
N LYS A 22 -7.01 3.40 4.24
CA LYS A 22 -8.06 3.40 5.26
C LYS A 22 -7.48 3.20 6.66
N HIS A 23 -6.61 2.21 6.81
CA HIS A 23 -5.99 1.94 8.10
C HIS A 23 -5.05 3.06 8.50
N LEU A 24 -4.33 3.60 7.51
CA LEU A 24 -3.40 4.69 7.74
C LEU A 24 -4.08 5.87 8.42
N ARG A 25 -5.20 6.30 7.87
CA ARG A 25 -5.94 7.42 8.42
C ARG A 25 -6.49 7.08 9.80
N SER A 26 -6.98 5.86 9.96
CA SER A 26 -7.54 5.41 11.23
C SER A 26 -6.44 5.14 12.25
N GLN A 27 -5.19 5.06 11.78
CA GLN A 27 -4.05 4.79 12.65
C GLN A 27 -3.34 6.08 13.07
N GLY A 28 -3.75 7.20 12.49
CA GLY A 28 -3.14 8.48 12.82
C GLY A 28 -2.34 9.05 11.67
N ILE A 29 -2.38 8.39 10.52
CA ILE A 29 -1.64 8.84 9.36
C ILE A 29 -2.59 9.33 8.26
N THR A 30 -2.64 10.64 8.08
CA THR A 30 -3.51 11.23 7.07
C THR A 30 -2.82 11.25 5.70
N MET A 31 -3.40 10.56 4.74
CA MET A 31 -2.85 10.48 3.40
C MET A 31 -3.83 11.01 2.35
N ASP A 32 -4.77 11.84 2.80
CA ASP A 32 -5.78 12.40 1.91
C ASP A 32 -5.12 13.18 0.77
N GLU A 33 -3.96 13.76 1.04
CA GLU A 33 -3.23 14.53 0.05
C GLU A 33 -2.64 13.62 -1.02
N LEU A 34 -1.51 12.99 -0.69
CA LEU A 34 -0.85 12.09 -1.64
C LEU A 34 0.40 11.47 -0.99
N PRO A 35 0.58 10.15 -1.14
CA PRO A 35 1.74 9.45 -0.58
C PRO A 35 3.00 9.65 -1.41
N LEU A 36 4.01 10.25 -0.80
CA LEU A 36 5.28 10.49 -1.49
C LEU A 36 6.42 9.78 -0.81
N ILE A 37 7.44 9.45 -1.58
CA ILE A 37 8.62 8.77 -1.08
C ILE A 37 9.83 9.17 -1.90
N GLY A 38 10.93 9.49 -1.23
CA GLY A 38 12.14 9.90 -1.92
C GLY A 38 11.87 11.02 -2.92
N GLY A 39 11.03 11.97 -2.52
CA GLY A 39 10.72 13.10 -3.38
C GLY A 39 9.88 12.73 -4.59
N CYS A 40 9.38 11.50 -4.63
CA CYS A 40 8.56 11.04 -5.76
C CYS A 40 7.32 10.32 -5.29
N GLU A 41 6.35 10.18 -6.19
CA GLU A 41 5.10 9.50 -5.88
C GLU A 41 5.29 7.99 -5.94
N LEU A 42 4.59 7.27 -5.05
CA LEU A 42 4.67 5.82 -5.00
C LEU A 42 3.30 5.19 -4.88
N ASP A 43 3.14 4.03 -5.51
CA ASP A 43 1.87 3.31 -5.49
C ASP A 43 1.88 2.22 -4.40
N LEU A 44 1.11 2.43 -3.35
CA LEU A 44 1.03 1.48 -2.24
C LEU A 44 0.73 0.07 -2.77
N ALA A 45 -0.14 0.00 -3.78
CA ALA A 45 -0.52 -1.28 -4.37
C ALA A 45 0.67 -1.95 -5.05
N CYS A 46 1.42 -1.16 -5.80
CA CYS A 46 2.59 -1.67 -6.51
C CYS A 46 3.70 -2.04 -5.53
N PHE A 47 3.83 -1.25 -4.47
CA PHE A 47 4.85 -1.48 -3.46
C PHE A 47 4.51 -2.72 -2.63
N PHE A 48 3.26 -2.81 -2.21
CA PHE A 48 2.81 -3.96 -1.40
C PHE A 48 3.04 -5.27 -2.14
N ARG A 49 2.60 -5.33 -3.39
CA ARG A 49 2.76 -6.53 -4.20
C ARG A 49 4.24 -6.87 -4.39
N LEU A 50 5.05 -5.84 -4.62
CA LEU A 50 6.48 -6.02 -4.82
C LEU A 50 7.13 -6.69 -3.61
N ILE A 51 6.86 -6.16 -2.42
CA ILE A 51 7.41 -6.72 -1.20
C ILE A 51 7.05 -8.18 -1.05
N ASN A 52 5.78 -8.51 -1.28
CA ASN A 52 5.30 -9.88 -1.17
C ASN A 52 6.00 -10.79 -2.18
N GLU A 53 6.25 -10.26 -3.37
CA GLU A 53 6.92 -11.02 -4.42
C GLU A 53 8.37 -11.33 -4.05
N MET A 54 8.89 -10.63 -3.04
CA MET A 54 10.26 -10.84 -2.59
C MET A 54 10.32 -11.81 -1.41
N GLY A 55 9.41 -12.78 -1.41
CA GLY A 55 9.38 -13.75 -0.33
C GLY A 55 8.86 -13.17 0.98
N GLY A 56 8.06 -12.11 0.88
CA GLY A 56 7.51 -11.48 2.06
C GLY A 56 8.31 -10.27 2.50
N MET A 57 7.75 -9.51 3.44
CA MET A 57 8.42 -8.32 3.95
C MET A 57 9.72 -8.66 4.67
N GLN A 58 9.70 -9.78 5.39
CA GLN A 58 10.88 -10.21 6.13
C GLN A 58 12.13 -10.24 5.24
N GLN A 59 11.97 -10.76 4.02
CA GLN A 59 13.09 -10.82 3.09
C GLN A 59 13.54 -9.42 2.67
N VAL A 60 12.58 -8.62 2.20
CA VAL A 60 12.87 -7.25 1.77
C VAL A 60 13.68 -6.49 2.81
N THR A 61 13.15 -6.43 4.04
CA THR A 61 13.80 -5.69 5.12
C THR A 61 15.00 -6.44 5.73
N ASP A 62 14.80 -7.68 6.14
CA ASP A 62 15.86 -8.46 6.79
C ASP A 62 17.10 -8.63 5.90
N LEU A 63 16.90 -9.07 4.67
CA LEU A 63 18.02 -9.29 3.76
C LEU A 63 18.54 -7.98 3.17
N LYS A 64 17.96 -6.85 3.58
CA LYS A 64 18.38 -5.55 3.07
C LYS A 64 18.47 -5.56 1.55
N LYS A 65 17.33 -5.35 0.92
CA LYS A 65 17.27 -5.35 -0.54
C LYS A 65 16.22 -4.35 -1.03
N TRP A 66 15.91 -3.37 -0.20
CA TRP A 66 14.93 -2.36 -0.58
C TRP A 66 15.38 -1.65 -1.86
N ASN A 67 16.69 -1.59 -2.06
CA ASN A 67 17.27 -0.93 -3.22
C ASN A 67 16.73 -1.52 -4.53
N LYS A 68 16.60 -2.84 -4.59
CA LYS A 68 16.12 -3.51 -5.80
C LYS A 68 14.59 -3.39 -5.94
N LEU A 69 13.87 -3.76 -4.87
CA LEU A 69 12.42 -3.69 -4.89
C LEU A 69 11.98 -2.24 -5.18
N ALA A 70 12.67 -1.29 -4.56
CA ALA A 70 12.37 0.13 -4.77
C ALA A 70 12.77 0.57 -6.16
N ASP A 71 13.86 -0.02 -6.66
CA ASP A 71 14.36 0.30 -8.00
C ASP A 71 13.25 0.14 -9.03
N MET A 72 12.57 -1.00 -8.98
CA MET A 72 11.48 -1.28 -9.91
C MET A 72 10.32 -0.30 -9.70
N LEU A 73 10.26 0.28 -8.50
CA LEU A 73 9.21 1.23 -8.17
C LEU A 73 9.47 2.61 -8.78
N ARG A 74 10.63 2.76 -9.44
CA ARG A 74 11.01 4.02 -10.07
C ARG A 74 11.34 5.08 -9.04
N ILE A 75 12.49 4.92 -8.37
CA ILE A 75 12.94 5.86 -7.36
C ILE A 75 14.32 6.41 -7.73
N PRO A 76 14.57 7.71 -7.48
CA PRO A 76 15.85 8.34 -7.81
C PRO A 76 16.99 7.85 -6.91
N LYS A 77 18.00 7.26 -7.54
CA LYS A 77 19.16 6.75 -6.82
C LYS A 77 20.00 7.90 -6.26
N THR A 78 19.86 9.08 -6.85
CA THR A 78 20.62 10.25 -6.42
C THR A 78 20.23 10.67 -5.00
N ALA A 79 19.04 10.27 -4.57
CA ALA A 79 18.56 10.61 -3.24
C ALA A 79 19.31 9.82 -2.17
N GLN A 80 20.05 10.53 -1.33
CA GLN A 80 20.81 9.89 -0.26
C GLN A 80 19.94 9.62 0.97
N ASP A 81 18.64 9.89 0.85
CA ASP A 81 17.71 9.67 1.93
C ASP A 81 16.57 8.75 1.51
N ARG A 82 16.42 8.55 0.20
CA ARG A 82 15.36 7.70 -0.32
C ARG A 82 15.40 6.31 0.33
N LEU A 83 16.61 5.86 0.66
CA LEU A 83 16.78 4.55 1.30
C LEU A 83 16.27 4.57 2.74
N ALA A 84 16.69 5.58 3.50
CA ALA A 84 16.29 5.70 4.90
C ALA A 84 14.82 6.13 5.01
N LYS A 85 14.40 7.04 4.13
CA LYS A 85 13.04 7.52 4.14
C LYS A 85 12.08 6.38 3.81
N LEU A 86 12.50 5.53 2.88
CA LEU A 86 11.69 4.39 2.47
C LEU A 86 11.52 3.39 3.61
N GLN A 87 12.63 3.08 4.27
CA GLN A 87 12.61 2.14 5.39
C GLN A 87 11.61 2.57 6.46
N GLU A 88 11.66 3.85 6.82
CA GLU A 88 10.77 4.40 7.83
C GLU A 88 9.37 4.64 7.26
N ALA A 89 9.30 4.91 5.96
CA ALA A 89 8.04 5.16 5.29
C ALA A 89 7.17 3.92 5.22
N TYR A 90 7.80 2.77 5.01
CA TYR A 90 7.08 1.50 4.93
C TYR A 90 6.88 0.91 6.32
N CYS A 91 7.88 1.14 7.18
CA CYS A 91 7.83 0.63 8.55
C CYS A 91 6.70 1.29 9.33
N GLN A 92 6.39 2.54 9.00
CA GLN A 92 5.33 3.28 9.67
C GLN A 92 4.02 3.24 8.88
N TYR A 93 4.03 2.58 7.72
CA TYR A 93 2.84 2.49 6.89
C TYR A 93 2.48 1.02 6.62
N LEU A 94 3.22 0.39 5.72
CA LEU A 94 2.97 -1.01 5.36
C LEU A 94 3.00 -1.91 6.59
N LEU A 95 3.98 -1.71 7.46
CA LEU A 95 4.12 -2.51 8.67
C LEU A 95 2.83 -2.47 9.50
N SER A 96 2.09 -1.38 9.36
CA SER A 96 0.84 -1.23 10.10
C SER A 96 -0.20 -2.23 9.61
N TYR A 97 -0.47 -2.21 8.30
CA TYR A 97 -1.44 -3.11 7.70
C TYR A 97 -1.14 -4.57 8.06
N ASP A 98 0.13 -4.94 7.92
CA ASP A 98 0.55 -6.31 8.22
C ASP A 98 0.61 -6.56 9.73
N SER A 99 0.68 -5.49 10.52
CA SER A 99 0.75 -5.60 11.97
C SER A 99 -0.65 -5.63 12.58
N LEU A 100 -1.57 -4.88 11.99
CA LEU A 100 -2.94 -4.81 12.48
C LEU A 100 -3.57 -6.20 12.54
N SER A 101 -4.49 -6.39 13.47
CA SER A 101 -5.18 -7.66 13.65
C SER A 101 -6.23 -7.87 12.55
N PRO A 102 -6.74 -9.10 12.40
CA PRO A 102 -7.76 -9.41 11.40
C PRO A 102 -8.98 -8.50 11.51
N GLU A 103 -9.23 -7.98 12.70
CA GLU A 103 -10.36 -7.09 12.92
C GLU A 103 -10.25 -5.84 12.05
N GLU A 104 -9.11 -5.16 12.15
CA GLU A 104 -8.87 -3.95 11.37
C GLU A 104 -8.94 -4.24 9.88
N HIS A 105 -8.66 -5.49 9.50
CA HIS A 105 -8.70 -5.88 8.10
C HIS A 105 -10.15 -6.03 7.63
N ARG A 106 -10.90 -6.86 8.36
CA ARG A 106 -12.30 -7.11 8.02
C ARG A 106 -13.12 -5.82 8.07
N ARG A 107 -12.97 -5.07 9.14
CA ARG A 107 -13.71 -3.82 9.31
C ARG A 107 -13.33 -2.78 8.25
N LEU A 108 -12.04 -2.50 8.14
CA LEU A 108 -11.56 -1.53 7.17
C LEU A 108 -11.87 -1.98 5.75
N GLU A 109 -11.67 -3.27 5.48
CA GLU A 109 -11.94 -3.81 4.16
C GLU A 109 -13.42 -3.74 3.86
N LYS A 110 -14.24 -4.31 4.75
CA LYS A 110 -15.69 -4.32 4.57
C LYS A 110 -16.22 -2.92 4.25
N GLU A 111 -15.58 -1.90 4.83
CA GLU A 111 -15.99 -0.53 4.60
C GLU A 111 -15.70 -0.10 3.17
N VAL A 112 -14.43 -0.25 2.77
CA VAL A 112 -14.03 0.13 1.41
C VAL A 112 -14.71 -0.76 0.37
N LEU A 113 -14.57 -2.07 0.53
CA LEU A 113 -15.16 -3.03 -0.39
C LEU A 113 -16.63 -2.74 -0.64
N MET A 114 -17.38 -2.43 0.42
CA MET A 114 -18.79 -2.12 0.25
C MET A 114 -18.95 -0.75 -0.38
N GLU A 115 -18.13 0.20 0.04
CA GLU A 115 -18.19 1.56 -0.48
C GLU A 115 -18.17 1.58 -2.00
N LYS A 116 -17.38 0.69 -2.61
CA LYS A 116 -17.28 0.62 -4.06
C LYS A 116 -18.39 -0.27 -4.64
N GLU A 117 -18.74 -1.32 -3.90
CA GLU A 117 -19.79 -2.24 -4.36
C GLU A 117 -21.14 -1.53 -4.42
N ILE A 118 -21.54 -0.92 -3.31
CA ILE A 118 -22.80 -0.21 -3.22
C ILE A 118 -22.66 1.25 -3.65
N LEU A 119 -21.51 1.59 -4.24
CA LEU A 119 -21.25 2.95 -4.69
C LEU A 119 -22.30 3.40 -5.70
N GLU A 120 -22.57 2.55 -6.69
CA GLU A 120 -23.55 2.86 -7.73
C GLU A 120 -24.93 3.08 -7.13
N LYS A 121 -25.36 2.13 -6.30
CA LYS A 121 -26.67 2.22 -5.65
C LYS A 121 -26.68 3.32 -4.61
N GLY A 1 -30.33 -0.72 -18.53
CA GLY A 1 -29.32 -1.64 -19.13
C GLY A 1 -28.86 -2.72 -18.16
N PRO A 2 -29.54 -3.88 -18.15
CA PRO A 2 -29.18 -4.99 -17.26
C PRO A 2 -27.83 -5.61 -17.60
N LEU A 3 -27.64 -5.89 -18.89
CA LEU A 3 -26.40 -6.49 -19.36
C LEU A 3 -25.26 -5.47 -19.34
N GLY A 4 -24.06 -5.92 -19.70
CA GLY A 4 -22.91 -5.03 -19.72
C GLY A 4 -22.26 -4.88 -18.36
N SER A 5 -22.96 -4.19 -17.45
CA SER A 5 -22.44 -3.98 -16.10
C SER A 5 -21.11 -3.22 -16.14
N LEU A 6 -21.19 -1.90 -16.06
CA LEU A 6 -20.00 -1.06 -16.08
C LEU A 6 -19.87 -0.26 -14.78
N GLY A 7 -18.68 0.27 -14.54
CA GLY A 7 -18.44 1.04 -13.34
C GLY A 7 -18.69 0.24 -12.08
N ARG A 8 -17.81 -0.71 -11.81
CA ARG A 8 -17.93 -1.56 -10.62
C ARG A 8 -16.71 -1.39 -9.71
N ARG A 9 -16.29 -2.49 -9.07
CA ARG A 9 -15.14 -2.45 -8.18
C ARG A 9 -13.89 -1.97 -8.91
N TRP A 10 -13.27 -0.91 -8.39
CA TRP A 10 -12.05 -0.36 -8.98
C TRP A 10 -11.00 -1.46 -9.18
N GLY A 11 -9.86 -1.07 -9.75
CA GLY A 11 -8.79 -2.03 -9.97
C GLY A 11 -8.22 -2.55 -8.66
N PRO A 12 -7.38 -3.59 -8.71
CA PRO A 12 -6.76 -4.16 -7.50
C PRO A 12 -5.83 -3.17 -6.82
N ASN A 13 -5.25 -2.28 -7.61
CA ASN A 13 -4.34 -1.27 -7.10
C ASN A 13 -5.06 -0.32 -6.14
N VAL A 14 -6.30 0.02 -6.48
CA VAL A 14 -7.09 0.93 -5.65
C VAL A 14 -7.56 0.23 -4.38
N GLN A 15 -7.90 -1.05 -4.50
CA GLN A 15 -8.37 -1.83 -3.36
C GLN A 15 -7.32 -1.85 -2.25
N ARG A 16 -6.08 -2.15 -2.63
CA ARG A 16 -4.99 -2.21 -1.66
C ARG A 16 -4.69 -0.83 -1.09
N LEU A 17 -4.55 0.16 -1.97
CA LEU A 17 -4.27 1.53 -1.54
C LEU A 17 -5.40 2.08 -0.68
N ALA A 18 -6.62 1.63 -0.95
CA ALA A 18 -7.79 2.08 -0.20
C ALA A 18 -7.74 1.61 1.25
N CYS A 19 -7.54 0.30 1.44
CA CYS A 19 -7.47 -0.27 2.77
C CYS A 19 -6.38 0.39 3.60
N ILE A 20 -5.17 0.42 3.06
CA ILE A 20 -4.03 1.04 3.76
C ILE A 20 -4.31 2.51 4.06
N LYS A 21 -4.94 3.20 3.12
CA LYS A 21 -5.26 4.61 3.29
C LYS A 21 -6.17 4.82 4.51
N LYS A 22 -7.13 3.91 4.67
CA LYS A 22 -8.07 3.99 5.79
C LYS A 22 -7.36 3.78 7.12
N HIS A 23 -6.42 2.83 7.14
CA HIS A 23 -5.67 2.53 8.35
C HIS A 23 -4.74 3.68 8.72
N LEU A 24 -4.04 4.21 7.73
CA LEU A 24 -3.10 5.31 7.95
C LEU A 24 -3.80 6.50 8.60
N ARG A 25 -4.93 6.91 8.02
CA ARG A 25 -5.68 8.04 8.55
C ARG A 25 -6.16 7.77 9.97
N SER A 26 -6.63 6.54 10.20
CA SER A 26 -7.12 6.15 11.52
C SER A 26 -5.96 5.95 12.50
N GLN A 27 -4.76 5.76 11.97
CA GLN A 27 -3.58 5.55 12.81
C GLN A 27 -2.90 6.87 13.17
N GLY A 28 -3.36 7.96 12.55
CA GLY A 28 -2.77 9.26 12.83
C GLY A 28 -2.03 9.84 11.64
N ILE A 29 -2.09 9.13 10.52
CA ILE A 29 -1.42 9.55 9.30
C ILE A 29 -2.43 9.95 8.23
N THR A 30 -2.56 11.26 8.01
CA THR A 30 -3.48 11.77 7.00
C THR A 30 -2.85 11.73 5.61
N MET A 31 -3.37 10.84 4.76
CA MET A 31 -2.84 10.71 3.40
C MET A 31 -3.94 10.96 2.37
N ASP A 32 -4.89 11.82 2.72
CA ASP A 32 -6.00 12.14 1.83
C ASP A 32 -5.48 12.83 0.57
N GLU A 33 -4.37 13.55 0.70
CA GLU A 33 -3.78 14.26 -0.43
C GLU A 33 -3.15 13.28 -1.42
N LEU A 34 -1.98 12.76 -1.07
CA LEU A 34 -1.27 11.81 -1.92
C LEU A 34 0.04 11.37 -1.27
N PRO A 35 0.38 10.07 -1.37
CA PRO A 35 1.61 9.52 -0.79
C PRO A 35 2.84 9.84 -1.63
N LEU A 36 3.93 10.20 -0.96
CA LEU A 36 5.18 10.52 -1.65
C LEU A 36 6.37 9.86 -0.98
N ILE A 37 7.39 9.57 -1.77
CA ILE A 37 8.60 8.96 -1.28
C ILE A 37 9.78 9.43 -2.12
N GLY A 38 10.86 9.83 -1.46
CA GLY A 38 12.02 10.32 -2.18
C GLY A 38 11.67 11.40 -3.19
N GLY A 39 10.82 12.33 -2.78
CA GLY A 39 10.42 13.43 -3.65
C GLY A 39 9.56 12.99 -4.83
N CYS A 40 9.16 11.72 -4.86
CA CYS A 40 8.34 11.22 -5.96
C CYS A 40 7.13 10.45 -5.46
N GLU A 41 6.16 10.25 -6.34
CA GLU A 41 4.94 9.53 -5.99
C GLU A 41 5.17 8.02 -6.04
N LEU A 42 4.53 7.29 -5.13
CA LEU A 42 4.67 5.85 -5.06
C LEU A 42 3.31 5.18 -4.88
N ASP A 43 3.17 4.00 -5.49
CA ASP A 43 1.92 3.24 -5.40
C ASP A 43 1.99 2.22 -4.27
N LEU A 44 1.25 2.48 -3.19
CA LEU A 44 1.22 1.59 -2.05
C LEU A 44 0.85 0.17 -2.47
N ALA A 45 -0.13 0.05 -3.35
CA ALA A 45 -0.58 -1.24 -3.84
C ALA A 45 0.55 -1.97 -4.56
N CYS A 46 1.22 -1.25 -5.45
CA CYS A 46 2.33 -1.82 -6.22
C CYS A 46 3.50 -2.17 -5.30
N PHE A 47 3.71 -1.34 -4.28
CA PHE A 47 4.79 -1.55 -3.34
C PHE A 47 4.51 -2.76 -2.44
N PHE A 48 3.26 -2.87 -1.99
CA PHE A 48 2.86 -3.98 -1.13
C PHE A 48 3.07 -5.32 -1.83
N ARG A 49 2.54 -5.45 -3.04
CA ARG A 49 2.67 -6.67 -3.81
C ARG A 49 4.14 -7.00 -4.07
N LEU A 50 4.91 -5.99 -4.43
CA LEU A 50 6.33 -6.18 -4.72
C LEU A 50 7.05 -6.80 -3.52
N ILE A 51 6.75 -6.30 -2.33
CA ILE A 51 7.35 -6.81 -1.11
C ILE A 51 6.97 -8.27 -0.88
N ASN A 52 5.70 -8.58 -1.09
CA ASN A 52 5.21 -9.94 -0.89
C ASN A 52 5.85 -10.90 -1.89
N GLU A 53 5.90 -10.49 -3.16
CA GLU A 53 6.48 -11.31 -4.21
C GLU A 53 7.96 -11.58 -3.93
N MET A 54 8.58 -10.75 -3.10
CA MET A 54 9.98 -10.91 -2.76
C MET A 54 10.17 -11.86 -1.58
N GLY A 55 9.09 -12.52 -1.17
CA GLY A 55 9.18 -13.45 -0.05
C GLY A 55 8.70 -12.84 1.26
N GLY A 56 7.83 -11.84 1.15
CA GLY A 56 7.32 -11.18 2.34
C GLY A 56 8.15 -9.97 2.75
N MET A 57 7.69 -9.26 3.76
CA MET A 57 8.38 -8.07 4.26
C MET A 57 9.69 -8.47 4.96
N GLN A 58 9.74 -9.68 5.47
CA GLN A 58 10.93 -10.17 6.18
C GLN A 58 12.17 -10.15 5.28
N GLN A 59 12.05 -10.68 4.07
CA GLN A 59 13.17 -10.71 3.14
C GLN A 59 13.59 -9.30 2.73
N VAL A 60 12.64 -8.52 2.26
CA VAL A 60 12.91 -7.15 1.84
C VAL A 60 13.70 -6.37 2.90
N THR A 61 13.17 -6.33 4.11
CA THR A 61 13.79 -5.60 5.22
C THR A 61 15.00 -6.30 5.84
N ASP A 62 14.86 -7.59 6.15
CA ASP A 62 15.93 -8.35 6.79
C ASP A 62 17.15 -8.53 5.89
N LEU A 63 16.93 -9.00 4.67
CA LEU A 63 18.04 -9.23 3.73
C LEU A 63 18.52 -7.92 3.10
N LYS A 64 17.97 -6.79 3.53
CA LYS A 64 18.37 -5.49 2.99
C LYS A 64 18.38 -5.53 1.47
N LYS A 65 17.22 -5.32 0.88
CA LYS A 65 17.08 -5.33 -0.57
C LYS A 65 16.05 -4.33 -1.05
N TRP A 66 15.77 -3.32 -0.22
CA TRP A 66 14.81 -2.30 -0.61
C TRP A 66 15.25 -1.58 -1.88
N ASN A 67 16.57 -1.52 -2.06
CA ASN A 67 17.16 -0.85 -3.23
C ASN A 67 16.62 -1.44 -4.54
N LYS A 68 16.52 -2.77 -4.60
CA LYS A 68 16.03 -3.45 -5.80
C LYS A 68 14.52 -3.34 -5.93
N LEU A 69 13.80 -3.71 -4.86
CA LEU A 69 12.35 -3.65 -4.87
C LEU A 69 11.89 -2.24 -5.23
N ALA A 70 12.59 -1.23 -4.68
CA ALA A 70 12.26 0.16 -4.96
C ALA A 70 12.66 0.54 -6.38
N ASP A 71 13.75 -0.04 -6.86
CA ASP A 71 14.23 0.22 -8.21
C ASP A 71 13.12 0.00 -9.23
N MET A 72 12.46 -1.15 -9.11
CA MET A 72 11.36 -1.48 -10.02
C MET A 72 10.20 -0.49 -9.85
N LEU A 73 10.16 0.18 -8.69
CA LEU A 73 9.12 1.15 -8.41
C LEU A 73 9.42 2.50 -9.07
N ARG A 74 10.56 2.59 -9.75
CA ARG A 74 10.96 3.83 -10.42
C ARG A 74 11.36 4.91 -9.42
N ILE A 75 12.50 4.72 -8.78
CA ILE A 75 13.01 5.67 -7.79
C ILE A 75 14.38 6.22 -8.21
N PRO A 76 14.60 7.54 -8.07
CA PRO A 76 15.87 8.17 -8.44
C PRO A 76 17.02 7.73 -7.54
N LYS A 77 18.07 7.20 -8.14
CA LYS A 77 19.23 6.73 -7.40
C LYS A 77 20.02 7.91 -6.80
N THR A 78 19.72 9.12 -7.26
CA THR A 78 20.40 10.31 -6.77
C THR A 78 20.10 10.56 -5.29
N ALA A 79 18.98 10.00 -4.82
CA ALA A 79 18.59 10.16 -3.42
C ALA A 79 19.20 9.06 -2.56
N GLN A 80 20.28 9.40 -1.86
CA GLN A 80 20.96 8.44 -1.00
C GLN A 80 20.11 8.08 0.22
N ASP A 81 19.91 9.06 1.10
CA ASP A 81 19.12 8.85 2.31
C ASP A 81 17.74 8.25 2.00
N ARG A 82 17.30 8.38 0.74
CA ARG A 82 16.01 7.85 0.33
C ARG A 82 15.78 6.44 0.85
N LEU A 83 16.83 5.62 0.78
CA LEU A 83 16.75 4.23 1.25
C LEU A 83 16.31 4.18 2.71
N ALA A 84 16.88 5.07 3.53
CA ALA A 84 16.53 5.11 4.95
C ALA A 84 15.14 5.67 5.14
N LYS A 85 14.77 6.66 4.33
CA LYS A 85 13.45 7.27 4.42
C LYS A 85 12.38 6.25 4.08
N LEU A 86 12.65 5.43 3.07
CA LEU A 86 11.72 4.40 2.64
C LEU A 86 11.53 3.36 3.75
N GLN A 87 12.64 2.95 4.36
CA GLN A 87 12.61 1.97 5.43
C GLN A 87 11.67 2.42 6.54
N GLU A 88 11.81 3.69 6.93
CA GLU A 88 10.98 4.26 7.99
C GLU A 88 9.57 4.58 7.48
N ALA A 89 9.48 4.90 6.20
CA ALA A 89 8.20 5.23 5.58
C ALA A 89 7.27 4.02 5.52
N TYR A 90 7.84 2.85 5.23
CA TYR A 90 7.04 1.63 5.15
C TYR A 90 6.87 1.01 6.53
N CYS A 91 7.88 1.18 7.38
CA CYS A 91 7.84 0.65 8.73
C CYS A 91 6.77 1.35 9.56
N GLN A 92 6.51 2.61 9.25
CA GLN A 92 5.50 3.39 9.96
C GLN A 92 4.17 3.40 9.19
N TYR A 93 4.15 2.77 8.02
CA TYR A 93 2.95 2.72 7.20
C TYR A 93 2.51 1.27 6.94
N LEU A 94 3.23 0.60 6.05
CA LEU A 94 2.93 -0.78 5.69
C LEU A 94 2.96 -1.70 6.91
N LEU A 95 4.02 -1.59 7.71
CA LEU A 95 4.18 -2.42 8.91
C LEU A 95 2.93 -2.38 9.77
N SER A 96 2.42 -1.18 10.02
CA SER A 96 1.22 -1.00 10.84
C SER A 96 0.06 -1.84 10.31
N TYR A 97 -0.27 -1.65 9.05
CA TYR A 97 -1.37 -2.38 8.42
C TYR A 97 -1.04 -3.87 8.31
N ASP A 98 0.24 -4.19 8.17
CA ASP A 98 0.67 -5.58 8.05
C ASP A 98 0.64 -6.29 9.40
N SER A 99 0.62 -5.52 10.48
CA SER A 99 0.60 -6.10 11.83
C SER A 99 -0.83 -6.18 12.36
N LEU A 100 -1.76 -5.48 11.72
CA LEU A 100 -3.15 -5.47 12.14
C LEU A 100 -3.72 -6.89 12.18
N SER A 101 -4.69 -7.11 13.06
CA SER A 101 -5.34 -8.40 13.20
C SER A 101 -6.35 -8.62 12.09
N PRO A 102 -6.88 -9.85 11.96
CA PRO A 102 -7.85 -10.19 10.92
C PRO A 102 -9.22 -9.55 11.16
N GLU A 103 -9.42 -9.02 12.37
CA GLU A 103 -10.69 -8.39 12.72
C GLU A 103 -10.81 -7.01 12.06
N GLU A 104 -9.84 -6.14 12.34
CA GLU A 104 -9.83 -4.80 11.79
C GLU A 104 -9.57 -4.83 10.28
N HIS A 105 -8.90 -5.90 9.82
CA HIS A 105 -8.63 -6.04 8.40
C HIS A 105 -9.91 -6.32 7.64
N ARG A 106 -10.62 -7.37 8.07
CA ARG A 106 -11.87 -7.75 7.42
C ARG A 106 -12.90 -6.63 7.50
N ARG A 107 -12.95 -5.96 8.65
CA ARG A 107 -13.89 -4.87 8.85
C ARG A 107 -13.58 -3.70 7.92
N LEU A 108 -12.34 -3.23 7.97
CA LEU A 108 -11.92 -2.10 7.13
C LEU A 108 -12.07 -2.45 5.66
N GLU A 109 -11.71 -3.67 5.30
CA GLU A 109 -11.81 -4.11 3.91
C GLU A 109 -13.28 -4.20 3.50
N LYS A 110 -14.06 -4.95 4.26
CA LYS A 110 -15.48 -5.12 3.97
C LYS A 110 -16.18 -3.78 3.77
N GLU A 111 -15.70 -2.76 4.47
CA GLU A 111 -16.29 -1.43 4.36
C GLU A 111 -15.94 -0.80 3.02
N VAL A 112 -14.65 -0.72 2.72
CA VAL A 112 -14.17 -0.14 1.48
C VAL A 112 -14.69 -0.95 0.28
N LEU A 113 -14.40 -2.25 0.30
CA LEU A 113 -14.80 -3.15 -0.77
C LEU A 113 -16.30 -3.06 -1.05
N MET A 114 -17.11 -2.96 -0.01
CA MET A 114 -18.55 -2.87 -0.19
C MET A 114 -18.91 -1.51 -0.76
N GLU A 115 -18.22 -0.48 -0.28
CA GLU A 115 -18.48 0.89 -0.73
C GLU A 115 -18.28 1.00 -2.25
N LYS A 116 -17.37 0.20 -2.79
CA LYS A 116 -17.08 0.23 -4.22
C LYS A 116 -18.03 -0.68 -4.99
N GLU A 117 -18.42 -1.79 -4.38
CA GLU A 117 -19.32 -2.75 -5.01
C GLU A 117 -20.74 -2.22 -5.07
N ILE A 118 -21.22 -1.70 -3.94
CA ILE A 118 -22.57 -1.16 -3.85
C ILE A 118 -22.61 0.32 -4.24
N LEU A 119 -21.52 0.81 -4.81
CA LEU A 119 -21.45 2.21 -5.22
C LEU A 119 -22.46 2.50 -6.33
N GLU A 120 -22.66 1.52 -7.21
CA GLU A 120 -23.59 1.67 -8.32
C GLU A 120 -25.00 1.97 -7.81
N LYS A 121 -25.42 1.26 -6.77
CA LYS A 121 -26.74 1.44 -6.19
C LYS A 121 -26.68 2.42 -5.02
N GLY A 1 -11.02 -2.18 -22.61
CA GLY A 1 -12.31 -1.46 -22.45
C GLY A 1 -12.49 -0.86 -21.06
N PRO A 2 -11.97 0.35 -20.83
CA PRO A 2 -12.08 1.01 -19.52
C PRO A 2 -13.51 1.44 -19.21
N LEU A 3 -14.25 1.80 -20.25
CA LEU A 3 -15.63 2.24 -20.08
C LEU A 3 -16.53 1.07 -19.69
N GLY A 4 -17.64 1.39 -19.04
CA GLY A 4 -18.57 0.35 -18.62
C GLY A 4 -19.57 0.85 -17.60
N SER A 5 -20.77 0.27 -17.62
CA SER A 5 -21.83 0.65 -16.70
C SER A 5 -22.13 -0.47 -15.70
N LEU A 6 -21.11 -1.26 -15.39
CA LEU A 6 -21.27 -2.37 -14.45
C LEU A 6 -20.88 -1.95 -13.04
N GLY A 7 -20.96 -2.89 -12.10
CA GLY A 7 -20.61 -2.59 -10.72
C GLY A 7 -19.93 -3.76 -10.04
N ARG A 8 -18.65 -3.93 -10.33
CA ARG A 8 -17.87 -5.02 -9.74
C ARG A 8 -16.72 -4.46 -8.90
N ARG A 9 -15.58 -5.15 -8.90
CA ARG A 9 -14.42 -4.71 -8.14
C ARG A 9 -13.52 -3.81 -8.99
N TRP A 10 -13.06 -2.72 -8.39
CA TRP A 10 -12.19 -1.77 -9.09
C TRP A 10 -10.82 -2.40 -9.41
N GLY A 11 -10.53 -3.54 -8.78
CA GLY A 11 -9.27 -4.21 -9.01
C GLY A 11 -8.49 -4.44 -7.73
N PRO A 12 -7.46 -5.31 -7.76
CA PRO A 12 -6.65 -5.61 -6.57
C PRO A 12 -5.76 -4.44 -6.18
N ASN A 13 -5.16 -3.79 -7.16
CA ASN A 13 -4.27 -2.66 -6.91
C ASN A 13 -5.06 -1.47 -6.36
N VAL A 14 -6.32 -1.35 -6.76
CA VAL A 14 -7.16 -0.27 -6.29
C VAL A 14 -7.60 -0.53 -4.85
N GLN A 15 -7.93 -1.77 -4.55
CA GLN A 15 -8.35 -2.15 -3.21
C GLN A 15 -7.20 -1.97 -2.24
N ARG A 16 -5.99 -2.23 -2.72
CA ARG A 16 -4.79 -2.08 -1.90
C ARG A 16 -4.60 -0.62 -1.51
N LEU A 17 -4.64 0.26 -2.51
CA LEU A 17 -4.47 1.69 -2.26
C LEU A 17 -5.58 2.21 -1.36
N ALA A 18 -6.77 1.61 -1.48
CA ALA A 18 -7.92 2.02 -0.68
C ALA A 18 -7.79 1.57 0.77
N CYS A 19 -7.57 0.27 0.97
CA CYS A 19 -7.44 -0.29 2.31
C CYS A 19 -6.32 0.40 3.09
N ILE A 20 -5.20 0.64 2.43
CA ILE A 20 -4.06 1.29 3.07
C ILE A 20 -4.39 2.75 3.38
N LYS A 21 -5.06 3.41 2.44
CA LYS A 21 -5.44 4.81 2.61
C LYS A 21 -6.38 4.97 3.81
N LYS A 22 -7.38 4.11 3.90
CA LYS A 22 -8.33 4.15 5.00
C LYS A 22 -7.67 3.84 6.33
N HIS A 23 -6.76 2.87 6.32
CA HIS A 23 -6.05 2.47 7.53
C HIS A 23 -5.08 3.56 7.98
N LEU A 24 -4.34 4.12 7.03
CA LEU A 24 -3.37 5.17 7.34
C LEU A 24 -4.04 6.35 8.04
N ARG A 25 -5.14 6.83 7.48
CA ARG A 25 -5.86 7.96 8.05
C ARG A 25 -6.40 7.61 9.45
N SER A 26 -6.94 6.40 9.57
CA SER A 26 -7.48 5.94 10.85
C SER A 26 -6.36 5.61 11.84
N GLN A 27 -5.15 5.46 11.33
CA GLN A 27 -4.00 5.13 12.18
C GLN A 27 -3.28 6.39 12.65
N GLY A 28 -3.64 7.54 12.08
CA GLY A 28 -3.00 8.79 12.47
C GLY A 28 -2.21 9.40 11.32
N ILE A 29 -2.22 8.72 10.18
CA ILE A 29 -1.51 9.20 9.01
C ILE A 29 -2.47 9.71 7.94
N THR A 30 -2.53 11.03 7.79
CA THR A 30 -3.40 11.64 6.79
C THR A 30 -2.74 11.67 5.43
N MET A 31 -3.25 10.85 4.51
CA MET A 31 -2.72 10.77 3.17
C MET A 31 -3.76 11.19 2.13
N ASP A 32 -4.68 12.06 2.54
CA ASP A 32 -5.73 12.53 1.65
C ASP A 32 -5.15 13.34 0.50
N GLU A 33 -4.12 14.13 0.79
CA GLU A 33 -3.46 14.95 -0.22
C GLU A 33 -2.87 14.09 -1.33
N LEU A 34 -1.74 13.46 -1.04
CA LEU A 34 -1.07 12.60 -2.01
C LEU A 34 0.19 11.97 -1.41
N PRO A 35 0.28 10.64 -1.41
CA PRO A 35 1.45 9.93 -0.86
C PRO A 35 2.73 10.25 -1.62
N LEU A 36 3.83 10.41 -0.88
CA LEU A 36 5.12 10.70 -1.48
C LEU A 36 6.25 9.98 -0.77
N ILE A 37 7.32 9.72 -1.51
CA ILE A 37 8.49 9.06 -0.97
C ILE A 37 9.73 9.54 -1.72
N GLY A 38 10.78 9.87 -0.98
CA GLY A 38 11.99 10.36 -1.61
C GLY A 38 11.70 11.47 -2.60
N GLY A 39 10.83 12.41 -2.21
CA GLY A 39 10.49 13.52 -3.07
C GLY A 39 9.69 13.14 -4.31
N CYS A 40 9.30 11.86 -4.41
CA CYS A 40 8.55 11.40 -5.57
C CYS A 40 7.29 10.66 -5.18
N GLU A 41 6.35 10.54 -6.11
CA GLU A 41 5.09 9.85 -5.88
C GLU A 41 5.29 8.34 -5.96
N LEU A 42 4.61 7.61 -5.07
CA LEU A 42 4.71 6.16 -5.05
C LEU A 42 3.34 5.52 -4.91
N ASP A 43 3.16 4.38 -5.56
CA ASP A 43 1.89 3.65 -5.52
C ASP A 43 1.92 2.56 -4.45
N LEU A 44 1.14 2.73 -3.39
CA LEU A 44 1.10 1.75 -2.31
C LEU A 44 0.75 0.36 -2.85
N ALA A 45 -0.14 0.32 -3.85
CA ALA A 45 -0.54 -0.94 -4.45
C ALA A 45 0.63 -1.62 -5.14
N CYS A 46 1.39 -0.84 -5.90
CA CYS A 46 2.55 -1.36 -6.63
C CYS A 46 3.64 -1.79 -5.64
N PHE A 47 3.76 -1.04 -4.55
CA PHE A 47 4.76 -1.34 -3.53
C PHE A 47 4.39 -2.61 -2.77
N PHE A 48 3.12 -2.73 -2.39
CA PHE A 48 2.65 -3.89 -1.67
C PHE A 48 2.90 -5.17 -2.47
N ARG A 49 2.63 -5.12 -3.77
CA ARG A 49 2.84 -6.26 -4.65
C ARG A 49 4.33 -6.59 -4.75
N LEU A 50 5.14 -5.56 -4.91
CA LEU A 50 6.59 -5.74 -5.03
C LEU A 50 7.15 -6.49 -3.83
N ILE A 51 6.85 -6.00 -2.63
CA ILE A 51 7.33 -6.64 -1.41
C ILE A 51 6.88 -8.10 -1.32
N ASN A 52 5.61 -8.34 -1.64
CA ASN A 52 5.06 -9.69 -1.59
C ASN A 52 5.72 -10.59 -2.64
N GLU A 53 5.90 -10.08 -3.84
CA GLU A 53 6.51 -10.85 -4.92
C GLU A 53 7.88 -11.38 -4.52
N MET A 54 8.50 -10.74 -3.53
CA MET A 54 9.82 -11.16 -3.06
C MET A 54 9.68 -12.06 -1.84
N GLY A 55 8.64 -12.89 -1.83
CA GLY A 55 8.41 -13.79 -0.71
C GLY A 55 7.59 -13.15 0.38
N GLY A 56 8.00 -11.96 0.81
CA GLY A 56 7.28 -11.27 1.86
C GLY A 56 8.03 -10.03 2.32
N MET A 57 7.51 -9.38 3.36
CA MET A 57 8.15 -8.18 3.90
C MET A 57 9.42 -8.54 4.67
N GLN A 58 9.43 -9.74 5.26
CA GLN A 58 10.58 -10.19 6.03
C GLN A 58 11.85 -10.21 5.18
N GLN A 59 11.77 -10.80 4.00
CA GLN A 59 12.92 -10.87 3.11
C GLN A 59 13.39 -9.48 2.68
N VAL A 60 12.46 -8.69 2.17
CA VAL A 60 12.77 -7.33 1.72
C VAL A 60 13.55 -6.54 2.78
N THR A 61 13.00 -6.46 3.98
CA THR A 61 13.61 -5.71 5.07
C THR A 61 14.80 -6.44 5.72
N ASP A 62 14.61 -7.71 6.08
CA ASP A 62 15.67 -8.47 6.74
C ASP A 62 16.92 -8.64 5.89
N LEU A 63 16.74 -9.08 4.65
CA LEU A 63 17.87 -9.28 3.75
C LEU A 63 18.36 -7.97 3.14
N LYS A 64 17.79 -6.85 3.58
CA LYS A 64 18.20 -5.54 3.05
C LYS A 64 18.22 -5.57 1.53
N LYS A 65 17.06 -5.37 0.92
CA LYS A 65 16.94 -5.37 -0.53
C LYS A 65 15.95 -4.32 -1.01
N TRP A 66 15.72 -3.29 -0.19
CA TRP A 66 14.79 -2.24 -0.57
C TRP A 66 15.28 -1.54 -1.83
N ASN A 67 16.58 -1.55 -2.03
CA ASN A 67 17.19 -0.91 -3.19
C ASN A 67 16.64 -1.47 -4.50
N LYS A 68 16.53 -2.80 -4.58
CA LYS A 68 16.03 -3.45 -5.80
C LYS A 68 14.51 -3.31 -5.91
N LEU A 69 13.79 -3.68 -4.85
CA LEU A 69 12.34 -3.58 -4.85
C LEU A 69 11.91 -2.15 -5.20
N ALA A 70 12.63 -1.17 -4.65
CA ALA A 70 12.33 0.23 -4.92
C ALA A 70 12.73 0.60 -6.33
N ASP A 71 13.80 -0.01 -6.83
CA ASP A 71 14.27 0.25 -8.18
C ASP A 71 13.14 0.07 -9.18
N MET A 72 12.46 -1.08 -9.10
CA MET A 72 11.34 -1.36 -9.99
C MET A 72 10.22 -0.34 -9.81
N LEU A 73 10.24 0.34 -8.67
CA LEU A 73 9.22 1.35 -8.36
C LEU A 73 9.59 2.71 -8.96
N ARG A 74 10.75 2.78 -9.62
CA ARG A 74 11.21 4.02 -10.24
C ARG A 74 11.63 5.04 -9.18
N ILE A 75 12.75 4.77 -8.53
CA ILE A 75 13.27 5.66 -7.49
C ILE A 75 14.67 6.16 -7.85
N PRO A 76 14.95 7.47 -7.63
CA PRO A 76 16.25 8.06 -7.94
C PRO A 76 17.36 7.51 -7.05
N LYS A 77 18.38 6.93 -7.67
CA LYS A 77 19.50 6.37 -6.94
C LYS A 77 20.35 7.48 -6.32
N THR A 78 20.21 8.70 -6.82
CA THR A 78 20.97 9.84 -6.30
C THR A 78 20.59 10.15 -4.85
N ALA A 79 19.40 9.72 -4.45
CA ALA A 79 18.93 9.95 -3.10
C ALA A 79 19.45 8.89 -2.14
N GLN A 80 20.43 9.25 -1.32
CA GLN A 80 21.02 8.33 -0.37
C GLN A 80 20.05 7.99 0.76
N ASP A 81 19.76 8.99 1.60
CA ASP A 81 18.84 8.80 2.72
C ASP A 81 17.51 8.20 2.28
N ARG A 82 17.20 8.32 0.99
CA ARG A 82 15.96 7.78 0.45
C ARG A 82 15.74 6.34 0.91
N LEU A 83 16.83 5.59 1.00
CA LEU A 83 16.76 4.19 1.42
C LEU A 83 16.29 4.09 2.87
N ALA A 84 16.86 4.92 3.74
CA ALA A 84 16.49 4.91 5.15
C ALA A 84 15.11 5.51 5.35
N LYS A 85 14.80 6.55 4.58
CA LYS A 85 13.51 7.21 4.67
C LYS A 85 12.40 6.24 4.25
N LEU A 86 12.68 5.46 3.22
CA LEU A 86 11.73 4.47 2.72
C LEU A 86 11.49 3.39 3.78
N GLN A 87 12.58 2.95 4.42
CA GLN A 87 12.49 1.92 5.45
C GLN A 87 11.55 2.36 6.57
N GLU A 88 11.68 3.61 6.98
CA GLU A 88 10.85 4.16 8.05
C GLU A 88 9.45 4.50 7.53
N ALA A 89 9.36 4.86 6.26
CA ALA A 89 8.08 5.22 5.65
C ALA A 89 7.15 4.02 5.56
N TYR A 90 7.72 2.85 5.29
CA TYR A 90 6.93 1.63 5.19
C TYR A 90 6.78 1.00 6.58
N CYS A 91 7.83 1.12 7.38
CA CYS A 91 7.83 0.58 8.72
C CYS A 91 6.73 1.21 9.57
N GLN A 92 6.40 2.47 9.26
CA GLN A 92 5.36 3.18 9.99
C GLN A 92 4.04 3.19 9.23
N TYR A 93 4.05 2.61 8.02
CA TYR A 93 2.85 2.56 7.19
C TYR A 93 2.39 1.12 6.96
N LEU A 94 3.09 0.42 6.07
CA LEU A 94 2.75 -0.96 5.74
C LEU A 94 2.92 -1.88 6.95
N LEU A 95 3.98 -1.67 7.71
CA LEU A 95 4.26 -2.48 8.89
C LEU A 95 3.06 -2.51 9.84
N SER A 96 2.55 -1.33 10.16
CA SER A 96 1.41 -1.22 11.06
C SER A 96 0.24 -2.06 10.57
N TYR A 97 -0.16 -1.84 9.32
CA TYR A 97 -1.27 -2.57 8.72
C TYR A 97 -1.01 -4.08 8.74
N ASP A 98 0.26 -4.46 8.69
CA ASP A 98 0.64 -5.87 8.69
C ASP A 98 1.00 -6.37 10.09
N SER A 99 0.97 -5.48 11.08
CA SER A 99 1.32 -5.85 12.45
C SER A 99 0.08 -5.92 13.33
N LEU A 100 -1.00 -5.25 12.92
CA LEU A 100 -2.24 -5.25 13.69
C LEU A 100 -3.00 -6.56 13.50
N SER A 101 -4.11 -6.70 14.23
CA SER A 101 -4.92 -7.91 14.15
C SER A 101 -5.71 -7.95 12.84
N PRO A 102 -6.26 -9.13 12.48
CA PRO A 102 -7.05 -9.30 11.26
C PRO A 102 -8.36 -8.53 11.30
N GLU A 103 -8.89 -8.34 12.51
CA GLU A 103 -10.13 -7.61 12.70
C GLU A 103 -10.10 -6.28 11.92
N GLU A 104 -9.02 -5.53 12.10
CA GLU A 104 -8.85 -4.25 11.42
C GLU A 104 -8.85 -4.43 9.91
N HIS A 105 -8.45 -5.61 9.46
CA HIS A 105 -8.41 -5.89 8.03
C HIS A 105 -9.81 -6.15 7.50
N ARG A 106 -10.52 -7.09 8.14
CA ARG A 106 -11.88 -7.43 7.74
C ARG A 106 -12.80 -6.23 7.85
N ARG A 107 -12.69 -5.49 8.94
CA ARG A 107 -13.53 -4.32 9.15
C ARG A 107 -13.25 -3.23 8.11
N LEU A 108 -11.99 -2.85 8.00
CA LEU A 108 -11.59 -1.82 7.04
C LEU A 108 -11.88 -2.26 5.60
N GLU A 109 -11.59 -3.51 5.30
CA GLU A 109 -11.83 -4.04 3.96
C GLU A 109 -13.32 -4.14 3.69
N LYS A 110 -14.04 -4.83 4.58
CA LYS A 110 -15.48 -5.00 4.43
C LYS A 110 -16.17 -3.66 4.18
N GLU A 111 -15.62 -2.60 4.76
CA GLU A 111 -16.18 -1.27 4.61
C GLU A 111 -15.95 -0.75 3.19
N VAL A 112 -14.70 -0.74 2.77
CA VAL A 112 -14.35 -0.27 1.44
C VAL A 112 -14.97 -1.16 0.36
N LEU A 113 -14.70 -2.46 0.46
CA LEU A 113 -15.21 -3.44 -0.50
C LEU A 113 -16.72 -3.34 -0.66
N MET A 114 -17.44 -3.15 0.45
CA MET A 114 -18.89 -3.04 0.38
C MET A 114 -19.28 -1.69 -0.20
N GLU A 115 -18.57 -0.64 0.21
CA GLU A 115 -18.85 0.71 -0.27
C GLU A 115 -18.83 0.77 -1.79
N LYS A 116 -17.88 0.08 -2.40
CA LYS A 116 -17.75 0.06 -3.86
C LYS A 116 -18.64 -1.01 -4.48
N GLU A 117 -18.74 -2.15 -3.81
CA GLU A 117 -19.56 -3.26 -4.30
C GLU A 117 -21.03 -2.89 -4.31
N ILE A 118 -21.55 -2.51 -3.14
CA ILE A 118 -22.95 -2.13 -3.00
C ILE A 118 -23.16 -0.64 -3.28
N LEU A 119 -22.14 0.02 -3.82
CA LEU A 119 -22.22 1.44 -4.12
C LEU A 119 -23.46 1.76 -4.97
N GLU A 120 -23.74 0.89 -5.95
CA GLU A 120 -24.90 1.07 -6.81
C GLU A 120 -26.18 0.69 -6.10
N LYS A 121 -26.27 -0.57 -5.67
CA LYS A 121 -27.45 -1.07 -4.97
C LYS A 121 -27.66 -0.31 -3.67
N GLY A 1 -32.96 -17.54 -10.41
CA GLY A 1 -32.25 -16.29 -10.77
C GLY A 1 -31.55 -16.38 -12.11
N PRO A 2 -32.30 -16.41 -13.22
CA PRO A 2 -31.73 -16.50 -14.56
C PRO A 2 -30.66 -15.44 -14.81
N LEU A 3 -30.82 -14.29 -14.15
CA LEU A 3 -29.86 -13.19 -14.30
C LEU A 3 -28.62 -13.43 -13.47
N GLY A 4 -27.69 -12.48 -13.50
CA GLY A 4 -26.46 -12.61 -12.73
C GLY A 4 -25.25 -12.09 -13.49
N SER A 5 -25.22 -10.78 -13.71
CA SER A 5 -24.10 -10.16 -14.42
C SER A 5 -23.60 -8.92 -13.69
N LEU A 6 -23.71 -8.95 -12.36
CA LEU A 6 -23.27 -7.83 -11.53
C LEU A 6 -21.81 -8.01 -11.11
N GLY A 7 -21.32 -7.08 -10.30
CA GLY A 7 -19.94 -7.15 -9.84
C GLY A 7 -19.06 -6.09 -10.46
N ARG A 8 -18.75 -5.05 -9.68
CA ARG A 8 -17.91 -3.97 -10.15
C ARG A 8 -16.87 -3.60 -9.11
N ARG A 9 -15.62 -3.69 -9.51
CA ARG A 9 -14.50 -3.37 -8.62
C ARG A 9 -13.45 -2.54 -9.35
N TRP A 10 -12.94 -1.51 -8.67
CA TRP A 10 -11.93 -0.65 -9.26
C TRP A 10 -10.67 -1.43 -9.61
N GLY A 11 -10.51 -2.61 -9.03
CA GLY A 11 -9.34 -3.43 -9.29
C GLY A 11 -8.59 -3.80 -8.02
N PRO A 12 -7.68 -4.79 -8.09
CA PRO A 12 -6.90 -5.23 -6.94
C PRO A 12 -5.91 -4.16 -6.48
N ASN A 13 -5.35 -3.44 -7.44
CA ASN A 13 -4.38 -2.38 -7.14
C ASN A 13 -5.05 -1.24 -6.37
N VAL A 14 -6.27 -0.91 -6.76
CA VAL A 14 -7.02 0.16 -6.10
C VAL A 14 -7.50 -0.28 -4.73
N GLN A 15 -7.96 -1.52 -4.65
CA GLN A 15 -8.44 -2.07 -3.38
C GLN A 15 -7.36 -2.01 -2.31
N ARG A 16 -6.13 -2.33 -2.71
CA ARG A 16 -5.00 -2.32 -1.79
C ARG A 16 -4.68 -0.89 -1.37
N LEU A 17 -4.59 0.01 -2.35
CA LEU A 17 -4.30 1.42 -2.06
C LEU A 17 -5.38 2.04 -1.19
N ALA A 18 -6.61 1.59 -1.37
CA ALA A 18 -7.74 2.11 -0.60
C ALA A 18 -7.71 1.60 0.84
N CYS A 19 -7.56 0.29 1.00
CA CYS A 19 -7.53 -0.33 2.32
C CYS A 19 -6.40 0.28 3.17
N ILE A 20 -5.22 0.39 2.59
CA ILE A 20 -4.07 0.95 3.29
C ILE A 20 -4.29 2.43 3.62
N LYS A 21 -4.87 3.16 2.66
CA LYS A 21 -5.14 4.58 2.85
C LYS A 21 -6.10 4.80 4.01
N LYS A 22 -7.23 4.07 3.97
CA LYS A 22 -8.24 4.19 5.01
C LYS A 22 -7.66 3.90 6.39
N HIS A 23 -6.79 2.89 6.46
CA HIS A 23 -6.16 2.52 7.72
C HIS A 23 -5.14 3.55 8.17
N LEU A 24 -4.34 4.04 7.22
CA LEU A 24 -3.32 5.04 7.53
C LEU A 24 -3.93 6.27 8.18
N ARG A 25 -5.00 6.78 7.59
CA ARG A 25 -5.68 7.96 8.13
C ARG A 25 -6.30 7.65 9.48
N SER A 26 -6.90 6.47 9.60
CA SER A 26 -7.53 6.05 10.85
C SER A 26 -6.47 5.68 11.89
N GLN A 27 -5.22 5.55 11.47
CA GLN A 27 -4.13 5.20 12.37
C GLN A 27 -3.35 6.42 12.83
N GLY A 28 -3.64 7.58 12.23
CA GLY A 28 -2.95 8.80 12.61
C GLY A 28 -2.12 9.37 11.48
N ILE A 29 -2.14 8.70 10.35
CA ILE A 29 -1.38 9.13 9.18
C ILE A 29 -2.30 9.66 8.09
N THR A 30 -2.34 10.98 7.94
CA THR A 30 -3.18 11.60 6.91
C THR A 30 -2.53 11.50 5.54
N MET A 31 -3.17 10.72 4.65
CA MET A 31 -2.66 10.54 3.30
C MET A 31 -3.71 10.93 2.26
N ASP A 32 -4.54 11.91 2.62
CA ASP A 32 -5.58 12.38 1.72
C ASP A 32 -4.99 13.15 0.54
N GLU A 33 -3.89 13.86 0.79
CA GLU A 33 -3.23 14.64 -0.24
C GLU A 33 -2.55 13.71 -1.26
N LEU A 34 -1.39 13.18 -0.89
CA LEU A 34 -0.65 12.29 -1.77
C LEU A 34 0.61 11.77 -1.08
N PRO A 35 0.87 10.45 -1.15
CA PRO A 35 2.05 9.85 -0.53
C PRO A 35 3.30 10.02 -1.37
N LEU A 36 4.40 10.39 -0.73
CA LEU A 36 5.66 10.59 -1.42
C LEU A 36 6.79 9.83 -0.75
N ILE A 37 7.79 9.46 -1.55
CA ILE A 37 8.95 8.74 -1.06
C ILE A 37 10.17 9.10 -1.89
N GLY A 38 11.28 9.37 -1.23
CA GLY A 38 12.49 9.72 -1.95
C GLY A 38 12.26 10.88 -2.92
N GLY A 39 11.46 11.85 -2.50
CA GLY A 39 11.19 13.01 -3.34
C GLY A 39 10.31 12.68 -4.54
N CYS A 40 9.77 11.47 -4.61
CA CYS A 40 8.92 11.08 -5.72
C CYS A 40 7.66 10.38 -5.25
N GLU A 41 6.68 10.28 -6.14
CA GLU A 41 5.41 9.62 -5.83
C GLU A 41 5.54 8.10 -5.90
N LEU A 42 4.82 7.41 -5.04
CA LEU A 42 4.86 5.95 -5.01
C LEU A 42 3.46 5.35 -4.91
N ASP A 43 3.27 4.21 -5.56
CA ASP A 43 1.98 3.53 -5.57
C ASP A 43 1.95 2.42 -4.51
N LEU A 44 1.17 2.64 -3.45
CA LEU A 44 1.06 1.67 -2.37
C LEU A 44 0.66 0.30 -2.90
N ALA A 45 -0.18 0.28 -3.93
CA ALA A 45 -0.63 -0.97 -4.52
C ALA A 45 0.53 -1.72 -5.17
N CYS A 46 1.37 -0.99 -5.90
CA CYS A 46 2.51 -1.57 -6.57
C CYS A 46 3.60 -1.94 -5.57
N PHE A 47 3.73 -1.13 -4.52
CA PHE A 47 4.72 -1.37 -3.49
C PHE A 47 4.34 -2.59 -2.64
N PHE A 48 3.08 -2.62 -2.21
CA PHE A 48 2.59 -3.73 -1.38
C PHE A 48 2.75 -5.06 -2.12
N ARG A 49 2.23 -5.14 -3.34
CA ARG A 49 2.32 -6.35 -4.13
C ARG A 49 3.77 -6.76 -4.35
N LEU A 50 4.62 -5.77 -4.60
CA LEU A 50 6.03 -6.02 -4.83
C LEU A 50 6.69 -6.69 -3.63
N ILE A 51 6.46 -6.14 -2.45
CA ILE A 51 7.04 -6.70 -1.22
C ILE A 51 6.63 -8.16 -1.06
N ASN A 52 5.35 -8.44 -1.28
CA ASN A 52 4.83 -9.80 -1.17
C ASN A 52 5.48 -10.71 -2.21
N GLU A 53 5.65 -10.20 -3.42
CA GLU A 53 6.26 -10.96 -4.51
C GLU A 53 7.77 -11.11 -4.31
N MET A 54 8.34 -10.33 -3.41
CA MET A 54 9.77 -10.38 -3.15
C MET A 54 10.08 -11.31 -1.98
N GLY A 55 9.33 -12.40 -1.88
CA GLY A 55 9.56 -13.35 -0.80
C GLY A 55 9.06 -12.83 0.54
N GLY A 56 8.00 -12.02 0.50
CA GLY A 56 7.44 -11.47 1.71
C GLY A 56 8.19 -10.24 2.19
N MET A 57 7.67 -9.58 3.21
CA MET A 57 8.28 -8.38 3.75
C MET A 57 9.58 -8.73 4.51
N GLN A 58 9.55 -9.83 5.25
CA GLN A 58 10.70 -10.25 6.02
C GLN A 58 11.95 -10.35 5.15
N GLN A 59 11.80 -10.92 3.96
CA GLN A 59 12.93 -11.06 3.03
C GLN A 59 13.43 -9.69 2.58
N VAL A 60 12.50 -8.79 2.32
CA VAL A 60 12.84 -7.45 1.87
C VAL A 60 13.74 -6.74 2.88
N THR A 61 13.27 -6.65 4.13
CA THR A 61 14.00 -5.98 5.20
C THR A 61 15.18 -6.82 5.72
N ASP A 62 14.89 -8.04 6.12
CA ASP A 62 15.91 -8.93 6.67
C ASP A 62 17.11 -9.08 5.73
N LEU A 63 16.84 -9.40 4.48
CA LEU A 63 17.89 -9.59 3.49
C LEU A 63 18.45 -8.26 2.98
N LYS A 64 17.89 -7.14 3.46
CA LYS A 64 18.36 -5.83 3.03
C LYS A 64 18.43 -5.76 1.52
N LYS A 65 17.29 -5.50 0.89
CA LYS A 65 17.22 -5.41 -0.56
C LYS A 65 16.19 -4.38 -0.98
N TRP A 66 15.87 -3.44 -0.10
CA TRP A 66 14.90 -2.41 -0.42
C TRP A 66 15.33 -1.65 -1.67
N ASN A 67 16.65 -1.54 -1.85
CA ASN A 67 17.21 -0.84 -2.99
C ASN A 67 16.71 -1.42 -4.32
N LYS A 68 16.62 -2.75 -4.38
CA LYS A 68 16.16 -3.42 -5.60
C LYS A 68 14.64 -3.33 -5.75
N LEU A 69 13.92 -3.72 -4.69
CA LEU A 69 12.46 -3.67 -4.72
C LEU A 69 11.99 -2.25 -5.00
N ALA A 70 12.71 -1.26 -4.46
CA ALA A 70 12.38 0.14 -4.67
C ALA A 70 12.71 0.55 -6.10
N ASP A 71 13.82 0.02 -6.62
CA ASP A 71 14.23 0.32 -7.99
C ASP A 71 13.10 0.06 -8.96
N MET A 72 12.45 -1.10 -8.81
CA MET A 72 11.34 -1.47 -9.67
C MET A 72 10.16 -0.52 -9.46
N LEU A 73 10.11 0.10 -8.28
CA LEU A 73 9.04 1.03 -7.94
C LEU A 73 9.27 2.41 -8.58
N ARG A 74 10.38 2.55 -9.30
CA ARG A 74 10.72 3.81 -9.97
C ARG A 74 11.04 4.91 -8.97
N ILE A 75 12.20 4.79 -8.33
CA ILE A 75 12.64 5.78 -7.35
C ILE A 75 14.02 6.32 -7.73
N PRO A 76 14.23 7.65 -7.61
CA PRO A 76 15.50 8.28 -7.95
C PRO A 76 16.65 7.77 -7.09
N LYS A 77 17.61 7.11 -7.74
CA LYS A 77 18.77 6.57 -7.03
C LYS A 77 19.62 7.69 -6.44
N THR A 78 19.45 8.90 -6.97
CA THR A 78 20.21 10.05 -6.49
C THR A 78 19.80 10.42 -5.07
N ALA A 79 18.59 10.05 -4.68
CA ALA A 79 18.09 10.35 -3.35
C ALA A 79 18.91 9.63 -2.28
N GLN A 80 19.67 10.40 -1.50
CA GLN A 80 20.51 9.83 -0.45
C GLN A 80 19.70 9.58 0.83
N ASP A 81 18.40 9.82 0.77
CA ASP A 81 17.53 9.61 1.90
C ASP A 81 16.42 8.61 1.56
N ARG A 82 16.22 8.37 0.27
CA ARG A 82 15.19 7.45 -0.19
C ARG A 82 15.31 6.09 0.49
N LEU A 83 16.55 5.69 0.81
CA LEU A 83 16.79 4.41 1.45
C LEU A 83 16.29 4.41 2.90
N ALA A 84 16.75 5.37 3.69
CA ALA A 84 16.35 5.47 5.08
C ALA A 84 14.91 5.92 5.23
N LYS A 85 14.49 6.86 4.36
CA LYS A 85 13.13 7.37 4.39
C LYS A 85 12.16 6.25 4.06
N LEU A 86 12.56 5.38 3.14
CA LEU A 86 11.75 4.25 2.72
C LEU A 86 11.56 3.26 3.86
N GLN A 87 12.66 2.91 4.52
CA GLN A 87 12.62 1.97 5.64
C GLN A 87 11.64 2.42 6.71
N GLU A 88 11.72 3.68 7.09
CA GLU A 88 10.84 4.24 8.11
C GLU A 88 9.45 4.53 7.54
N ALA A 89 9.40 4.84 6.25
CA ALA A 89 8.14 5.14 5.58
C ALA A 89 7.24 3.91 5.48
N TYR A 90 7.84 2.76 5.25
CA TYR A 90 7.09 1.52 5.14
C TYR A 90 6.86 0.91 6.52
N CYS A 91 7.85 1.07 7.40
CA CYS A 91 7.76 0.54 8.75
C CYS A 91 6.65 1.21 9.52
N GLN A 92 6.38 2.47 9.19
CA GLN A 92 5.32 3.23 9.87
C GLN A 92 4.02 3.21 9.07
N TYR A 93 4.05 2.60 7.89
CA TYR A 93 2.86 2.52 7.04
C TYR A 93 2.42 1.08 6.82
N LEU A 94 3.12 0.38 5.92
CA LEU A 94 2.79 -1.01 5.62
C LEU A 94 2.86 -1.89 6.86
N LEU A 95 3.93 -1.73 7.64
CA LEU A 95 4.11 -2.51 8.85
C LEU A 95 2.91 -2.37 9.78
N SER A 96 2.48 -1.14 10.02
CA SER A 96 1.33 -0.88 10.87
C SER A 96 0.12 -1.66 10.39
N TYR A 97 -0.24 -1.45 9.12
CA TYR A 97 -1.38 -2.13 8.51
C TYR A 97 -1.36 -3.64 8.80
N ASP A 98 -0.18 -4.24 8.79
CA ASP A 98 -0.05 -5.67 9.05
C ASP A 98 0.33 -5.96 10.50
N SER A 99 0.47 -4.91 11.31
CA SER A 99 0.84 -5.07 12.71
C SER A 99 -0.37 -5.42 13.58
N LEU A 100 -1.58 -5.15 13.08
CA LEU A 100 -2.79 -5.44 13.84
C LEU A 100 -3.34 -6.83 13.51
N SER A 101 -4.48 -7.16 14.10
CA SER A 101 -5.12 -8.45 13.87
C SER A 101 -5.99 -8.41 12.61
N PRO A 102 -6.44 -9.59 12.15
CA PRO A 102 -7.28 -9.71 10.95
C PRO A 102 -8.58 -8.91 11.06
N GLU A 103 -8.97 -8.58 12.30
CA GLU A 103 -10.19 -7.81 12.52
C GLU A 103 -10.12 -6.46 11.82
N GLU A 104 -9.05 -5.72 12.07
CA GLU A 104 -8.86 -4.41 11.46
C GLU A 104 -8.71 -4.53 9.94
N HIS A 105 -8.26 -5.71 9.50
CA HIS A 105 -8.09 -5.95 8.07
C HIS A 105 -9.45 -6.16 7.41
N ARG A 106 -10.22 -7.11 7.94
CA ARG A 106 -11.54 -7.42 7.40
C ARG A 106 -12.49 -6.25 7.57
N ARG A 107 -12.35 -5.51 8.67
CA ARG A 107 -13.22 -4.36 8.94
C ARG A 107 -12.97 -3.24 7.94
N LEU A 108 -11.72 -2.83 7.80
CA LEU A 108 -11.36 -1.76 6.87
C LEU A 108 -11.59 -2.19 5.43
N GLU A 109 -11.33 -3.46 5.14
CA GLU A 109 -11.52 -3.99 3.79
C GLU A 109 -13.01 -4.12 3.48
N LYS A 110 -13.74 -4.81 4.34
CA LYS A 110 -15.17 -5.02 4.15
C LYS A 110 -15.89 -3.68 3.99
N GLU A 111 -15.37 -2.64 4.63
CA GLU A 111 -15.97 -1.32 4.55
C GLU A 111 -15.75 -0.71 3.16
N VAL A 112 -14.48 -0.63 2.77
CA VAL A 112 -14.14 -0.07 1.46
C VAL A 112 -14.72 -0.91 0.33
N LEU A 113 -14.49 -2.21 0.40
CA LEU A 113 -14.96 -3.14 -0.62
C LEU A 113 -16.47 -3.07 -0.79
N MET A 114 -17.20 -2.90 0.32
CA MET A 114 -18.65 -2.83 0.25
C MET A 114 -19.07 -1.47 -0.33
N GLU A 115 -18.37 -0.43 0.07
CA GLU A 115 -18.68 0.92 -0.40
C GLU A 115 -18.55 1.01 -1.92
N LYS A 116 -17.65 0.22 -2.49
CA LYS A 116 -17.43 0.22 -3.92
C LYS A 116 -18.39 -0.73 -4.64
N GLU A 117 -18.61 -1.90 -4.04
CA GLU A 117 -19.51 -2.89 -4.61
C GLU A 117 -20.97 -2.44 -4.54
N ILE A 118 -21.39 -2.02 -3.36
CA ILE A 118 -22.76 -1.55 -3.15
C ILE A 118 -22.90 -0.06 -3.44
N LEU A 119 -21.87 0.54 -4.05
CA LEU A 119 -21.89 1.96 -4.37
C LEU A 119 -23.08 2.30 -5.27
N GLU A 120 -23.30 1.48 -6.29
CA GLU A 120 -24.41 1.69 -7.22
C GLU A 120 -25.75 1.65 -6.50
N LYS A 121 -26.00 0.54 -5.81
CA LYS A 121 -27.25 0.38 -5.07
C LYS A 121 -27.37 1.39 -3.95
N GLY A 1 -14.27 -21.99 -2.82
CA GLY A 1 -15.62 -22.19 -3.40
C GLY A 1 -15.74 -21.71 -4.84
N PRO A 2 -16.60 -22.34 -5.65
CA PRO A 2 -16.77 -21.97 -7.05
C PRO A 2 -17.53 -20.65 -7.21
N LEU A 3 -18.49 -20.42 -6.31
CA LEU A 3 -19.29 -19.20 -6.35
C LEU A 3 -18.43 -17.98 -6.06
N GLY A 4 -18.93 -16.81 -6.46
CA GLY A 4 -18.19 -15.57 -6.25
C GLY A 4 -19.05 -14.35 -6.48
N SER A 5 -19.70 -14.29 -7.64
CA SER A 5 -20.56 -13.16 -7.97
C SER A 5 -19.76 -11.86 -8.03
N LEU A 6 -19.31 -11.50 -9.22
CA LEU A 6 -18.54 -10.27 -9.41
C LEU A 6 -19.41 -9.15 -9.95
N GLY A 7 -18.80 -8.01 -10.24
CA GLY A 7 -19.55 -6.88 -10.76
C GLY A 7 -18.64 -5.76 -11.23
N ARG A 8 -18.57 -4.69 -10.44
CA ARG A 8 -17.75 -3.55 -10.78
C ARG A 8 -16.74 -3.26 -9.67
N ARG A 9 -15.48 -3.35 -10.04
CA ARG A 9 -14.38 -3.11 -9.11
C ARG A 9 -13.32 -2.21 -9.73
N TRP A 10 -12.72 -1.35 -8.92
CA TRP A 10 -11.69 -0.43 -9.40
C TRP A 10 -10.38 -1.16 -9.66
N GLY A 11 -10.31 -2.43 -9.28
CA GLY A 11 -9.09 -3.21 -9.47
C GLY A 11 -8.48 -3.66 -8.16
N PRO A 12 -7.65 -4.72 -8.19
CA PRO A 12 -6.99 -5.25 -6.99
C PRO A 12 -5.96 -4.28 -6.43
N ASN A 13 -5.25 -3.60 -7.33
CA ASN A 13 -4.23 -2.63 -6.93
C ASN A 13 -4.86 -1.42 -6.26
N VAL A 14 -6.06 -1.05 -6.72
CA VAL A 14 -6.78 0.08 -6.17
C VAL A 14 -7.27 -0.24 -4.76
N GLN A 15 -7.79 -1.44 -4.57
CA GLN A 15 -8.28 -1.87 -3.27
C GLN A 15 -7.15 -1.91 -2.25
N ARG A 16 -5.97 -2.33 -2.70
CA ARG A 16 -4.80 -2.40 -1.83
C ARG A 16 -4.43 -1.01 -1.34
N LEU A 17 -4.33 -0.06 -2.25
CA LEU A 17 -3.99 1.31 -1.91
C LEU A 17 -5.11 1.97 -1.10
N ALA A 18 -6.34 1.51 -1.33
CA ALA A 18 -7.50 2.05 -0.61
C ALA A 18 -7.53 1.56 0.83
N CYS A 19 -7.38 0.25 1.01
CA CYS A 19 -7.40 -0.35 2.34
C CYS A 19 -6.31 0.25 3.23
N ILE A 20 -5.09 0.32 2.69
CA ILE A 20 -3.96 0.87 3.44
C ILE A 20 -4.16 2.35 3.72
N LYS A 21 -4.72 3.07 2.75
CA LYS A 21 -4.97 4.49 2.88
C LYS A 21 -5.94 4.77 4.03
N LYS A 22 -7.04 4.01 4.05
CA LYS A 22 -8.05 4.18 5.09
C LYS A 22 -7.49 3.84 6.46
N HIS A 23 -6.67 2.78 6.52
CA HIS A 23 -6.07 2.36 7.77
C HIS A 23 -5.06 3.39 8.27
N LEU A 24 -4.25 3.91 7.36
CA LEU A 24 -3.25 4.90 7.69
C LEU A 24 -3.87 6.11 8.37
N ARG A 25 -4.92 6.66 7.76
CA ARG A 25 -5.61 7.82 8.32
C ARG A 25 -6.19 7.50 9.69
N SER A 26 -6.77 6.30 9.80
CA SER A 26 -7.36 5.87 11.07
C SER A 26 -6.29 5.51 12.09
N GLN A 27 -5.05 5.30 11.62
CA GLN A 27 -3.94 4.96 12.50
C GLN A 27 -3.16 6.20 12.94
N GLY A 28 -3.46 7.35 12.33
CA GLY A 28 -2.78 8.57 12.68
C GLY A 28 -2.03 9.18 11.51
N ILE A 29 -1.94 8.44 10.42
CA ILE A 29 -1.25 8.90 9.22
C ILE A 29 -2.23 9.44 8.19
N THR A 30 -2.30 10.76 8.06
CA THR A 30 -3.20 11.38 7.10
C THR A 30 -2.64 11.28 5.69
N MET A 31 -3.32 10.51 4.84
CA MET A 31 -2.89 10.35 3.46
C MET A 31 -4.04 10.62 2.50
N ASP A 32 -4.92 11.52 2.88
CA ASP A 32 -6.08 11.88 2.06
C ASP A 32 -5.62 12.51 0.74
N GLU A 33 -4.59 13.34 0.81
CA GLU A 33 -4.06 14.01 -0.36
C GLU A 33 -3.42 13.00 -1.32
N LEU A 34 -2.21 12.56 -1.00
CA LEU A 34 -1.50 11.59 -1.84
C LEU A 34 -0.17 11.19 -1.19
N PRO A 35 0.20 9.91 -1.29
CA PRO A 35 1.45 9.40 -0.72
C PRO A 35 2.66 9.73 -1.57
N LEU A 36 3.80 9.94 -0.92
CA LEU A 36 5.04 10.26 -1.62
C LEU A 36 6.23 9.56 -0.98
N ILE A 37 7.22 9.27 -1.81
CA ILE A 37 8.45 8.64 -1.35
C ILE A 37 9.62 9.09 -2.22
N GLY A 38 10.72 9.46 -1.57
CA GLY A 38 11.87 9.93 -2.32
C GLY A 38 11.53 11.04 -3.28
N GLY A 39 10.68 11.96 -2.84
CA GLY A 39 10.30 13.09 -3.67
C GLY A 39 9.40 12.71 -4.83
N CYS A 40 8.97 11.45 -4.89
CA CYS A 40 8.12 10.99 -5.99
C CYS A 40 6.90 10.24 -5.47
N GLU A 41 5.90 10.10 -6.33
CA GLU A 41 4.67 9.39 -5.98
C GLU A 41 4.88 7.89 -6.02
N LEU A 42 4.24 7.18 -5.11
CA LEU A 42 4.35 5.72 -5.04
C LEU A 42 2.99 5.06 -4.84
N ASP A 43 2.82 3.89 -5.44
CA ASP A 43 1.58 3.15 -5.33
C ASP A 43 1.66 2.09 -4.24
N LEU A 44 0.92 2.29 -3.17
CA LEU A 44 0.91 1.35 -2.05
C LEU A 44 0.63 -0.06 -2.53
N ALA A 45 -0.14 -0.17 -3.62
CA ALA A 45 -0.49 -1.48 -4.18
C ALA A 45 0.72 -2.11 -4.86
N CYS A 46 1.45 -1.31 -5.63
CA CYS A 46 2.63 -1.80 -6.33
C CYS A 46 3.75 -2.11 -5.34
N PHE A 47 3.83 -1.32 -4.28
CA PHE A 47 4.85 -1.51 -3.25
C PHE A 47 4.56 -2.76 -2.43
N PHE A 48 3.31 -2.91 -2.00
CA PHE A 48 2.91 -4.07 -1.21
C PHE A 48 3.22 -5.37 -1.95
N ARG A 49 2.78 -5.45 -3.20
CA ARG A 49 3.01 -6.64 -4.02
C ARG A 49 4.50 -6.89 -4.19
N LEU A 50 5.25 -5.82 -4.41
CA LEU A 50 6.70 -5.93 -4.59
C LEU A 50 7.35 -6.64 -3.41
N ILE A 51 7.00 -6.21 -2.20
CA ILE A 51 7.55 -6.81 -0.99
C ILE A 51 7.21 -8.29 -0.92
N ASN A 52 5.96 -8.61 -1.21
CA ASN A 52 5.50 -10.01 -1.18
C ASN A 52 6.29 -10.85 -2.17
N GLU A 53 6.47 -10.32 -3.38
CA GLU A 53 7.20 -11.03 -4.42
C GLU A 53 8.68 -11.18 -4.07
N MET A 54 9.13 -10.43 -3.06
CA MET A 54 10.52 -10.49 -2.63
C MET A 54 10.69 -11.47 -1.47
N GLY A 55 9.95 -12.57 -1.50
CA GLY A 55 10.04 -13.56 -0.45
C GLY A 55 9.57 -13.04 0.89
N GLY A 56 8.45 -12.32 0.89
CA GLY A 56 7.92 -11.77 2.13
C GLY A 56 8.60 -10.48 2.52
N MET A 57 8.07 -9.83 3.55
CA MET A 57 8.62 -8.58 4.04
C MET A 57 9.93 -8.81 4.78
N GLN A 58 10.05 -9.95 5.42
CA GLN A 58 11.26 -10.29 6.17
C GLN A 58 12.50 -10.23 5.28
N GLN A 59 12.39 -10.79 4.08
CA GLN A 59 13.51 -10.80 3.14
C GLN A 59 13.86 -9.38 2.71
N VAL A 60 12.87 -8.63 2.25
CA VAL A 60 13.06 -7.25 1.81
C VAL A 60 13.86 -6.44 2.84
N THR A 61 13.34 -6.40 4.08
CA THR A 61 13.97 -5.64 5.16
C THR A 61 15.22 -6.31 5.74
N ASP A 62 15.11 -7.59 6.10
CA ASP A 62 16.23 -8.31 6.72
C ASP A 62 17.44 -8.44 5.81
N LEU A 63 17.23 -8.91 4.58
CA LEU A 63 18.33 -9.09 3.64
C LEU A 63 18.78 -7.77 3.02
N LYS A 64 18.18 -6.66 3.45
CA LYS A 64 18.55 -5.35 2.92
C LYS A 64 18.58 -5.37 1.40
N LYS A 65 17.42 -5.17 0.80
CA LYS A 65 17.30 -5.17 -0.65
C LYS A 65 16.24 -4.19 -1.12
N TRP A 66 15.91 -3.20 -0.29
CA TRP A 66 14.91 -2.22 -0.67
C TRP A 66 15.34 -1.49 -1.94
N ASN A 67 16.65 -1.40 -2.14
CA ASN A 67 17.22 -0.73 -3.30
C ASN A 67 16.66 -1.30 -4.61
N LYS A 68 16.58 -2.62 -4.70
CA LYS A 68 16.08 -3.27 -5.91
C LYS A 68 14.56 -3.20 -6.00
N LEU A 69 13.89 -3.61 -4.92
CA LEU A 69 12.43 -3.59 -4.89
C LEU A 69 11.93 -2.17 -5.19
N ALA A 70 12.61 -1.17 -4.63
CA ALA A 70 12.25 0.23 -4.85
C ALA A 70 12.60 0.66 -6.27
N ASP A 71 13.69 0.13 -6.80
CA ASP A 71 14.12 0.46 -8.15
C ASP A 71 12.99 0.23 -9.15
N MET A 72 12.35 -0.94 -9.04
CA MET A 72 11.24 -1.28 -9.93
C MET A 72 10.04 -0.36 -9.68
N LEU A 73 10.02 0.29 -8.51
CA LEU A 73 8.92 1.19 -8.16
C LEU A 73 9.11 2.57 -8.80
N ARG A 74 10.21 2.76 -9.51
CA ARG A 74 10.50 4.04 -10.17
C ARG A 74 10.90 5.12 -9.17
N ILE A 75 12.10 4.99 -8.62
CA ILE A 75 12.61 5.95 -7.65
C ILE A 75 14.06 6.33 -7.99
N PRO A 76 14.41 7.63 -7.88
CA PRO A 76 15.76 8.11 -8.18
C PRO A 76 16.83 7.51 -7.27
N LYS A 77 17.84 6.90 -7.88
CA LYS A 77 18.93 6.29 -7.14
C LYS A 77 19.81 7.35 -6.47
N THR A 78 19.78 8.56 -7.02
CA THR A 78 20.57 9.66 -6.49
C THR A 78 20.10 10.06 -5.09
N ALA A 79 18.85 9.76 -4.78
CA ALA A 79 18.29 10.10 -3.48
C ALA A 79 18.88 9.20 -2.40
N GLN A 80 19.72 9.78 -1.54
CA GLN A 80 20.35 9.02 -0.47
C GLN A 80 19.33 8.64 0.61
N ASP A 81 18.84 9.64 1.34
CA ASP A 81 17.88 9.41 2.40
C ASP A 81 16.67 8.61 1.92
N ARG A 82 16.46 8.56 0.61
CA ARG A 82 15.35 7.81 0.04
C ARG A 82 15.30 6.39 0.61
N LEU A 83 16.48 5.82 0.88
CA LEU A 83 16.57 4.48 1.42
C LEU A 83 16.08 4.44 2.86
N ALA A 84 16.55 5.38 3.68
CA ALA A 84 16.16 5.44 5.08
C ALA A 84 14.73 5.94 5.23
N LYS A 85 14.34 6.88 4.40
CA LYS A 85 12.99 7.43 4.44
C LYS A 85 11.97 6.33 4.14
N LEU A 86 12.31 5.49 3.17
CA LEU A 86 11.44 4.38 2.79
C LEU A 86 11.34 3.36 3.91
N GLN A 87 12.48 3.05 4.52
CA GLN A 87 12.53 2.08 5.62
C GLN A 87 11.57 2.49 6.74
N GLU A 88 11.62 3.76 7.11
CA GLU A 88 10.76 4.29 8.15
C GLU A 88 9.34 4.52 7.62
N ALA A 89 9.24 4.81 6.32
CA ALA A 89 7.96 5.06 5.69
C ALA A 89 7.11 3.78 5.64
N TYR A 90 7.75 2.66 5.33
CA TYR A 90 7.04 1.39 5.24
C TYR A 90 6.89 0.76 6.63
N CYS A 91 7.87 1.02 7.48
CA CYS A 91 7.86 0.48 8.85
C CYS A 91 6.74 1.10 9.66
N GLN A 92 6.40 2.34 9.35
CA GLN A 92 5.34 3.04 10.07
C GLN A 92 4.02 3.05 9.29
N TYR A 93 4.03 2.47 8.09
CA TYR A 93 2.82 2.43 7.26
C TYR A 93 2.34 1.00 7.04
N LEU A 94 2.98 0.29 6.12
CA LEU A 94 2.61 -1.08 5.79
C LEU A 94 2.79 -2.02 6.99
N LEU A 95 3.85 -1.81 7.76
CA LEU A 95 4.13 -2.65 8.92
C LEU A 95 2.91 -2.75 9.84
N SER A 96 2.40 -1.61 10.28
CA SER A 96 1.25 -1.58 11.16
C SER A 96 0.07 -2.35 10.56
N TYR A 97 -0.24 -2.06 9.31
CA TYR A 97 -1.34 -2.72 8.61
C TYR A 97 -1.10 -4.22 8.48
N ASP A 98 0.17 -4.62 8.43
CA ASP A 98 0.53 -6.02 8.30
C ASP A 98 0.85 -6.65 9.65
N SER A 99 0.80 -5.85 10.72
CA SER A 99 1.09 -6.34 12.06
C SER A 99 -0.15 -6.36 12.94
N LEU A 100 -1.17 -5.61 12.54
CA LEU A 100 -2.41 -5.55 13.31
C LEU A 100 -3.22 -6.83 13.15
N SER A 101 -4.33 -6.93 13.88
CA SER A 101 -5.18 -8.11 13.81
C SER A 101 -5.99 -8.14 12.52
N PRO A 102 -6.61 -9.29 12.20
CA PRO A 102 -7.42 -9.44 10.98
C PRO A 102 -8.70 -8.62 11.04
N GLU A 103 -9.18 -8.38 12.26
CA GLU A 103 -10.41 -7.60 12.45
C GLU A 103 -10.31 -6.26 11.71
N GLU A 104 -9.22 -5.56 11.93
CA GLU A 104 -9.00 -4.26 11.28
C GLU A 104 -9.03 -4.39 9.77
N HIS A 105 -8.70 -5.58 9.27
CA HIS A 105 -8.70 -5.82 7.83
C HIS A 105 -10.13 -5.98 7.31
N ARG A 106 -10.87 -6.89 7.93
CA ARG A 106 -12.25 -7.15 7.54
C ARG A 106 -13.11 -5.90 7.66
N ARG A 107 -12.98 -5.19 8.78
CA ARG A 107 -13.76 -3.98 9.02
C ARG A 107 -13.39 -2.88 8.02
N LEU A 108 -12.11 -2.55 7.94
CA LEU A 108 -11.65 -1.52 7.02
C LEU A 108 -11.94 -1.89 5.58
N GLU A 109 -11.67 -3.15 5.23
CA GLU A 109 -11.92 -3.63 3.89
C GLU A 109 -13.41 -3.61 3.59
N LYS A 110 -14.19 -4.25 4.45
CA LYS A 110 -15.64 -4.30 4.26
C LYS A 110 -16.22 -2.91 4.00
N GLU A 111 -15.63 -1.89 4.63
CA GLU A 111 -16.10 -0.52 4.44
C GLU A 111 -15.80 -0.05 3.02
N VAL A 112 -14.55 -0.13 2.63
CA VAL A 112 -14.13 0.28 1.29
C VAL A 112 -14.80 -0.57 0.22
N LEU A 113 -14.64 -1.88 0.32
CA LEU A 113 -15.21 -2.82 -0.63
C LEU A 113 -16.68 -2.55 -0.88
N MET A 114 -17.44 -2.28 0.17
CA MET A 114 -18.86 -2.00 0.01
C MET A 114 -19.04 -0.60 -0.59
N GLU A 115 -18.24 0.34 -0.10
CA GLU A 115 -18.31 1.72 -0.58
C GLU A 115 -18.10 1.80 -2.09
N LYS A 116 -17.33 0.87 -2.63
CA LYS A 116 -17.05 0.84 -4.07
C LYS A 116 -18.14 0.09 -4.83
N GLU A 117 -18.63 -0.99 -4.25
CA GLU A 117 -19.67 -1.79 -4.88
C GLU A 117 -21.02 -1.07 -4.88
N ILE A 118 -21.40 -0.57 -3.70
CA ILE A 118 -22.65 0.16 -3.55
C ILE A 118 -22.48 1.65 -3.84
N LEU A 119 -21.33 2.03 -4.39
CA LEU A 119 -21.06 3.42 -4.70
C LEU A 119 -22.10 3.98 -5.66
N GLU A 120 -22.35 3.25 -6.75
CA GLU A 120 -23.32 3.68 -7.75
C GLU A 120 -24.75 3.54 -7.22
N LYS A 121 -25.03 2.40 -6.60
CA LYS A 121 -26.36 2.14 -6.04
C LYS A 121 -26.60 2.99 -4.80
N GLY A 1 -34.95 -0.18 -15.72
CA GLY A 1 -34.37 1.08 -15.20
C GLY A 1 -32.87 0.98 -14.99
N PRO A 2 -32.32 1.74 -14.02
CA PRO A 2 -30.89 1.72 -13.72
C PRO A 2 -30.44 0.39 -13.11
N LEU A 3 -31.36 -0.27 -12.42
CA LEU A 3 -31.05 -1.55 -11.78
C LEU A 3 -30.76 -2.62 -12.83
N GLY A 4 -30.24 -3.75 -12.37
CA GLY A 4 -29.93 -4.85 -13.28
C GLY A 4 -28.71 -4.56 -14.13
N SER A 5 -27.65 -4.06 -13.48
CA SER A 5 -26.41 -3.74 -14.18
C SER A 5 -25.24 -3.70 -13.21
N LEU A 6 -24.98 -4.81 -12.55
CA LEU A 6 -23.89 -4.91 -11.59
C LEU A 6 -22.54 -5.05 -12.31
N GLY A 7 -21.46 -4.95 -11.55
CA GLY A 7 -20.14 -5.08 -12.12
C GLY A 7 -19.36 -3.78 -12.09
N ARG A 8 -18.96 -3.36 -10.89
CA ARG A 8 -18.20 -2.12 -10.72
C ARG A 8 -17.09 -2.32 -9.70
N ARG A 9 -15.87 -2.09 -10.15
CA ARG A 9 -14.71 -2.23 -9.29
C ARG A 9 -13.53 -1.42 -9.83
N TRP A 10 -12.96 -0.57 -8.97
CA TRP A 10 -11.84 0.26 -9.38
C TRP A 10 -10.61 -0.59 -9.73
N GLY A 11 -10.63 -1.85 -9.30
CA GLY A 11 -9.52 -2.74 -9.59
C GLY A 11 -8.84 -3.25 -8.34
N PRO A 12 -8.00 -4.30 -8.45
CA PRO A 12 -7.29 -4.86 -7.29
C PRO A 12 -6.25 -3.90 -6.73
N ASN A 13 -5.60 -3.15 -7.61
CA ASN A 13 -4.59 -2.19 -7.20
C ASN A 13 -5.21 -1.08 -6.37
N VAL A 14 -6.37 -0.60 -6.79
CA VAL A 14 -7.06 0.46 -6.08
C VAL A 14 -7.59 -0.03 -4.74
N GLN A 15 -8.04 -1.28 -4.70
CA GLN A 15 -8.56 -1.87 -3.48
C GLN A 15 -7.47 -1.93 -2.41
N ARG A 16 -6.26 -2.31 -2.81
CA ARG A 16 -5.14 -2.40 -1.89
C ARG A 16 -4.77 -1.02 -1.35
N LEU A 17 -4.67 -0.05 -2.24
CA LEU A 17 -4.33 1.32 -1.85
C LEU A 17 -5.45 1.94 -1.01
N ALA A 18 -6.68 1.47 -1.22
CA ALA A 18 -7.83 1.98 -0.49
C ALA A 18 -7.84 1.49 0.95
N CYS A 19 -7.76 0.18 1.12
CA CYS A 19 -7.77 -0.42 2.46
C CYS A 19 -6.61 0.12 3.30
N ILE A 20 -5.44 0.25 2.68
CA ILE A 20 -4.26 0.77 3.38
C ILE A 20 -4.43 2.24 3.70
N LYS A 21 -4.94 3.00 2.74
CA LYS A 21 -5.16 4.43 2.92
C LYS A 21 -6.14 4.70 4.06
N LYS A 22 -7.23 3.92 4.08
CA LYS A 22 -8.23 4.07 5.12
C LYS A 22 -7.65 3.77 6.50
N HIS A 23 -6.84 2.72 6.58
CA HIS A 23 -6.22 2.34 7.84
C HIS A 23 -5.21 3.39 8.29
N LEU A 24 -4.42 3.89 7.34
CA LEU A 24 -3.41 4.89 7.64
C LEU A 24 -4.02 6.11 8.33
N ARG A 25 -5.10 6.64 7.75
CA ARG A 25 -5.75 7.80 8.31
C ARG A 25 -6.34 7.49 9.68
N SER A 26 -6.93 6.30 9.82
CA SER A 26 -7.52 5.88 11.08
C SER A 26 -6.44 5.52 12.11
N GLN A 27 -5.21 5.32 11.63
CA GLN A 27 -4.10 4.97 12.51
C GLN A 27 -3.31 6.20 12.94
N GLY A 28 -3.59 7.34 12.31
CA GLY A 28 -2.89 8.57 12.66
C GLY A 28 -2.14 9.16 11.48
N ILE A 29 -2.02 8.38 10.41
CA ILE A 29 -1.32 8.82 9.21
C ILE A 29 -2.29 9.42 8.20
N THR A 30 -2.29 10.74 8.09
CA THR A 30 -3.17 11.43 7.15
C THR A 30 -2.59 11.41 5.74
N MET A 31 -3.21 10.63 4.85
CA MET A 31 -2.75 10.52 3.47
C MET A 31 -3.84 10.98 2.50
N ASP A 32 -4.68 11.89 2.96
CA ASP A 32 -5.76 12.42 2.13
C ASP A 32 -5.20 13.23 0.97
N GLU A 33 -4.07 13.87 1.19
CA GLU A 33 -3.43 14.68 0.15
C GLU A 33 -2.81 13.79 -0.92
N LEU A 34 -1.64 13.24 -0.62
CA LEU A 34 -0.94 12.37 -1.56
C LEU A 34 0.36 11.85 -0.95
N PRO A 35 0.57 10.51 -0.96
CA PRO A 35 1.78 9.90 -0.40
C PRO A 35 2.97 10.07 -1.32
N LEU A 36 4.09 10.52 -0.77
CA LEU A 36 5.31 10.73 -1.55
C LEU A 36 6.49 9.98 -0.92
N ILE A 37 7.44 9.62 -1.76
CA ILE A 37 8.65 8.93 -1.32
C ILE A 37 9.80 9.29 -2.24
N GLY A 38 10.95 9.62 -1.63
CA GLY A 38 12.11 9.98 -2.43
C GLY A 38 11.79 11.11 -3.40
N GLY A 39 10.99 12.07 -2.94
CA GLY A 39 10.63 13.20 -3.79
C GLY A 39 9.70 12.84 -4.93
N CYS A 40 9.20 11.60 -4.94
CA CYS A 40 8.31 11.17 -6.01
C CYS A 40 7.10 10.44 -5.46
N GLU A 41 6.08 10.28 -6.31
CA GLU A 41 4.85 9.60 -5.92
C GLU A 41 5.05 8.09 -5.97
N LEU A 42 4.38 7.38 -5.05
CA LEU A 42 4.49 5.93 -4.99
C LEU A 42 3.12 5.28 -4.81
N ASP A 43 2.94 4.11 -5.42
CA ASP A 43 1.68 3.38 -5.33
C ASP A 43 1.74 2.32 -4.24
N LEU A 44 0.98 2.51 -3.17
CA LEU A 44 0.94 1.57 -2.06
C LEU A 44 0.65 0.16 -2.54
N ALA A 45 -0.19 0.05 -3.57
CA ALA A 45 -0.56 -1.24 -4.13
C ALA A 45 0.63 -1.90 -4.82
N CYS A 46 1.34 -1.13 -5.63
CA CYS A 46 2.50 -1.64 -6.35
C CYS A 46 3.63 -1.93 -5.39
N PHE A 47 3.79 -1.08 -4.38
CA PHE A 47 4.84 -1.24 -3.39
C PHE A 47 4.57 -2.46 -2.50
N PHE A 48 3.33 -2.57 -2.02
CA PHE A 48 2.94 -3.68 -1.17
C PHE A 48 3.12 -5.02 -1.89
N ARG A 49 2.56 -5.10 -3.10
CA ARG A 49 2.65 -6.32 -3.90
C ARG A 49 4.11 -6.73 -4.10
N LEU A 50 4.96 -5.76 -4.40
CA LEU A 50 6.38 -6.02 -4.63
C LEU A 50 7.01 -6.70 -3.41
N ILE A 51 6.75 -6.15 -2.23
CA ILE A 51 7.30 -6.70 -1.00
C ILE A 51 6.90 -8.18 -0.84
N ASN A 52 5.63 -8.46 -1.09
CA ASN A 52 5.11 -9.82 -0.98
C ASN A 52 5.81 -10.75 -1.97
N GLU A 53 5.94 -10.28 -3.21
CA GLU A 53 6.60 -11.06 -4.26
C GLU A 53 8.08 -11.24 -3.97
N MET A 54 8.60 -10.47 -3.02
CA MET A 54 10.02 -10.56 -2.66
C MET A 54 10.22 -11.49 -1.46
N GLY A 55 9.43 -12.55 -1.39
CA GLY A 55 9.54 -13.49 -0.30
C GLY A 55 9.07 -12.91 1.02
N GLY A 56 8.05 -12.06 0.97
CA GLY A 56 7.52 -11.46 2.17
C GLY A 56 8.30 -10.21 2.57
N MET A 57 7.80 -9.51 3.58
CA MET A 57 8.43 -8.29 4.07
C MET A 57 9.73 -8.61 4.80
N GLN A 58 9.79 -9.79 5.41
CA GLN A 58 10.97 -10.21 6.15
C GLN A 58 12.22 -10.19 5.26
N GLN A 59 12.08 -10.69 4.04
CA GLN A 59 13.21 -10.72 3.11
C GLN A 59 13.61 -9.30 2.70
N VAL A 60 12.64 -8.53 2.23
CA VAL A 60 12.89 -7.15 1.81
C VAL A 60 13.68 -6.37 2.87
N THR A 61 13.15 -6.34 4.08
CA THR A 61 13.77 -5.60 5.19
C THR A 61 14.99 -6.31 5.79
N ASP A 62 14.86 -7.60 6.11
CA ASP A 62 15.95 -8.34 6.74
C ASP A 62 17.17 -8.50 5.84
N LEU A 63 16.94 -8.97 4.61
CA LEU A 63 18.04 -9.17 3.67
C LEU A 63 18.52 -7.86 3.06
N LYS A 64 17.94 -6.74 3.49
CA LYS A 64 18.32 -5.44 2.97
C LYS A 64 18.34 -5.45 1.45
N LYS A 65 17.17 -5.24 0.85
CA LYS A 65 17.05 -5.24 -0.59
C LYS A 65 16.02 -4.22 -1.06
N TRP A 66 15.74 -3.23 -0.23
CA TRP A 66 14.77 -2.20 -0.60
C TRP A 66 15.23 -1.48 -1.88
N ASN A 67 16.55 -1.43 -2.07
CA ASN A 67 17.14 -0.79 -3.23
C ASN A 67 16.58 -1.35 -4.54
N LYS A 68 16.48 -2.67 -4.62
CA LYS A 68 15.97 -3.33 -5.83
C LYS A 68 14.45 -3.22 -5.93
N LEU A 69 13.76 -3.60 -4.87
CA LEU A 69 12.30 -3.54 -4.86
C LEU A 69 11.84 -2.11 -5.17
N ALA A 70 12.53 -1.12 -4.60
CA ALA A 70 12.20 0.28 -4.83
C ALA A 70 12.59 0.69 -6.25
N ASP A 71 13.68 0.11 -6.75
CA ASP A 71 14.16 0.42 -8.09
C ASP A 71 13.04 0.22 -9.11
N MET A 72 12.35 -0.91 -8.99
CA MET A 72 11.24 -1.22 -9.89
C MET A 72 10.09 -0.23 -9.71
N LEU A 73 10.06 0.42 -8.55
CA LEU A 73 9.02 1.40 -8.24
C LEU A 73 9.31 2.75 -8.90
N ARG A 74 10.44 2.84 -9.60
CA ARG A 74 10.84 4.08 -10.28
C ARG A 74 11.29 5.14 -9.29
N ILE A 75 12.46 4.93 -8.70
CA ILE A 75 13.02 5.87 -7.72
C ILE A 75 14.49 6.15 -8.03
N PRO A 76 14.93 7.41 -7.93
CA PRO A 76 16.32 7.79 -8.20
C PRO A 76 17.31 7.11 -7.27
N LYS A 77 18.29 6.44 -7.86
CA LYS A 77 19.32 5.74 -7.09
C LYS A 77 20.25 6.73 -6.39
N THR A 78 20.36 7.92 -6.97
CA THR A 78 21.22 8.97 -6.42
C THR A 78 20.71 9.43 -5.05
N ALA A 79 19.41 9.26 -4.81
CA ALA A 79 18.82 9.66 -3.54
C ALA A 79 19.32 8.77 -2.40
N GLN A 80 20.15 9.35 -1.53
CA GLN A 80 20.69 8.61 -0.41
C GLN A 80 19.62 8.34 0.65
N ASP A 81 19.16 9.41 1.31
CA ASP A 81 18.14 9.28 2.35
C ASP A 81 16.93 8.51 1.85
N ARG A 82 16.74 8.46 0.53
CA ARG A 82 15.62 7.73 -0.05
C ARG A 82 15.51 6.32 0.54
N LEU A 83 16.65 5.73 0.83
CA LEU A 83 16.69 4.38 1.39
C LEU A 83 16.19 4.38 2.84
N ALA A 84 16.69 5.32 3.64
CA ALA A 84 16.30 5.43 5.04
C ALA A 84 14.87 5.96 5.18
N LYS A 85 14.51 6.92 4.34
CA LYS A 85 13.18 7.50 4.36
C LYS A 85 12.13 6.44 4.07
N LEU A 86 12.44 5.59 3.10
CA LEU A 86 11.54 4.51 2.70
C LEU A 86 11.42 3.49 3.82
N GLN A 87 12.54 3.13 4.42
CA GLN A 87 12.57 2.15 5.51
C GLN A 87 11.62 2.56 6.63
N GLU A 88 11.70 3.84 7.01
CA GLU A 88 10.85 4.37 8.07
C GLU A 88 9.44 4.64 7.57
N ALA A 89 9.33 4.95 6.27
CA ALA A 89 8.04 5.23 5.67
C ALA A 89 7.15 3.99 5.61
N TYR A 90 7.76 2.85 5.32
CA TYR A 90 7.03 1.59 5.24
C TYR A 90 6.89 0.97 6.62
N CYS A 91 7.90 1.18 7.47
CA CYS A 91 7.91 0.65 8.81
C CYS A 91 6.80 1.29 9.65
N GLN A 92 6.45 2.53 9.32
CA GLN A 92 5.41 3.25 10.05
C GLN A 92 4.09 3.24 9.27
N TYR A 93 4.09 2.66 8.08
CA TYR A 93 2.89 2.61 7.25
C TYR A 93 2.41 1.17 7.03
N LEU A 94 3.06 0.47 6.11
CA LEU A 94 2.69 -0.91 5.78
C LEU A 94 2.86 -1.83 6.98
N LEU A 95 3.93 -1.63 7.74
CA LEU A 95 4.21 -2.45 8.92
C LEU A 95 2.98 -2.59 9.81
N SER A 96 2.45 -1.45 10.25
CA SER A 96 1.28 -1.43 11.11
C SER A 96 0.12 -2.22 10.49
N TYR A 97 -0.14 -1.97 9.21
CA TYR A 97 -1.24 -2.64 8.51
C TYR A 97 -0.96 -4.14 8.36
N ASP A 98 0.32 -4.51 8.27
CA ASP A 98 0.70 -5.90 8.11
C ASP A 98 1.05 -6.55 9.45
N SER A 99 0.96 -5.79 10.53
CA SER A 99 1.27 -6.31 11.87
C SER A 99 0.05 -6.29 12.78
N LEU A 100 -0.98 -5.53 12.38
CA LEU A 100 -2.20 -5.43 13.18
C LEU A 100 -3.02 -6.71 13.08
N SER A 101 -4.11 -6.77 13.83
CA SER A 101 -4.99 -7.93 13.82
C SER A 101 -5.79 -7.99 12.52
N PRO A 102 -6.40 -9.16 12.23
CA PRO A 102 -7.20 -9.34 11.01
C PRO A 102 -8.47 -8.50 11.03
N GLU A 103 -9.00 -8.27 12.24
CA GLU A 103 -10.21 -7.47 12.41
C GLU A 103 -10.12 -6.16 11.63
N GLU A 104 -9.01 -5.45 11.82
CA GLU A 104 -8.78 -4.18 11.14
C GLU A 104 -8.82 -4.36 9.63
N HIS A 105 -8.44 -5.55 9.17
CA HIS A 105 -8.45 -5.85 7.75
C HIS A 105 -9.87 -6.11 7.26
N ARG A 106 -10.55 -7.02 7.92
CA ARG A 106 -11.93 -7.37 7.56
C ARG A 106 -12.84 -6.15 7.66
N ARG A 107 -12.77 -5.43 8.77
CA ARG A 107 -13.60 -4.26 9.00
C ARG A 107 -13.30 -3.16 7.98
N LEU A 108 -12.04 -2.77 7.89
CA LEU A 108 -11.62 -1.72 6.95
C LEU A 108 -11.89 -2.14 5.51
N GLU A 109 -11.57 -3.38 5.19
CA GLU A 109 -11.79 -3.88 3.84
C GLU A 109 -13.27 -3.97 3.52
N LYS A 110 -14.02 -4.66 4.38
CA LYS A 110 -15.46 -4.82 4.19
C LYS A 110 -16.14 -3.47 3.96
N GLU A 111 -15.62 -2.43 4.59
CA GLU A 111 -16.18 -1.09 4.45
C GLU A 111 -15.93 -0.55 3.04
N VAL A 112 -14.66 -0.52 2.66
CA VAL A 112 -14.27 -0.03 1.35
C VAL A 112 -14.85 -0.91 0.24
N LEU A 113 -14.57 -2.20 0.31
CA LEU A 113 -15.04 -3.15 -0.68
C LEU A 113 -16.55 -3.03 -0.93
N MET A 114 -17.32 -2.87 0.14
CA MET A 114 -18.76 -2.74 0.00
C MET A 114 -19.10 -1.38 -0.58
N GLU A 115 -18.39 -0.34 -0.12
CA GLU A 115 -18.61 1.02 -0.59
C GLU A 115 -18.58 1.09 -2.11
N LYS A 116 -17.68 0.32 -2.72
CA LYS A 116 -17.53 0.31 -4.17
C LYS A 116 -18.49 -0.69 -4.81
N GLU A 117 -18.58 -1.88 -4.24
CA GLU A 117 -19.46 -2.93 -4.76
C GLU A 117 -20.91 -2.47 -4.75
N ILE A 118 -21.40 -2.07 -3.58
CA ILE A 118 -22.77 -1.60 -3.44
C ILE A 118 -22.90 -0.11 -3.70
N LEU A 119 -21.84 0.50 -4.25
CA LEU A 119 -21.84 1.93 -4.54
C LEU A 119 -23.11 2.33 -5.31
N GLU A 120 -23.62 1.41 -6.12
CA GLU A 120 -24.82 1.68 -6.90
C GLU A 120 -26.01 1.98 -6.00
N LYS A 121 -26.18 1.16 -4.96
CA LYS A 121 -27.27 1.34 -4.01
C LYS A 121 -26.96 2.46 -3.02
N GLY A 1 -11.05 12.99 -20.39
CA GLY A 1 -12.36 12.31 -20.17
C GLY A 1 -12.91 12.56 -18.78
N PRO A 2 -14.05 13.25 -18.65
CA PRO A 2 -14.66 13.54 -17.35
C PRO A 2 -14.82 12.29 -16.49
N LEU A 3 -15.30 11.22 -17.11
CA LEU A 3 -15.49 9.95 -16.40
C LEU A 3 -14.18 9.20 -16.25
N GLY A 4 -14.17 8.20 -15.37
CA GLY A 4 -12.97 7.41 -15.15
C GLY A 4 -13.25 5.92 -15.10
N SER A 5 -12.55 5.22 -14.21
CA SER A 5 -12.73 3.79 -14.06
C SER A 5 -13.70 3.47 -12.92
N LEU A 6 -15.00 3.61 -13.18
CA LEU A 6 -16.02 3.34 -12.18
C LEU A 6 -17.07 2.38 -12.72
N GLY A 7 -18.00 1.99 -11.86
CA GLY A 7 -19.06 1.07 -12.27
C GLY A 7 -19.02 -0.23 -11.49
N ARG A 8 -17.86 -0.88 -11.48
CA ARG A 8 -17.70 -2.15 -10.77
C ARG A 8 -16.46 -2.09 -9.87
N ARG A 9 -15.79 -3.23 -9.72
CA ARG A 9 -14.59 -3.29 -8.89
C ARG A 9 -13.50 -2.37 -9.43
N TRP A 10 -13.06 -1.43 -8.60
CA TRP A 10 -12.02 -0.49 -8.99
C TRP A 10 -10.70 -1.21 -9.30
N GLY A 11 -10.58 -2.44 -8.83
CA GLY A 11 -9.37 -3.22 -9.06
C GLY A 11 -8.67 -3.59 -7.77
N PRO A 12 -7.79 -4.61 -7.79
CA PRO A 12 -7.06 -5.05 -6.60
C PRO A 12 -6.06 -4.01 -6.12
N ASN A 13 -5.49 -3.27 -7.07
CA ASN A 13 -4.51 -2.24 -6.74
C ASN A 13 -5.18 -1.08 -6.01
N VAL A 14 -6.42 -0.79 -6.38
CA VAL A 14 -7.17 0.30 -5.75
C VAL A 14 -7.56 -0.08 -4.33
N GLN A 15 -8.06 -1.30 -4.16
CA GLN A 15 -8.46 -1.79 -2.85
C GLN A 15 -7.27 -1.77 -1.89
N ARG A 16 -6.10 -2.10 -2.41
CA ARG A 16 -4.89 -2.11 -1.60
C ARG A 16 -4.58 -0.70 -1.09
N LEU A 17 -4.58 0.26 -2.00
CA LEU A 17 -4.31 1.65 -1.65
C LEU A 17 -5.44 2.22 -0.80
N ALA A 18 -6.64 1.69 -1.00
CA ALA A 18 -7.82 2.15 -0.27
C ALA A 18 -7.76 1.67 1.19
N CYS A 19 -7.54 0.38 1.37
CA CYS A 19 -7.47 -0.20 2.71
C CYS A 19 -6.38 0.48 3.54
N ILE A 20 -5.20 0.63 2.95
CA ILE A 20 -4.08 1.27 3.64
C ILE A 20 -4.41 2.73 3.95
N LYS A 21 -5.10 3.39 3.03
CA LYS A 21 -5.48 4.79 3.19
C LYS A 21 -6.43 4.95 4.38
N LYS A 22 -7.45 4.10 4.44
CA LYS A 22 -8.43 4.15 5.52
C LYS A 22 -7.75 3.92 6.86
N HIS A 23 -6.80 3.00 6.90
CA HIS A 23 -6.08 2.68 8.13
C HIS A 23 -5.14 3.83 8.52
N LEU A 24 -4.45 4.37 7.53
CA LEU A 24 -3.51 5.47 7.78
C LEU A 24 -4.21 6.66 8.43
N ARG A 25 -5.33 7.08 7.85
CA ARG A 25 -6.08 8.20 8.38
C ARG A 25 -6.60 7.90 9.77
N SER A 26 -7.14 6.69 9.95
CA SER A 26 -7.67 6.28 11.25
C SER A 26 -6.54 5.99 12.24
N GLN A 27 -5.32 5.90 11.73
CA GLN A 27 -4.16 5.63 12.58
C GLN A 27 -3.43 6.90 12.99
N GLY A 28 -3.84 8.03 12.41
CA GLY A 28 -3.20 9.30 12.74
C GLY A 28 -2.41 9.87 11.59
N ILE A 29 -2.51 9.22 10.43
CA ILE A 29 -1.79 9.64 9.25
C ILE A 29 -2.74 10.05 8.13
N THR A 30 -2.82 11.35 7.87
CA THR A 30 -3.69 11.86 6.82
C THR A 30 -3.03 11.75 5.44
N MET A 31 -3.59 10.90 4.59
CA MET A 31 -3.04 10.70 3.25
C MET A 31 -4.10 10.96 2.19
N ASP A 32 -4.97 11.94 2.44
CA ASP A 32 -6.03 12.28 1.52
C ASP A 32 -5.47 12.94 0.26
N GLU A 33 -4.37 13.66 0.42
CA GLU A 33 -3.73 14.34 -0.70
C GLU A 33 -3.07 13.34 -1.64
N LEU A 34 -1.88 12.86 -1.26
CA LEU A 34 -1.15 11.90 -2.07
C LEU A 34 0.15 11.49 -1.39
N PRO A 35 0.47 10.19 -1.36
CA PRO A 35 1.70 9.69 -0.73
C PRO A 35 2.93 9.97 -1.58
N LEU A 36 4.02 10.37 -0.92
CA LEU A 36 5.26 10.66 -1.62
C LEU A 36 6.45 9.98 -0.95
N ILE A 37 7.44 9.65 -1.76
CA ILE A 37 8.65 9.01 -1.28
C ILE A 37 9.84 9.47 -2.10
N GLY A 38 10.91 9.86 -1.43
CA GLY A 38 12.09 10.33 -2.14
C GLY A 38 11.75 11.43 -3.14
N GLY A 39 10.92 12.37 -2.72
CA GLY A 39 10.55 13.47 -3.59
C GLY A 39 9.72 13.05 -4.79
N CYS A 40 9.28 11.79 -4.83
CA CYS A 40 8.49 11.30 -5.94
C CYS A 40 7.24 10.57 -5.46
N GLU A 41 6.28 10.39 -6.36
CA GLU A 41 5.03 9.72 -6.03
C GLU A 41 5.22 8.20 -6.06
N LEU A 42 4.54 7.51 -5.16
CA LEU A 42 4.64 6.06 -5.08
C LEU A 42 3.27 5.42 -4.90
N ASP A 43 3.09 4.25 -5.50
CA ASP A 43 1.83 3.52 -5.41
C ASP A 43 1.89 2.46 -4.32
N LEU A 44 1.13 2.68 -3.25
CA LEU A 44 1.09 1.74 -2.13
C LEU A 44 0.80 0.32 -2.61
N ALA A 45 -0.16 0.20 -3.52
CA ALA A 45 -0.54 -1.10 -4.06
C ALA A 45 0.63 -1.76 -4.77
N CYS A 46 1.36 -0.98 -5.56
CA CYS A 46 2.51 -1.49 -6.30
C CYS A 46 3.62 -1.91 -5.34
N PHE A 47 3.76 -1.16 -4.25
CA PHE A 47 4.79 -1.44 -3.25
C PHE A 47 4.44 -2.69 -2.45
N PHE A 48 3.17 -2.79 -2.05
CA PHE A 48 2.71 -3.94 -1.27
C PHE A 48 2.91 -5.23 -2.03
N ARG A 49 2.51 -5.22 -3.31
CA ARG A 49 2.65 -6.40 -4.16
C ARG A 49 4.12 -6.78 -4.35
N LEU A 50 4.96 -5.77 -4.60
CA LEU A 50 6.38 -5.99 -4.80
C LEU A 50 7.02 -6.66 -3.58
N ILE A 51 6.76 -6.11 -2.40
CA ILE A 51 7.33 -6.66 -1.17
C ILE A 51 6.93 -8.13 -1.00
N ASN A 52 5.65 -8.42 -1.23
CA ASN A 52 5.16 -9.79 -1.10
C ASN A 52 5.74 -10.70 -2.17
N GLU A 53 5.75 -10.23 -3.41
CA GLU A 53 6.28 -10.99 -4.54
C GLU A 53 7.72 -11.40 -4.30
N MET A 54 8.41 -10.70 -3.40
CA MET A 54 9.80 -11.00 -3.10
C MET A 54 9.92 -11.96 -1.92
N GLY A 55 8.91 -12.81 -1.74
CA GLY A 55 8.92 -13.76 -0.65
C GLY A 55 8.29 -13.23 0.61
N GLY A 56 8.13 -11.91 0.69
CA GLY A 56 7.54 -11.30 1.86
C GLY A 56 8.30 -10.07 2.31
N MET A 57 7.81 -9.43 3.38
CA MET A 57 8.45 -8.24 3.91
C MET A 57 9.76 -8.58 4.62
N GLN A 58 9.76 -9.67 5.36
CA GLN A 58 10.95 -10.09 6.10
C GLN A 58 12.18 -10.15 5.18
N GLN A 59 12.00 -10.69 3.99
CA GLN A 59 13.11 -10.79 3.04
C GLN A 59 13.58 -9.40 2.61
N VAL A 60 12.66 -8.58 2.15
CA VAL A 60 12.96 -7.23 1.70
C VAL A 60 13.82 -6.48 2.73
N THR A 61 13.34 -6.43 3.97
CA THR A 61 14.02 -5.72 5.06
C THR A 61 15.24 -6.48 5.60
N ASP A 62 15.03 -7.73 6.01
CA ASP A 62 16.10 -8.54 6.60
C ASP A 62 17.31 -8.68 5.67
N LEU A 63 17.07 -9.08 4.43
CA LEU A 63 18.15 -9.27 3.47
C LEU A 63 18.65 -7.94 2.90
N LYS A 64 18.06 -6.83 3.35
CA LYS A 64 18.46 -5.51 2.87
C LYS A 64 18.50 -5.49 1.34
N LYS A 65 17.34 -5.28 0.74
CA LYS A 65 17.23 -5.25 -0.71
C LYS A 65 16.19 -4.24 -1.17
N TRP A 66 15.89 -3.26 -0.31
CA TRP A 66 14.91 -2.24 -0.67
C TRP A 66 15.36 -1.52 -1.94
N ASN A 67 16.67 -1.45 -2.13
CA ASN A 67 17.25 -0.78 -3.30
C ASN A 67 16.72 -1.37 -4.60
N LYS A 68 16.60 -2.70 -4.67
CA LYS A 68 16.12 -3.36 -5.87
C LYS A 68 14.60 -3.26 -6.00
N LEU A 69 13.89 -3.66 -4.94
CA LEU A 69 12.44 -3.60 -4.95
C LEU A 69 11.99 -2.17 -5.24
N ALA A 70 12.69 -1.20 -4.64
CA ALA A 70 12.40 0.21 -4.85
C ALA A 70 12.82 0.63 -6.26
N ASP A 71 13.87 0.00 -6.77
CA ASP A 71 14.37 0.30 -8.11
C ASP A 71 13.24 0.20 -9.12
N MET A 72 12.50 -0.91 -9.05
CA MET A 72 11.38 -1.13 -9.94
C MET A 72 10.30 -0.05 -9.76
N LEU A 73 10.30 0.56 -8.58
CA LEU A 73 9.32 1.61 -8.28
C LEU A 73 9.73 2.95 -8.89
N ARG A 74 10.90 2.98 -9.54
CA ARG A 74 11.41 4.20 -10.18
C ARG A 74 11.85 5.23 -9.14
N ILE A 75 12.96 4.95 -8.47
CA ILE A 75 13.51 5.85 -7.46
C ILE A 75 14.98 6.15 -7.74
N PRO A 76 15.43 7.39 -7.50
CA PRO A 76 16.83 7.78 -7.73
C PRO A 76 17.77 7.11 -6.75
N LYS A 77 18.72 6.36 -7.28
CA LYS A 77 19.70 5.65 -6.48
C LYS A 77 20.69 6.62 -5.82
N THR A 78 20.86 7.78 -6.43
CA THR A 78 21.79 8.79 -5.92
C THR A 78 21.33 9.33 -4.57
N ALA A 79 20.05 9.14 -4.24
CA ALA A 79 19.50 9.62 -2.99
C ALA A 79 19.91 8.72 -1.82
N GLN A 80 20.74 9.23 -0.93
CA GLN A 80 21.20 8.48 0.23
C GLN A 80 20.19 8.53 1.36
N ASP A 81 19.16 9.35 1.20
CA ASP A 81 18.12 9.48 2.21
C ASP A 81 16.91 8.62 1.82
N ARG A 82 16.76 8.40 0.52
CA ARG A 82 15.65 7.61 0.00
C ARG A 82 15.59 6.25 0.68
N LEU A 83 16.74 5.58 0.79
CA LEU A 83 16.80 4.28 1.42
C LEU A 83 16.32 4.32 2.86
N ALA A 84 16.79 5.31 3.62
CA ALA A 84 16.39 5.46 5.02
C ALA A 84 14.96 5.95 5.14
N LYS A 85 14.57 6.87 4.26
CA LYS A 85 13.22 7.41 4.27
C LYS A 85 12.20 6.33 3.93
N LEU A 86 12.55 5.50 2.94
CA LEU A 86 11.68 4.42 2.51
C LEU A 86 11.51 3.39 3.62
N GLN A 87 12.62 3.04 4.26
CA GLN A 87 12.60 2.07 5.36
C GLN A 87 11.63 2.49 6.45
N GLU A 88 11.71 3.75 6.84
CA GLU A 88 10.85 4.30 7.88
C GLU A 88 9.45 4.58 7.34
N ALA A 89 9.37 4.89 6.05
CA ALA A 89 8.09 5.19 5.40
C ALA A 89 7.20 3.97 5.33
N TYR A 90 7.80 2.80 5.10
CA TYR A 90 7.04 1.56 5.01
C TYR A 90 6.83 0.96 6.40
N CYS A 91 7.84 1.10 7.25
CA CYS A 91 7.77 0.58 8.61
C CYS A 91 6.66 1.28 9.39
N GLN A 92 6.39 2.54 9.03
CA GLN A 92 5.36 3.31 9.70
C GLN A 92 4.04 3.26 8.92
N TYR A 93 4.07 2.64 7.75
CA TYR A 93 2.86 2.53 6.93
C TYR A 93 2.51 1.07 6.65
N LEU A 94 3.27 0.45 5.75
CA LEU A 94 3.03 -0.95 5.39
C LEU A 94 3.00 -1.85 6.62
N LEU A 95 4.01 -1.71 7.48
CA LEU A 95 4.10 -2.52 8.69
C LEU A 95 2.83 -2.40 9.52
N SER A 96 2.17 -1.25 9.43
CA SER A 96 0.95 -1.01 10.18
C SER A 96 -0.18 -1.88 9.63
N TYR A 97 -0.44 -1.75 8.32
CA TYR A 97 -1.49 -2.51 7.67
C TYR A 97 -1.19 -4.01 7.74
N ASP A 98 0.09 -4.35 7.77
CA ASP A 98 0.51 -5.75 7.84
C ASP A 98 0.53 -6.26 9.28
N SER A 99 0.55 -5.33 10.23
CA SER A 99 0.58 -5.68 11.65
C SER A 99 -0.83 -5.81 12.22
N LEU A 100 -1.79 -5.17 11.55
CA LEU A 100 -3.18 -5.20 11.98
C LEU A 100 -3.70 -6.64 12.07
N SER A 101 -4.59 -6.87 13.03
CA SER A 101 -5.17 -8.19 13.23
C SER A 101 -6.28 -8.45 12.22
N PRO A 102 -6.74 -9.71 12.11
CA PRO A 102 -7.80 -10.09 11.16
C PRO A 102 -9.04 -9.22 11.31
N GLU A 103 -9.21 -8.62 12.50
CA GLU A 103 -10.36 -7.76 12.77
C GLU A 103 -10.26 -6.46 11.98
N GLU A 104 -9.15 -5.75 12.16
CA GLU A 104 -8.93 -4.49 11.46
C GLU A 104 -8.87 -4.70 9.95
N HIS A 105 -8.49 -5.91 9.54
CA HIS A 105 -8.40 -6.24 8.13
C HIS A 105 -9.81 -6.45 7.55
N ARG A 106 -10.55 -7.35 8.17
CA ARG A 106 -11.91 -7.66 7.73
C ARG A 106 -12.82 -6.45 7.89
N ARG A 107 -12.64 -5.71 8.97
CA ARG A 107 -13.45 -4.53 9.24
C ARG A 107 -13.17 -3.42 8.23
N LEU A 108 -11.91 -3.06 8.10
CA LEU A 108 -11.50 -2.01 7.17
C LEU A 108 -11.78 -2.44 5.72
N GLU A 109 -11.55 -3.72 5.45
CA GLU A 109 -11.78 -4.24 4.11
C GLU A 109 -13.26 -4.32 3.80
N LYS A 110 -14.02 -4.99 4.67
CA LYS A 110 -15.46 -5.12 4.49
C LYS A 110 -16.12 -3.77 4.27
N GLU A 111 -15.57 -2.73 4.89
CA GLU A 111 -16.10 -1.38 4.75
C GLU A 111 -15.84 -0.85 3.35
N VAL A 112 -14.58 -0.85 2.95
CA VAL A 112 -14.20 -0.36 1.62
C VAL A 112 -14.82 -1.22 0.52
N LEU A 113 -14.59 -2.52 0.60
CA LEU A 113 -15.09 -3.48 -0.38
C LEU A 113 -16.59 -3.34 -0.59
N MET A 114 -17.33 -3.14 0.49
CA MET A 114 -18.78 -3.00 0.38
C MET A 114 -19.13 -1.65 -0.23
N GLU A 115 -18.38 -0.62 0.14
CA GLU A 115 -18.61 0.72 -0.38
C GLU A 115 -18.52 0.74 -1.90
N LYS A 116 -17.65 -0.10 -2.45
CA LYS A 116 -17.47 -0.16 -3.90
C LYS A 116 -18.48 -1.12 -4.54
N GLU A 117 -18.75 -2.23 -3.86
CA GLU A 117 -19.69 -3.22 -4.38
C GLU A 117 -21.12 -2.68 -4.38
N ILE A 118 -21.54 -2.14 -3.24
CA ILE A 118 -22.88 -1.58 -3.09
C ILE A 118 -22.92 -0.12 -3.51
N LEU A 119 -21.86 0.37 -4.14
CA LEU A 119 -21.80 1.76 -4.59
C LEU A 119 -22.92 2.06 -5.56
N GLU A 120 -23.28 1.08 -6.38
CA GLU A 120 -24.35 1.25 -7.37
C GLU A 120 -25.72 1.10 -6.71
N LYS A 121 -26.06 -0.13 -6.33
CA LYS A 121 -27.34 -0.40 -5.70
C LYS A 121 -27.49 0.38 -4.40
N GLY A 1 -20.36 11.24 -18.97
CA GLY A 1 -19.93 11.92 -17.70
C GLY A 1 -18.43 11.86 -17.49
N PRO A 2 -17.90 12.61 -16.52
CA PRO A 2 -16.47 12.64 -16.23
C PRO A 2 -15.89 11.24 -16.04
N LEU A 3 -16.73 10.31 -15.58
CA LEU A 3 -16.30 8.94 -15.35
C LEU A 3 -15.87 8.28 -16.67
N GLY A 4 -15.27 7.11 -16.57
CA GLY A 4 -14.82 6.39 -17.74
C GLY A 4 -15.60 5.12 -17.98
N SER A 5 -14.90 3.99 -18.00
CA SER A 5 -15.54 2.69 -18.22
C SER A 5 -15.79 1.98 -16.90
N LEU A 6 -16.02 2.75 -15.84
CA LEU A 6 -16.26 2.19 -14.52
C LEU A 6 -17.61 1.45 -14.49
N GLY A 7 -17.97 0.95 -13.32
CA GLY A 7 -19.22 0.24 -13.17
C GLY A 7 -19.17 -0.81 -12.07
N ARG A 8 -18.17 -1.67 -12.12
CA ARG A 8 -18.00 -2.72 -11.13
C ARG A 8 -16.79 -2.44 -10.23
N ARG A 9 -16.06 -3.49 -9.85
CA ARG A 9 -14.89 -3.34 -8.99
C ARG A 9 -13.87 -2.39 -9.62
N TRP A 10 -13.30 -1.52 -8.80
CA TRP A 10 -12.30 -0.56 -9.27
C TRP A 10 -10.98 -1.24 -9.57
N GLY A 11 -10.85 -2.51 -9.19
CA GLY A 11 -9.62 -3.24 -9.45
C GLY A 11 -8.91 -3.66 -8.16
N PRO A 12 -8.02 -4.66 -8.23
CA PRO A 12 -7.28 -5.14 -7.06
C PRO A 12 -6.29 -4.10 -6.54
N ASN A 13 -5.63 -3.41 -7.46
CA ASN A 13 -4.66 -2.38 -7.10
C ASN A 13 -5.34 -1.21 -6.40
N VAL A 14 -6.57 -0.91 -6.81
CA VAL A 14 -7.32 0.19 -6.22
C VAL A 14 -7.70 -0.14 -4.78
N GLN A 15 -8.19 -1.36 -4.57
CA GLN A 15 -8.59 -1.80 -3.24
C GLN A 15 -7.40 -1.77 -2.28
N ARG A 16 -6.24 -2.18 -2.79
CA ARG A 16 -5.02 -2.19 -1.99
C ARG A 16 -4.70 -0.80 -1.48
N LEU A 17 -4.68 0.17 -2.39
CA LEU A 17 -4.38 1.55 -2.03
C LEU A 17 -5.51 2.14 -1.19
N ALA A 18 -6.73 1.66 -1.41
CA ALA A 18 -7.89 2.14 -0.67
C ALA A 18 -7.85 1.69 0.78
N CYS A 19 -7.63 0.40 1.00
CA CYS A 19 -7.58 -0.17 2.34
C CYS A 19 -6.38 0.38 3.12
N ILE A 20 -5.26 0.57 2.43
CA ILE A 20 -4.05 1.08 3.06
C ILE A 20 -4.26 2.50 3.59
N LYS A 21 -4.70 3.39 2.72
CA LYS A 21 -4.93 4.78 3.12
C LYS A 21 -6.00 4.89 4.21
N LYS A 22 -6.96 3.98 4.17
CA LYS A 22 -8.05 3.98 5.15
C LYS A 22 -7.51 3.72 6.56
N HIS A 23 -6.72 2.68 6.72
CA HIS A 23 -6.15 2.34 8.01
C HIS A 23 -5.13 3.39 8.44
N LEU A 24 -4.34 3.87 7.49
CA LEU A 24 -3.33 4.87 7.77
C LEU A 24 -3.94 6.12 8.40
N ARG A 25 -5.00 6.64 7.77
CA ARG A 25 -5.67 7.83 8.29
C ARG A 25 -6.29 7.55 9.65
N SER A 26 -6.86 6.35 9.81
CA SER A 26 -7.48 5.97 11.07
C SER A 26 -6.42 5.67 12.14
N GLN A 27 -5.18 5.46 11.70
CA GLN A 27 -4.08 5.16 12.60
C GLN A 27 -3.33 6.43 13.01
N GLY A 28 -3.67 7.55 12.39
CA GLY A 28 -3.02 8.81 12.71
C GLY A 28 -2.15 9.33 11.58
N ILE A 29 -2.17 8.62 10.46
CA ILE A 29 -1.37 8.99 9.30
C ILE A 29 -2.26 9.51 8.17
N THR A 30 -2.25 10.82 7.96
CA THR A 30 -3.06 11.43 6.91
C THR A 30 -2.40 11.26 5.55
N MET A 31 -3.17 10.78 4.58
CA MET A 31 -2.66 10.56 3.23
C MET A 31 -3.58 11.19 2.18
N ASP A 32 -4.61 11.91 2.65
CA ASP A 32 -5.55 12.56 1.74
C ASP A 32 -4.84 13.53 0.79
N GLU A 33 -3.69 14.05 1.23
CA GLU A 33 -2.93 14.98 0.42
C GLU A 33 -2.36 14.30 -0.82
N LEU A 34 -1.25 13.59 -0.65
CA LEU A 34 -0.62 12.88 -1.76
C LEU A 34 0.59 12.08 -1.28
N PRO A 35 0.57 10.75 -1.44
CA PRO A 35 1.68 9.89 -1.01
C PRO A 35 2.95 10.14 -1.81
N LEU A 36 4.08 10.24 -1.12
CA LEU A 36 5.36 10.47 -1.77
C LEU A 36 6.48 9.73 -1.07
N ILE A 37 7.50 9.38 -1.84
CA ILE A 37 8.67 8.68 -1.33
C ILE A 37 9.89 9.07 -2.15
N GLY A 38 10.99 9.37 -1.47
CA GLY A 38 12.19 9.76 -2.17
C GLY A 38 11.96 10.89 -3.16
N GLY A 39 11.14 11.86 -2.75
CA GLY A 39 10.84 12.99 -3.62
C GLY A 39 9.98 12.64 -4.82
N CYS A 40 9.47 11.41 -4.87
CA CYS A 40 8.65 10.98 -6.00
C CYS A 40 7.38 10.28 -5.53
N GLU A 41 6.41 10.17 -6.43
CA GLU A 41 5.14 9.52 -6.13
C GLU A 41 5.29 8.01 -6.17
N LEU A 42 4.58 7.33 -5.29
CA LEU A 42 4.63 5.87 -5.22
C LEU A 42 3.24 5.27 -5.10
N ASP A 43 3.04 4.11 -5.71
CA ASP A 43 1.76 3.42 -5.68
C ASP A 43 1.75 2.36 -4.59
N LEU A 44 0.96 2.59 -3.54
CA LEU A 44 0.87 1.65 -2.42
C LEU A 44 0.54 0.24 -2.92
N ALA A 45 -0.21 0.16 -4.00
CA ALA A 45 -0.59 -1.13 -4.57
C ALA A 45 0.61 -1.82 -5.21
N CYS A 46 1.40 -1.06 -5.95
CA CYS A 46 2.58 -1.61 -6.61
C CYS A 46 3.65 -1.97 -5.59
N PHE A 47 3.78 -1.16 -4.55
CA PHE A 47 4.77 -1.39 -3.51
C PHE A 47 4.41 -2.63 -2.69
N PHE A 48 3.15 -2.73 -2.30
CA PHE A 48 2.68 -3.87 -1.51
C PHE A 48 2.93 -5.18 -2.26
N ARG A 49 2.51 -5.24 -3.52
CA ARG A 49 2.70 -6.43 -4.33
C ARG A 49 4.19 -6.78 -4.46
N LEU A 50 5.01 -5.76 -4.67
CA LEU A 50 6.45 -5.95 -4.82
C LEU A 50 7.04 -6.65 -3.60
N ILE A 51 6.73 -6.12 -2.41
CA ILE A 51 7.25 -6.70 -1.17
C ILE A 51 6.85 -8.17 -1.06
N ASN A 52 5.60 -8.46 -1.34
CA ASN A 52 5.10 -9.85 -1.27
C ASN A 52 5.81 -10.73 -2.27
N GLU A 53 5.94 -10.23 -3.50
CA GLU A 53 6.60 -10.97 -4.57
C GLU A 53 8.09 -11.17 -4.27
N MET A 54 8.62 -10.34 -3.38
CA MET A 54 10.03 -10.42 -3.01
C MET A 54 10.25 -11.36 -1.82
N GLY A 55 9.48 -12.44 -1.78
CA GLY A 55 9.61 -13.39 -0.68
C GLY A 55 9.13 -12.84 0.64
N GLY A 56 8.01 -12.11 0.60
CA GLY A 56 7.47 -11.53 1.82
C GLY A 56 8.21 -10.29 2.26
N MET A 57 7.69 -9.64 3.29
CA MET A 57 8.30 -8.42 3.82
C MET A 57 9.60 -8.72 4.58
N GLN A 58 9.63 -9.88 5.24
CA GLN A 58 10.80 -10.28 6.01
C GLN A 58 12.06 -10.28 5.14
N GLN A 59 11.95 -10.85 3.94
CA GLN A 59 13.09 -10.91 3.03
C GLN A 59 13.54 -9.50 2.64
N VAL A 60 12.59 -8.70 2.17
CA VAL A 60 12.88 -7.33 1.76
C VAL A 60 13.69 -6.57 2.82
N THR A 61 13.15 -6.52 4.04
CA THR A 61 13.79 -5.80 5.15
C THR A 61 15.00 -6.54 5.74
N ASP A 62 14.82 -7.80 6.11
CA ASP A 62 15.88 -8.59 6.73
C ASP A 62 17.11 -8.72 5.84
N LEU A 63 16.93 -9.14 4.59
CA LEU A 63 18.04 -9.33 3.68
C LEU A 63 18.56 -8.00 3.12
N LYS A 64 17.97 -6.88 3.55
CA LYS A 64 18.39 -5.57 3.07
C LYS A 64 18.48 -5.57 1.55
N LYS A 65 17.36 -5.28 0.90
CA LYS A 65 17.31 -5.24 -0.54
C LYS A 65 16.27 -4.24 -1.03
N TRP A 66 15.92 -3.28 -0.19
CA TRP A 66 14.94 -2.27 -0.57
C TRP A 66 15.40 -1.55 -1.84
N ASN A 67 16.71 -1.48 -2.00
CA ASN A 67 17.31 -0.81 -3.15
C ASN A 67 16.78 -1.38 -4.47
N LYS A 68 16.66 -2.71 -4.55
CA LYS A 68 16.18 -3.35 -5.76
C LYS A 68 14.66 -3.26 -5.89
N LEU A 69 13.95 -3.64 -4.84
CA LEU A 69 12.50 -3.58 -4.86
C LEU A 69 12.04 -2.15 -5.16
N ALA A 70 12.73 -1.17 -4.58
CA ALA A 70 12.40 0.23 -4.82
C ALA A 70 12.78 0.65 -6.23
N ASP A 71 13.90 0.10 -6.73
CA ASP A 71 14.36 0.41 -8.07
C ASP A 71 13.25 0.19 -9.09
N MET A 72 12.58 -0.95 -8.98
CA MET A 72 11.48 -1.28 -9.89
C MET A 72 10.31 -0.32 -9.69
N LEU A 73 10.24 0.30 -8.51
CA LEU A 73 9.17 1.24 -8.20
C LEU A 73 9.43 2.61 -8.84
N ARG A 74 10.56 2.75 -9.52
CA ARG A 74 10.92 4.01 -10.19
C ARG A 74 11.29 5.09 -9.18
N ILE A 75 12.45 4.94 -8.56
CA ILE A 75 12.94 5.91 -7.59
C ILE A 75 14.39 6.30 -7.89
N PRO A 76 14.74 7.59 -7.74
CA PRO A 76 16.10 8.07 -8.02
C PRO A 76 17.15 7.48 -7.08
N LYS A 77 18.15 6.83 -7.66
CA LYS A 77 19.23 6.23 -6.88
C LYS A 77 20.11 7.29 -6.24
N THR A 78 20.10 8.49 -6.82
CA THR A 78 20.91 9.59 -6.31
C THR A 78 20.44 10.03 -4.93
N ALA A 79 19.18 9.74 -4.61
CA ALA A 79 18.62 10.11 -3.32
C ALA A 79 19.18 9.21 -2.21
N GLN A 80 19.98 9.79 -1.34
CA GLN A 80 20.59 9.04 -0.24
C GLN A 80 19.54 8.65 0.79
N ASP A 81 19.02 9.65 1.51
CA ASP A 81 18.02 9.41 2.55
C ASP A 81 16.82 8.63 2.02
N ARG A 82 16.68 8.56 0.70
CA ARG A 82 15.57 7.83 0.10
C ARG A 82 15.47 6.41 0.65
N LEU A 83 16.62 5.81 0.94
CA LEU A 83 16.66 4.46 1.49
C LEU A 83 16.15 4.43 2.93
N ALA A 84 16.63 5.37 3.75
CA ALA A 84 16.21 5.46 5.14
C ALA A 84 14.78 5.96 5.26
N LYS A 85 14.41 6.90 4.40
CA LYS A 85 13.07 7.46 4.42
C LYS A 85 12.05 6.38 4.10
N LEU A 86 12.40 5.52 3.16
CA LEU A 86 11.54 4.41 2.75
C LEU A 86 11.38 3.41 3.89
N GLN A 87 12.50 3.07 4.53
CA GLN A 87 12.49 2.13 5.64
C GLN A 87 11.52 2.57 6.72
N GLU A 88 11.58 3.83 7.07
CA GLU A 88 10.71 4.40 8.09
C GLU A 88 9.30 4.64 7.53
N ALA A 89 9.24 4.91 6.23
CA ALA A 89 7.97 5.17 5.56
C ALA A 89 7.10 3.91 5.49
N TYR A 90 7.74 2.77 5.22
CA TYR A 90 7.02 1.51 5.13
C TYR A 90 6.85 0.88 6.51
N CYS A 91 7.83 1.12 7.38
CA CYS A 91 7.79 0.59 8.74
C CYS A 91 6.67 1.24 9.54
N GLN A 92 6.37 2.49 9.21
CA GLN A 92 5.32 3.24 9.91
C GLN A 92 4.00 3.19 9.13
N TYR A 93 4.01 2.54 7.97
CA TYR A 93 2.81 2.44 7.15
C TYR A 93 2.38 0.99 6.95
N LEU A 94 3.06 0.29 6.06
CA LEU A 94 2.75 -1.11 5.77
C LEU A 94 2.87 -1.99 7.01
N LEU A 95 3.91 -1.76 7.80
CA LEU A 95 4.14 -2.53 9.02
C LEU A 95 2.92 -2.49 9.93
N SER A 96 2.33 -1.31 10.06
CA SER A 96 1.15 -1.13 10.90
C SER A 96 0.04 -2.10 10.49
N TYR A 97 -0.34 -2.02 9.21
CA TYR A 97 -1.38 -2.90 8.68
C TYR A 97 -1.04 -4.37 8.90
N ASP A 98 0.20 -4.73 8.57
CA ASP A 98 0.64 -6.11 8.73
C ASP A 98 0.73 -6.50 10.20
N SER A 99 0.75 -5.50 11.07
CA SER A 99 0.83 -5.74 12.52
C SER A 99 -0.56 -5.81 13.13
N LEU A 100 -1.51 -5.09 12.52
CA LEU A 100 -2.88 -5.08 13.01
C LEU A 100 -3.49 -6.48 12.96
N SER A 101 -4.52 -6.68 13.77
CA SER A 101 -5.19 -7.98 13.81
C SER A 101 -6.15 -8.12 12.64
N PRO A 102 -6.63 -9.36 12.38
CA PRO A 102 -7.56 -9.63 11.27
C PRO A 102 -8.81 -8.77 11.36
N GLU A 103 -9.12 -8.28 12.56
CA GLU A 103 -10.28 -7.44 12.79
C GLU A 103 -10.20 -6.16 11.97
N GLU A 104 -9.09 -5.43 12.15
CA GLU A 104 -8.88 -4.18 11.44
C GLU A 104 -8.85 -4.40 9.93
N HIS A 105 -8.49 -5.61 9.52
CA HIS A 105 -8.45 -5.94 8.10
C HIS A 105 -9.86 -6.16 7.56
N ARG A 106 -10.60 -7.05 8.21
CA ARG A 106 -11.95 -7.37 7.79
C ARG A 106 -12.87 -6.15 7.89
N ARG A 107 -12.72 -5.39 8.96
CA ARG A 107 -13.55 -4.20 9.16
C ARG A 107 -13.24 -3.14 8.12
N LEU A 108 -11.96 -2.77 8.02
CA LEU A 108 -11.54 -1.76 7.06
C LEU A 108 -11.81 -2.21 5.63
N GLU A 109 -11.54 -3.49 5.36
CA GLU A 109 -11.76 -4.02 4.02
C GLU A 109 -13.25 -4.11 3.72
N LYS A 110 -13.99 -4.78 4.59
CA LYS A 110 -15.44 -4.93 4.40
C LYS A 110 -16.11 -3.59 4.14
N GLU A 111 -15.56 -2.53 4.73
CA GLU A 111 -16.11 -1.19 4.55
C GLU A 111 -15.84 -0.70 3.14
N VAL A 112 -14.58 -0.70 2.74
CA VAL A 112 -14.19 -0.26 1.41
C VAL A 112 -14.81 -1.14 0.33
N LEU A 113 -14.59 -2.44 0.45
CA LEU A 113 -15.09 -3.42 -0.51
C LEU A 113 -16.59 -3.29 -0.72
N MET A 114 -17.34 -3.07 0.36
CA MET A 114 -18.79 -2.92 0.24
C MET A 114 -19.12 -1.57 -0.39
N GLU A 115 -18.39 -0.55 0.00
CA GLU A 115 -18.62 0.80 -0.53
C GLU A 115 -18.50 0.83 -2.05
N LYS A 116 -17.64 -0.03 -2.59
CA LYS A 116 -17.43 -0.11 -4.03
C LYS A 116 -18.45 -1.02 -4.70
N GLU A 117 -18.75 -2.14 -4.05
CA GLU A 117 -19.71 -3.10 -4.59
C GLU A 117 -21.13 -2.54 -4.55
N ILE A 118 -21.55 -2.06 -3.39
CA ILE A 118 -22.89 -1.50 -3.22
C ILE A 118 -22.93 -0.02 -3.56
N LEU A 119 -21.86 0.48 -4.18
CA LEU A 119 -21.78 1.89 -4.55
C LEU A 119 -22.95 2.29 -5.44
N GLU A 120 -23.29 1.42 -6.40
CA GLU A 120 -24.39 1.67 -7.31
C GLU A 120 -25.73 1.47 -6.62
N LYS A 121 -25.91 0.29 -6.03
CA LYS A 121 -27.16 -0.03 -5.33
C LYS A 121 -27.35 0.86 -4.11
N GLY A 1 -31.33 -17.81 -16.85
CA GLY A 1 -31.22 -16.45 -16.25
C GLY A 1 -29.79 -16.07 -15.92
N PRO A 2 -29.08 -15.43 -16.86
CA PRO A 2 -27.68 -15.01 -16.66
C PRO A 2 -27.57 -13.88 -15.64
N LEU A 3 -28.60 -13.06 -15.55
CA LEU A 3 -28.60 -11.95 -14.62
C LEU A 3 -28.61 -12.44 -13.17
N GLY A 4 -28.43 -11.53 -12.23
CA GLY A 4 -28.42 -11.89 -10.82
C GLY A 4 -27.02 -12.03 -10.27
N SER A 5 -26.86 -11.70 -8.99
CA SER A 5 -25.56 -11.79 -8.34
C SER A 5 -24.54 -10.88 -9.02
N LEU A 6 -24.64 -9.58 -8.73
CA LEU A 6 -23.73 -8.60 -9.30
C LEU A 6 -22.44 -8.49 -8.49
N GLY A 7 -21.56 -7.60 -8.90
CA GLY A 7 -20.30 -7.43 -8.20
C GLY A 7 -19.19 -6.93 -9.10
N ARG A 8 -18.79 -5.68 -8.90
CA ARG A 8 -17.72 -5.08 -9.68
C ARG A 8 -16.60 -4.60 -8.78
N ARG A 9 -15.43 -5.18 -9.00
CA ARG A 9 -14.25 -4.85 -8.22
C ARG A 9 -13.30 -3.97 -9.02
N TRP A 10 -12.75 -2.94 -8.37
CA TRP A 10 -11.82 -2.03 -9.02
C TRP A 10 -10.45 -2.67 -9.22
N GLY A 11 -10.22 -3.79 -8.56
CA GLY A 11 -8.95 -4.48 -8.69
C GLY A 11 -8.26 -4.67 -7.35
N PRO A 12 -7.30 -5.62 -7.26
CA PRO A 12 -6.57 -5.88 -6.02
C PRO A 12 -5.65 -4.74 -5.65
N ASN A 13 -5.11 -4.07 -6.67
CA ASN A 13 -4.20 -2.95 -6.46
C ASN A 13 -4.96 -1.74 -5.91
N VAL A 14 -6.21 -1.59 -6.33
CA VAL A 14 -7.04 -0.49 -5.87
C VAL A 14 -7.53 -0.76 -4.45
N GLN A 15 -7.93 -2.01 -4.20
CA GLN A 15 -8.42 -2.40 -2.89
C GLN A 15 -7.35 -2.17 -1.83
N ARG A 16 -6.10 -2.47 -2.19
CA ARG A 16 -4.98 -2.28 -1.28
C ARG A 16 -4.78 -0.80 -1.00
N LEU A 17 -4.70 0.00 -2.06
CA LEU A 17 -4.52 1.44 -1.93
C LEU A 17 -5.64 2.04 -1.09
N ALA A 18 -6.86 1.56 -1.30
CA ALA A 18 -8.02 2.05 -0.58
C ALA A 18 -7.96 1.64 0.90
N CYS A 19 -7.77 0.35 1.14
CA CYS A 19 -7.70 -0.15 2.51
C CYS A 19 -6.61 0.54 3.31
N ILE A 20 -5.41 0.59 2.75
CA ILE A 20 -4.27 1.24 3.40
C ILE A 20 -4.57 2.70 3.69
N LYS A 21 -5.23 3.37 2.75
CA LYS A 21 -5.56 4.79 2.91
C LYS A 21 -6.52 4.98 4.07
N LYS A 22 -7.59 4.19 4.09
CA LYS A 22 -8.60 4.29 5.15
C LYS A 22 -7.97 4.07 6.53
N HIS A 23 -7.05 3.12 6.61
CA HIS A 23 -6.38 2.82 7.87
C HIS A 23 -5.40 3.93 8.24
N LEU A 24 -4.68 4.44 7.25
CA LEU A 24 -3.71 5.50 7.49
C LEU A 24 -4.37 6.72 8.14
N ARG A 25 -5.47 7.17 7.57
CA ARG A 25 -6.20 8.32 8.10
C ARG A 25 -6.77 8.01 9.47
N SER A 26 -7.30 6.80 9.63
CA SER A 26 -7.88 6.38 10.90
C SER A 26 -6.80 6.10 11.94
N GLN A 27 -5.56 5.99 11.49
CA GLN A 27 -4.44 5.73 12.39
C GLN A 27 -3.70 7.01 12.78
N GLY A 28 -4.09 8.13 12.18
CA GLY A 28 -3.45 9.39 12.49
C GLY A 28 -2.59 9.91 11.36
N ILE A 29 -2.64 9.22 10.22
CA ILE A 29 -1.87 9.60 9.07
C ILE A 29 -2.77 10.05 7.91
N THR A 30 -2.76 11.35 7.62
CA THR A 30 -3.57 11.89 6.55
C THR A 30 -2.87 11.74 5.20
N MET A 31 -3.38 10.83 4.38
CA MET A 31 -2.81 10.58 3.06
C MET A 31 -3.81 10.91 1.96
N ASP A 32 -4.62 11.94 2.20
CA ASP A 32 -5.62 12.36 1.23
C ASP A 32 -4.99 13.08 0.05
N GLU A 33 -3.96 13.88 0.33
CA GLU A 33 -3.27 14.63 -0.72
C GLU A 33 -2.63 13.70 -1.73
N LEU A 34 -1.45 13.19 -1.40
CA LEU A 34 -0.73 12.28 -2.29
C LEU A 34 0.57 11.79 -1.64
N PRO A 35 0.70 10.48 -1.40
CA PRO A 35 1.91 9.91 -0.78
C PRO A 35 3.16 10.18 -1.61
N LEU A 36 4.31 10.27 -0.93
CA LEU A 36 5.57 10.52 -1.60
C LEU A 36 6.71 9.77 -0.95
N ILE A 37 7.72 9.44 -1.75
CA ILE A 37 8.90 8.74 -1.27
C ILE A 37 10.11 9.14 -2.11
N GLY A 38 11.22 9.45 -1.44
CA GLY A 38 12.41 9.85 -2.16
C GLY A 38 12.14 10.99 -3.13
N GLY A 39 11.32 11.95 -2.70
CA GLY A 39 11.00 13.09 -3.53
C GLY A 39 10.12 12.76 -4.72
N CYS A 40 9.63 11.53 -4.78
CA CYS A 40 8.78 11.10 -5.90
C CYS A 40 7.51 10.40 -5.41
N GLU A 41 6.52 10.31 -6.28
CA GLU A 41 5.25 9.66 -5.96
C GLU A 41 5.40 8.14 -6.00
N LEU A 42 4.70 7.47 -5.09
CA LEU A 42 4.76 6.01 -5.02
C LEU A 42 3.37 5.41 -4.85
N ASP A 43 3.17 4.24 -5.45
CA ASP A 43 1.89 3.54 -5.37
C ASP A 43 1.94 2.45 -4.31
N LEU A 44 1.18 2.64 -3.23
CA LEU A 44 1.15 1.66 -2.15
C LEU A 44 0.83 0.26 -2.68
N ALA A 45 -0.08 0.20 -3.64
CA ALA A 45 -0.46 -1.08 -4.24
C ALA A 45 0.72 -1.73 -4.96
N CYS A 46 1.47 -0.93 -5.71
CA CYS A 46 2.62 -1.42 -6.45
C CYS A 46 3.73 -1.85 -5.49
N PHE A 47 3.93 -1.08 -4.43
CA PHE A 47 4.95 -1.38 -3.44
C PHE A 47 4.62 -2.67 -2.68
N PHE A 48 3.35 -2.80 -2.31
CA PHE A 48 2.89 -3.98 -1.58
C PHE A 48 3.13 -5.25 -2.39
N ARG A 49 2.77 -5.20 -3.66
CA ARG A 49 2.95 -6.34 -4.55
C ARG A 49 4.44 -6.69 -4.69
N LEU A 50 5.25 -5.66 -4.85
CA LEU A 50 6.70 -5.83 -5.00
C LEU A 50 7.28 -6.59 -3.80
N ILE A 51 6.97 -6.11 -2.60
CA ILE A 51 7.47 -6.73 -1.38
C ILE A 51 7.04 -8.20 -1.31
N ASN A 52 5.77 -8.46 -1.61
CA ASN A 52 5.23 -9.81 -1.59
C ASN A 52 5.98 -10.71 -2.57
N GLU A 53 6.32 -10.17 -3.73
CA GLU A 53 7.04 -10.92 -4.75
C GLU A 53 8.40 -11.36 -4.25
N MET A 54 8.90 -10.68 -3.23
CA MET A 54 10.20 -11.01 -2.65
C MET A 54 10.08 -12.06 -1.54
N GLY A 55 8.93 -12.73 -1.47
CA GLY A 55 8.72 -13.74 -0.46
C GLY A 55 8.23 -13.18 0.86
N GLY A 56 7.72 -11.95 0.83
CA GLY A 56 7.22 -11.33 2.05
C GLY A 56 8.08 -10.16 2.50
N MET A 57 7.58 -9.41 3.47
CA MET A 57 8.30 -8.26 4.00
C MET A 57 9.61 -8.68 4.66
N GLN A 58 9.62 -9.88 5.25
CA GLN A 58 10.80 -10.40 5.92
C GLN A 58 12.01 -10.41 4.99
N GLN A 59 11.83 -10.94 3.78
CA GLN A 59 12.92 -11.00 2.81
C GLN A 59 13.42 -9.61 2.44
N VAL A 60 12.49 -8.74 2.04
CA VAL A 60 12.83 -7.39 1.64
C VAL A 60 13.67 -6.68 2.70
N THR A 61 13.17 -6.63 3.93
CA THR A 61 13.87 -5.95 5.02
C THR A 61 15.04 -6.75 5.59
N ASP A 62 14.81 -8.00 5.98
CA ASP A 62 15.84 -8.84 6.57
C ASP A 62 17.08 -8.99 5.68
N LEU A 63 16.86 -9.36 4.43
CA LEU A 63 17.97 -9.56 3.50
C LEU A 63 18.50 -8.23 2.95
N LYS A 64 17.94 -7.11 3.41
CA LYS A 64 18.38 -5.80 2.94
C LYS A 64 18.46 -5.77 1.42
N LYS A 65 17.33 -5.49 0.79
CA LYS A 65 17.27 -5.43 -0.66
C LYS A 65 16.24 -4.42 -1.13
N TRP A 66 15.89 -3.47 -0.26
CA TRP A 66 14.92 -2.45 -0.62
C TRP A 66 15.37 -1.70 -1.87
N ASN A 67 16.69 -1.63 -2.05
CA ASN A 67 17.28 -0.94 -3.19
C ASN A 67 16.74 -1.48 -4.52
N LYS A 68 16.63 -2.81 -4.63
CA LYS A 68 16.16 -3.43 -5.86
C LYS A 68 14.64 -3.32 -5.99
N LEU A 69 13.92 -3.72 -4.95
CA LEU A 69 12.45 -3.65 -4.98
C LEU A 69 12.01 -2.21 -5.22
N ALA A 70 12.71 -1.25 -4.60
CA ALA A 70 12.40 0.16 -4.79
C ALA A 70 12.82 0.62 -6.17
N ASP A 71 13.90 0.04 -6.68
CA ASP A 71 14.41 0.39 -8.01
C ASP A 71 13.29 0.27 -9.04
N MET A 72 12.61 -0.88 -9.03
CA MET A 72 11.51 -1.12 -9.96
C MET A 72 10.37 -0.13 -9.72
N LEU A 73 10.31 0.42 -8.51
CA LEU A 73 9.27 1.38 -8.15
C LEU A 73 9.56 2.77 -8.72
N ARG A 74 10.70 2.91 -9.36
CA ARG A 74 11.10 4.20 -9.95
C ARG A 74 11.46 5.23 -8.89
N ILE A 75 12.59 5.03 -8.24
CA ILE A 75 13.06 5.94 -7.19
C ILE A 75 14.45 6.48 -7.54
N PRO A 76 14.72 7.76 -7.24
CA PRO A 76 16.01 8.39 -7.54
C PRO A 76 17.13 7.86 -6.66
N LYS A 77 18.14 7.25 -7.30
CA LYS A 77 19.28 6.70 -6.58
C LYS A 77 20.14 7.82 -5.99
N THR A 78 20.05 9.01 -6.57
CA THR A 78 20.82 10.15 -6.11
C THR A 78 20.42 10.57 -4.69
N ALA A 79 19.22 10.21 -4.28
CA ALA A 79 18.73 10.55 -2.96
C ALA A 79 19.44 9.72 -1.88
N GLN A 80 20.16 10.40 -1.00
CA GLN A 80 20.89 9.73 0.07
C GLN A 80 19.97 9.44 1.26
N ASP A 81 18.69 9.77 1.12
CA ASP A 81 17.73 9.54 2.19
C ASP A 81 16.58 8.64 1.72
N ARG A 82 16.48 8.44 0.40
CA ARG A 82 15.42 7.61 -0.15
C ARG A 82 15.44 6.21 0.48
N LEU A 83 16.63 5.72 0.79
CA LEU A 83 16.80 4.41 1.39
C LEU A 83 16.30 4.41 2.84
N ALA A 84 16.72 5.42 3.60
CA ALA A 84 16.33 5.54 5.00
C ALA A 84 14.87 5.95 5.13
N LYS A 85 14.43 6.86 4.27
CA LYS A 85 13.06 7.33 4.29
C LYS A 85 12.11 6.19 3.97
N LEU A 86 12.50 5.36 3.00
CA LEU A 86 11.69 4.23 2.59
C LEU A 86 11.55 3.21 3.72
N GLN A 87 12.66 2.89 4.37
CA GLN A 87 12.66 1.94 5.47
C GLN A 87 11.68 2.35 6.56
N GLU A 88 11.75 3.62 6.97
CA GLU A 88 10.88 4.14 8.01
C GLU A 88 9.47 4.38 7.46
N ALA A 89 9.39 4.69 6.18
CA ALA A 89 8.10 4.95 5.53
C ALA A 89 7.25 3.69 5.44
N TYR A 90 7.89 2.55 5.18
CA TYR A 90 7.17 1.30 5.07
C TYR A 90 7.00 0.64 6.44
N CYS A 91 7.97 0.89 7.33
CA CYS A 91 7.92 0.33 8.67
C CYS A 91 6.81 0.97 9.49
N GLN A 92 6.52 2.24 9.18
CA GLN A 92 5.47 2.97 9.88
C GLN A 92 4.15 2.95 9.11
N TYR A 93 4.15 2.32 7.94
CA TYR A 93 2.95 2.24 7.12
C TYR A 93 2.55 0.80 6.85
N LEU A 94 3.23 0.15 5.91
CA LEU A 94 2.96 -1.23 5.55
C LEU A 94 3.07 -2.16 6.75
N LEU A 95 4.12 -1.98 7.54
CA LEU A 95 4.35 -2.81 8.72
C LEU A 95 3.15 -2.75 9.66
N SER A 96 2.71 -1.54 9.97
CA SER A 96 1.57 -1.34 10.85
C SER A 96 0.35 -2.13 10.36
N TYR A 97 -0.04 -1.89 9.11
CA TYR A 97 -1.18 -2.56 8.52
C TYR A 97 -0.93 -4.07 8.40
N ASP A 98 0.34 -4.44 8.26
CA ASP A 98 0.70 -5.85 8.14
C ASP A 98 0.72 -6.54 9.50
N SER A 99 0.83 -5.75 10.57
CA SER A 99 0.86 -6.29 11.92
C SER A 99 -0.54 -6.35 12.52
N LEU A 100 -1.48 -5.60 11.92
CA LEU A 100 -2.85 -5.57 12.42
C LEU A 100 -3.47 -6.96 12.39
N SER A 101 -4.43 -7.18 13.28
CA SER A 101 -5.12 -8.46 13.36
C SER A 101 -6.16 -8.59 12.26
N PRO A 102 -6.70 -9.80 12.05
CA PRO A 102 -7.71 -10.04 11.01
C PRO A 102 -8.94 -9.14 11.17
N GLU A 103 -9.13 -8.60 12.36
CA GLU A 103 -10.26 -7.72 12.63
C GLU A 103 -10.14 -6.41 11.86
N GLU A 104 -9.02 -5.72 12.05
CA GLU A 104 -8.77 -4.45 11.37
C GLU A 104 -8.79 -4.64 9.85
N HIS A 105 -8.48 -5.85 9.40
CA HIS A 105 -8.49 -6.14 7.97
C HIS A 105 -9.92 -6.30 7.47
N ARG A 106 -10.68 -7.16 8.12
CA ARG A 106 -12.06 -7.42 7.74
C ARG A 106 -12.92 -6.17 7.91
N ARG A 107 -12.71 -5.44 9.00
CA ARG A 107 -13.47 -4.23 9.26
C ARG A 107 -13.18 -3.15 8.23
N LEU A 108 -11.90 -2.82 8.07
CA LEU A 108 -11.49 -1.79 7.12
C LEU A 108 -11.81 -2.22 5.69
N GLU A 109 -11.60 -3.50 5.39
CA GLU A 109 -11.86 -4.03 4.06
C GLU A 109 -13.37 -4.05 3.80
N LYS A 110 -14.12 -4.69 4.69
CA LYS A 110 -15.57 -4.80 4.54
C LYS A 110 -16.20 -3.42 4.33
N GLU A 111 -15.63 -2.40 4.96
CA GLU A 111 -16.15 -1.04 4.83
C GLU A 111 -15.92 -0.51 3.42
N VAL A 112 -14.66 -0.51 3.00
CA VAL A 112 -14.30 -0.02 1.67
C VAL A 112 -14.94 -0.88 0.58
N LEU A 113 -14.72 -2.18 0.65
CA LEU A 113 -15.25 -3.12 -0.33
C LEU A 113 -16.76 -2.99 -0.48
N MET A 114 -17.46 -2.76 0.62
CA MET A 114 -18.91 -2.62 0.55
C MET A 114 -19.27 -1.24 -0.02
N GLU A 115 -18.53 -0.23 0.40
CA GLU A 115 -18.78 1.13 -0.05
C GLU A 115 -18.77 1.22 -1.59
N LYS A 116 -17.84 0.49 -2.20
CA LYS A 116 -17.72 0.48 -3.65
C LYS A 116 -18.66 -0.55 -4.28
N GLU A 117 -18.73 -1.73 -3.66
CA GLU A 117 -19.60 -2.79 -4.16
C GLU A 117 -21.05 -2.35 -4.18
N ILE A 118 -21.54 -1.86 -3.04
CA ILE A 118 -22.91 -1.40 -2.92
C ILE A 118 -23.04 0.08 -3.27
N LEU A 119 -21.98 0.65 -3.85
CA LEU A 119 -21.98 2.06 -4.24
C LEU A 119 -23.14 2.36 -5.20
N GLU A 120 -23.32 1.50 -6.19
CA GLU A 120 -24.37 1.68 -7.17
C GLU A 120 -25.74 1.35 -6.56
N LYS A 121 -25.86 0.14 -6.01
CA LYS A 121 -27.10 -0.30 -5.41
C LYS A 121 -27.54 0.65 -4.30
N GLY A 1 -25.75 -15.84 -12.70
CA GLY A 1 -24.89 -15.84 -11.49
C GLY A 1 -25.70 -15.75 -10.20
N PRO A 2 -26.05 -16.90 -9.59
CA PRO A 2 -26.83 -16.93 -8.35
C PRO A 2 -26.04 -16.40 -7.16
N LEU A 3 -24.73 -16.68 -7.14
CA LEU A 3 -23.87 -16.24 -6.06
C LEU A 3 -23.69 -14.72 -6.11
N GLY A 4 -23.33 -14.14 -4.98
CA GLY A 4 -23.13 -12.70 -4.90
C GLY A 4 -21.82 -12.27 -5.54
N SER A 5 -21.78 -12.23 -6.87
CA SER A 5 -20.59 -11.83 -7.59
C SER A 5 -20.95 -11.03 -8.84
N LEU A 6 -20.89 -9.71 -8.72
CA LEU A 6 -21.20 -8.82 -9.83
C LEU A 6 -19.94 -8.40 -10.57
N GLY A 7 -20.10 -7.53 -11.56
CA GLY A 7 -18.96 -7.07 -12.34
C GLY A 7 -18.69 -5.59 -12.14
N ARG A 8 -18.46 -5.19 -10.89
CA ARG A 8 -18.18 -3.80 -10.57
C ARG A 8 -17.08 -3.70 -9.53
N ARG A 9 -16.00 -3.03 -9.91
CA ARG A 9 -14.86 -2.85 -9.03
C ARG A 9 -13.80 -1.96 -9.67
N TRP A 10 -13.28 -1.01 -8.91
CA TRP A 10 -12.26 -0.09 -9.41
C TRP A 10 -10.99 -0.84 -9.82
N GLY A 11 -10.86 -2.08 -9.35
CA GLY A 11 -9.68 -2.87 -9.68
C GLY A 11 -8.99 -3.41 -8.45
N PRO A 12 -8.11 -4.42 -8.61
CA PRO A 12 -7.37 -5.01 -7.49
C PRO A 12 -6.34 -4.06 -6.91
N ASN A 13 -5.70 -3.29 -7.78
CA ASN A 13 -4.69 -2.33 -7.35
C ASN A 13 -5.32 -1.20 -6.54
N VAL A 14 -6.51 -0.77 -6.96
CA VAL A 14 -7.21 0.30 -6.27
C VAL A 14 -7.75 -0.17 -4.92
N GLN A 15 -8.29 -1.38 -4.90
CA GLN A 15 -8.83 -1.96 -3.68
C GLN A 15 -7.76 -2.02 -2.59
N ARG A 16 -6.57 -2.49 -2.98
CA ARG A 16 -5.46 -2.61 -2.04
C ARG A 16 -5.06 -1.24 -1.51
N LEU A 17 -4.85 -0.29 -2.41
CA LEU A 17 -4.47 1.06 -2.03
C LEU A 17 -5.55 1.71 -1.17
N ALA A 18 -6.81 1.37 -1.45
CA ALA A 18 -7.93 1.92 -0.71
C ALA A 18 -7.88 1.48 0.76
N CYS A 19 -7.80 0.18 0.97
CA CYS A 19 -7.75 -0.38 2.32
C CYS A 19 -6.55 0.17 3.09
N ILE A 20 -5.40 0.25 2.43
CA ILE A 20 -4.19 0.76 3.06
C ILE A 20 -4.38 2.20 3.53
N LYS A 21 -4.85 3.05 2.63
CA LYS A 21 -5.07 4.45 2.94
C LYS A 21 -6.10 4.61 4.07
N LYS A 22 -7.06 3.70 4.12
CA LYS A 22 -8.11 3.75 5.14
C LYS A 22 -7.54 3.55 6.55
N HIS A 23 -6.70 2.52 6.70
CA HIS A 23 -6.10 2.23 8.00
C HIS A 23 -5.08 3.31 8.38
N LEU A 24 -4.32 3.77 7.40
CA LEU A 24 -3.30 4.79 7.65
C LEU A 24 -3.92 6.04 8.29
N ARG A 25 -5.02 6.51 7.71
CA ARG A 25 -5.70 7.69 8.23
C ARG A 25 -6.30 7.41 9.60
N SER A 26 -6.87 6.22 9.76
CA SER A 26 -7.48 5.83 11.02
C SER A 26 -6.42 5.52 12.09
N GLN A 27 -5.17 5.36 11.66
CA GLN A 27 -4.08 5.05 12.58
C GLN A 27 -3.30 6.31 12.97
N GLY A 28 -3.59 7.43 12.32
CA GLY A 28 -2.91 8.66 12.64
C GLY A 28 -2.13 9.22 11.47
N ILE A 29 -2.04 8.45 10.40
CA ILE A 29 -1.32 8.85 9.20
C ILE A 29 -2.28 9.37 8.14
N THR A 30 -2.32 10.70 7.97
CA THR A 30 -3.19 11.31 6.99
C THR A 30 -2.57 11.24 5.59
N MET A 31 -3.22 10.48 4.70
CA MET A 31 -2.73 10.32 3.34
C MET A 31 -3.79 10.75 2.33
N ASP A 32 -4.65 11.67 2.74
CA ASP A 32 -5.71 12.16 1.87
C ASP A 32 -5.14 12.88 0.66
N GLU A 33 -4.25 13.85 0.92
CA GLU A 33 -3.62 14.62 -0.17
C GLU A 33 -3.04 13.69 -1.23
N LEU A 34 -1.93 13.03 -0.89
CA LEU A 34 -1.27 12.12 -1.81
C LEU A 34 -0.03 11.50 -1.18
N PRO A 35 0.15 10.17 -1.32
CA PRO A 35 1.31 9.47 -0.75
C PRO A 35 2.58 9.73 -1.55
N LEU A 36 3.60 10.24 -0.86
CA LEU A 36 4.88 10.53 -1.51
C LEU A 36 6.03 9.85 -0.78
N ILE A 37 7.09 9.58 -1.53
CA ILE A 37 8.28 8.94 -1.00
C ILE A 37 9.50 9.41 -1.78
N GLY A 38 10.55 9.79 -1.07
CA GLY A 38 11.75 10.27 -1.73
C GLY A 38 11.44 11.35 -2.76
N GLY A 39 10.57 12.29 -2.38
CA GLY A 39 10.21 13.38 -3.28
C GLY A 39 9.40 12.94 -4.48
N CYS A 40 9.00 11.68 -4.54
CA CYS A 40 8.24 11.17 -5.68
C CYS A 40 7.00 10.40 -5.23
N GLU A 41 6.07 10.22 -6.17
CA GLU A 41 4.84 9.49 -5.89
C GLU A 41 5.07 7.99 -5.96
N LEU A 42 4.42 7.25 -5.07
CA LEU A 42 4.55 5.80 -5.05
C LEU A 42 3.19 5.12 -4.93
N ASP A 43 3.04 3.97 -5.58
CA ASP A 43 1.79 3.22 -5.54
C ASP A 43 1.82 2.17 -4.45
N LEU A 44 1.03 2.39 -3.40
CA LEU A 44 0.96 1.46 -2.27
C LEU A 44 0.68 0.04 -2.75
N ALA A 45 -0.24 -0.09 -3.70
CA ALA A 45 -0.60 -1.40 -4.24
C ALA A 45 0.59 -2.05 -4.93
N CYS A 46 1.28 -1.28 -5.77
CA CYS A 46 2.44 -1.81 -6.49
C CYS A 46 3.59 -2.12 -5.53
N PHE A 47 3.75 -1.28 -4.52
CA PHE A 47 4.81 -1.47 -3.53
C PHE A 47 4.54 -2.70 -2.67
N PHE A 48 3.29 -2.85 -2.22
CA PHE A 48 2.91 -3.99 -1.40
C PHE A 48 3.16 -5.30 -2.13
N ARG A 49 2.74 -5.36 -3.39
CA ARG A 49 2.90 -6.57 -4.19
C ARG A 49 4.38 -6.91 -4.36
N LEU A 50 5.20 -5.89 -4.64
CA LEU A 50 6.63 -6.09 -4.82
C LEU A 50 7.26 -6.76 -3.60
N ILE A 51 6.90 -6.28 -2.42
CA ILE A 51 7.45 -6.84 -1.18
C ILE A 51 7.06 -8.31 -1.01
N ASN A 52 5.79 -8.60 -1.27
CA ASN A 52 5.28 -9.96 -1.13
C ASN A 52 5.94 -10.91 -2.12
N GLU A 53 6.05 -10.49 -3.37
CA GLU A 53 6.67 -11.31 -4.41
C GLU A 53 8.15 -11.53 -4.15
N MET A 54 8.73 -10.75 -3.24
CA MET A 54 10.15 -10.88 -2.92
C MET A 54 10.36 -11.76 -1.69
N GLY A 55 9.51 -12.78 -1.56
CA GLY A 55 9.63 -13.69 -0.43
C GLY A 55 9.15 -13.07 0.88
N GLY A 56 8.16 -12.20 0.79
CA GLY A 56 7.63 -11.56 1.98
C GLY A 56 8.42 -10.32 2.37
N MET A 57 7.91 -9.59 3.36
CA MET A 57 8.56 -8.37 3.83
C MET A 57 9.83 -8.69 4.61
N GLN A 58 9.86 -9.86 5.25
CA GLN A 58 11.02 -10.27 6.04
C GLN A 58 12.29 -10.23 5.19
N GLN A 59 12.23 -10.81 3.99
CA GLN A 59 13.38 -10.84 3.10
C GLN A 59 13.78 -9.42 2.69
N VAL A 60 12.81 -8.66 2.20
CA VAL A 60 13.05 -7.28 1.77
C VAL A 60 13.81 -6.49 2.83
N THR A 61 13.27 -6.45 4.05
CA THR A 61 13.88 -5.69 5.15
C THR A 61 15.10 -6.38 5.76
N ASP A 62 14.97 -7.65 6.11
CA ASP A 62 16.08 -8.38 6.75
C ASP A 62 17.30 -8.49 5.86
N LEU A 63 17.12 -8.95 4.63
CA LEU A 63 18.24 -9.11 3.70
C LEU A 63 18.68 -7.77 3.10
N LYS A 64 18.06 -6.68 3.54
CA LYS A 64 18.39 -5.35 3.02
C LYS A 64 18.42 -5.36 1.50
N LYS A 65 17.26 -5.15 0.89
CA LYS A 65 17.14 -5.14 -0.55
C LYS A 65 16.12 -4.12 -1.02
N TRP A 66 15.83 -3.14 -0.18
CA TRP A 66 14.86 -2.12 -0.55
C TRP A 66 15.31 -1.37 -1.79
N ASN A 67 16.63 -1.27 -1.95
CA ASN A 67 17.21 -0.58 -3.10
C ASN A 67 16.73 -1.18 -4.42
N LYS A 68 16.70 -2.50 -4.49
CA LYS A 68 16.26 -3.19 -5.71
C LYS A 68 14.73 -3.12 -5.86
N LEU A 69 14.02 -3.52 -4.81
CA LEU A 69 12.56 -3.49 -4.84
C LEU A 69 12.07 -2.09 -5.18
N ALA A 70 12.73 -1.08 -4.61
CA ALA A 70 12.38 0.31 -4.87
C ALA A 70 12.78 0.71 -6.29
N ASP A 71 13.88 0.13 -6.77
CA ASP A 71 14.36 0.42 -8.12
C ASP A 71 13.26 0.18 -9.14
N MET A 72 12.62 -0.97 -9.05
CA MET A 72 11.54 -1.32 -9.96
C MET A 72 10.36 -0.36 -9.79
N LEU A 73 10.29 0.30 -8.64
CA LEU A 73 9.22 1.25 -8.36
C LEU A 73 9.50 2.60 -9.01
N ARG A 74 10.63 2.71 -9.70
CA ARG A 74 11.01 3.96 -10.39
C ARG A 74 11.39 5.04 -9.39
N ILE A 75 12.56 4.88 -8.76
CA ILE A 75 13.04 5.85 -7.78
C ILE A 75 14.43 6.34 -8.17
N PRO A 76 14.69 7.66 -8.04
CA PRO A 76 15.99 8.25 -8.39
C PRO A 76 17.10 7.78 -7.45
N LYS A 77 18.15 7.23 -8.04
CA LYS A 77 19.30 6.74 -7.27
C LYS A 77 20.08 7.89 -6.64
N THR A 78 19.81 9.11 -7.10
CA THR A 78 20.50 10.29 -6.58
C THR A 78 20.16 10.53 -5.11
N ALA A 79 19.01 10.01 -4.67
CA ALA A 79 18.57 10.16 -3.29
C ALA A 79 19.23 9.12 -2.40
N GLN A 80 20.17 9.57 -1.57
CA GLN A 80 20.89 8.68 -0.66
C GLN A 80 20.01 8.29 0.52
N ASP A 81 19.71 9.25 1.39
CA ASP A 81 18.90 9.00 2.57
C ASP A 81 17.55 8.37 2.20
N ARG A 82 17.17 8.46 0.93
CA ARG A 82 15.90 7.91 0.45
C ARG A 82 15.69 6.49 0.99
N LEU A 83 16.77 5.71 1.00
CA LEU A 83 16.71 4.33 1.48
C LEU A 83 16.24 4.28 2.93
N ALA A 84 16.76 5.19 3.75
CA ALA A 84 16.39 5.23 5.16
C ALA A 84 14.97 5.76 5.34
N LYS A 85 14.59 6.72 4.51
CA LYS A 85 13.26 7.30 4.58
C LYS A 85 12.21 6.26 4.21
N LEU A 86 12.50 5.48 3.17
CA LEU A 86 11.61 4.43 2.72
C LEU A 86 11.44 3.36 3.78
N GLN A 87 12.56 2.98 4.39
CA GLN A 87 12.55 1.95 5.45
C GLN A 87 11.60 2.36 6.57
N GLU A 88 11.69 3.62 6.98
CA GLU A 88 10.84 4.14 8.05
C GLU A 88 9.43 4.42 7.55
N ALA A 89 9.31 4.77 6.26
CA ALA A 89 8.01 5.06 5.67
C ALA A 89 7.14 3.82 5.59
N TYR A 90 7.74 2.67 5.31
CA TYR A 90 6.98 1.42 5.22
C TYR A 90 6.83 0.81 6.61
N CYS A 91 7.88 0.93 7.42
CA CYS A 91 7.86 0.39 8.78
C CYS A 91 6.76 1.05 9.61
N GLN A 92 6.45 2.29 9.28
CA GLN A 92 5.41 3.04 10.00
C GLN A 92 4.10 3.05 9.22
N TYR A 93 4.08 2.42 8.05
CA TYR A 93 2.88 2.36 7.22
C TYR A 93 2.39 0.93 7.02
N LEU A 94 3.04 0.21 6.11
CA LEU A 94 2.66 -1.17 5.82
C LEU A 94 2.86 -2.10 7.02
N LEU A 95 3.96 -1.91 7.73
CA LEU A 95 4.26 -2.73 8.90
C LEU A 95 3.05 -2.87 9.82
N SER A 96 2.52 -1.74 10.26
CA SER A 96 1.37 -1.74 11.16
C SER A 96 0.21 -2.55 10.57
N TYR A 97 -0.07 -2.33 9.29
CA TYR A 97 -1.16 -3.03 8.61
C TYR A 97 -0.90 -4.53 8.58
N ASP A 98 0.38 -4.91 8.57
CA ASP A 98 0.76 -6.31 8.52
C ASP A 98 1.04 -6.85 9.93
N SER A 99 1.00 -5.97 10.93
CA SER A 99 1.25 -6.38 12.31
C SER A 99 -0.01 -6.28 13.17
N LEU A 100 -0.95 -5.45 12.74
CA LEU A 100 -2.20 -5.26 13.47
C LEU A 100 -3.07 -6.52 13.37
N SER A 101 -4.17 -6.53 14.13
CA SER A 101 -5.09 -7.66 14.13
C SER A 101 -5.91 -7.70 12.84
N PRO A 102 -6.57 -8.84 12.56
CA PRO A 102 -7.40 -8.99 11.36
C PRO A 102 -8.65 -8.13 11.41
N GLU A 103 -9.06 -7.75 12.61
CA GLU A 103 -10.24 -6.91 12.79
C GLU A 103 -10.17 -5.66 11.92
N GLU A 104 -9.04 -4.95 12.01
CA GLU A 104 -8.84 -3.73 11.22
C GLU A 104 -8.95 -4.02 9.73
N HIS A 105 -8.66 -5.25 9.34
CA HIS A 105 -8.74 -5.64 7.94
C HIS A 105 -10.19 -5.85 7.52
N ARG A 106 -10.90 -6.69 8.26
CA ARG A 106 -12.30 -6.99 7.97
C ARG A 106 -13.16 -5.72 8.01
N ARG A 107 -12.98 -4.91 9.05
CA ARG A 107 -13.77 -3.69 9.19
C ARG A 107 -13.41 -2.66 8.12
N LEU A 108 -12.13 -2.37 7.96
CA LEU A 108 -11.68 -1.39 6.96
C LEU A 108 -11.99 -1.87 5.55
N GLU A 109 -11.73 -3.14 5.29
CA GLU A 109 -12.00 -3.71 3.98
C GLU A 109 -13.50 -3.72 3.70
N LYS A 110 -14.26 -4.31 4.61
CA LYS A 110 -15.71 -4.39 4.45
C LYS A 110 -16.31 -3.02 4.14
N GLU A 111 -15.74 -1.98 4.73
CA GLU A 111 -16.22 -0.62 4.52
C GLU A 111 -15.89 -0.13 3.10
N VAL A 112 -14.62 -0.19 2.74
CA VAL A 112 -14.18 0.24 1.42
C VAL A 112 -14.77 -0.63 0.32
N LEU A 113 -14.56 -1.94 0.44
CA LEU A 113 -15.05 -2.89 -0.55
C LEU A 113 -16.56 -2.75 -0.78
N MET A 114 -17.33 -2.56 0.29
CA MET A 114 -18.77 -2.41 0.14
C MET A 114 -19.07 -1.09 -0.55
N GLU A 115 -18.32 -0.04 -0.20
CA GLU A 115 -18.51 1.27 -0.79
C GLU A 115 -18.39 1.22 -2.30
N LYS A 116 -17.48 0.38 -2.79
CA LYS A 116 -17.26 0.24 -4.23
C LYS A 116 -18.23 -0.75 -4.87
N GLU A 117 -18.58 -1.79 -4.12
CA GLU A 117 -19.51 -2.81 -4.62
C GLU A 117 -20.93 -2.28 -4.69
N ILE A 118 -21.40 -1.71 -3.57
CA ILE A 118 -22.75 -1.18 -3.50
C ILE A 118 -22.79 0.28 -3.97
N LEU A 119 -21.70 0.76 -4.58
CA LEU A 119 -21.63 2.13 -5.07
C LEU A 119 -22.79 2.44 -6.01
N GLU A 120 -22.93 1.65 -7.06
CA GLU A 120 -23.99 1.84 -8.05
C GLU A 120 -25.36 1.82 -7.40
N LYS A 121 -25.60 0.80 -6.57
CA LYS A 121 -26.88 0.66 -5.88
C LYS A 121 -27.01 1.69 -4.76
N GLY A 1 -11.15 -7.83 -28.94
CA GLY A 1 -11.66 -9.23 -29.02
C GLY A 1 -12.96 -9.41 -28.27
N PRO A 2 -13.70 -10.49 -28.55
CA PRO A 2 -14.98 -10.78 -27.89
C PRO A 2 -14.79 -11.18 -26.43
N LEU A 3 -13.64 -11.76 -26.12
CA LEU A 3 -13.34 -12.19 -24.76
C LEU A 3 -13.27 -10.99 -23.82
N GLY A 4 -13.35 -11.26 -22.52
CA GLY A 4 -13.29 -10.19 -21.53
C GLY A 4 -14.65 -9.62 -21.22
N SER A 5 -15.16 -9.92 -20.02
CA SER A 5 -16.46 -9.43 -19.60
C SER A 5 -16.50 -9.21 -18.10
N LEU A 6 -16.39 -7.95 -17.69
CA LEU A 6 -16.40 -7.60 -16.27
C LEU A 6 -17.70 -6.87 -15.91
N GLY A 7 -17.80 -6.45 -14.66
CA GLY A 7 -19.00 -5.75 -14.21
C GLY A 7 -18.68 -4.52 -13.40
N ARG A 8 -18.35 -4.72 -12.12
CA ARG A 8 -18.02 -3.61 -11.23
C ARG A 8 -16.61 -3.78 -10.65
N ARG A 9 -16.42 -3.40 -9.39
CA ARG A 9 -15.12 -3.52 -8.74
C ARG A 9 -14.09 -2.62 -9.42
N TRP A 10 -13.13 -2.13 -8.63
CA TRP A 10 -12.09 -1.25 -9.15
C TRP A 10 -10.79 -2.02 -9.43
N GLY A 11 -10.70 -3.23 -8.90
CA GLY A 11 -9.52 -4.04 -9.11
C GLY A 11 -8.78 -4.36 -7.81
N PRO A 12 -7.84 -5.32 -7.84
CA PRO A 12 -7.08 -5.71 -6.65
C PRO A 12 -6.10 -4.63 -6.20
N ASN A 13 -5.45 -3.99 -7.18
CA ASN A 13 -4.49 -2.94 -6.89
C ASN A 13 -5.16 -1.76 -6.21
N VAL A 14 -6.39 -1.45 -6.63
CA VAL A 14 -7.13 -0.34 -6.06
C VAL A 14 -7.54 -0.63 -4.62
N GLN A 15 -8.03 -1.84 -4.38
CA GLN A 15 -8.45 -2.25 -3.05
C GLN A 15 -7.27 -2.18 -2.09
N ARG A 16 -6.08 -2.53 -2.58
CA ARG A 16 -4.88 -2.51 -1.77
C ARG A 16 -4.57 -1.09 -1.32
N LEU A 17 -4.55 -0.16 -2.28
CA LEU A 17 -4.26 1.25 -1.98
C LEU A 17 -5.39 1.86 -1.16
N ALA A 18 -6.59 1.32 -1.31
CA ALA A 18 -7.75 1.82 -0.57
C ALA A 18 -7.69 1.42 0.89
N CYS A 19 -7.33 0.16 1.15
CA CYS A 19 -7.24 -0.35 2.50
C CYS A 19 -6.07 0.27 3.26
N ILE A 20 -4.98 0.54 2.54
CA ILE A 20 -3.79 1.15 3.15
C ILE A 20 -4.06 2.58 3.57
N LYS A 21 -4.62 3.38 2.66
CA LYS A 21 -4.91 4.78 2.94
C LYS A 21 -5.95 4.90 4.06
N LYS A 22 -6.91 3.98 4.08
CA LYS A 22 -7.95 3.98 5.10
C LYS A 22 -7.35 3.74 6.48
N HIS A 23 -6.45 2.78 6.57
CA HIS A 23 -5.80 2.46 7.83
C HIS A 23 -4.86 3.58 8.26
N LEU A 24 -4.12 4.13 7.31
CA LEU A 24 -3.18 5.21 7.58
C LEU A 24 -3.87 6.40 8.23
N ARG A 25 -4.97 6.84 7.63
CA ARG A 25 -5.73 7.97 8.15
C ARG A 25 -6.27 7.65 9.54
N SER A 26 -6.81 6.44 9.70
CA SER A 26 -7.37 6.01 10.97
C SER A 26 -6.26 5.74 12.00
N GLN A 27 -5.02 5.64 11.52
CA GLN A 27 -3.89 5.37 12.41
C GLN A 27 -3.17 6.66 12.81
N GLY A 28 -3.55 7.78 12.19
CA GLY A 28 -2.92 9.04 12.51
C GLY A 28 -2.14 9.61 11.34
N ILE A 29 -2.16 8.90 10.21
CA ILE A 29 -1.45 9.32 9.03
C ILE A 29 -2.42 9.76 7.93
N THR A 30 -2.53 11.07 7.72
CA THR A 30 -3.43 11.60 6.70
C THR A 30 -2.76 11.59 5.33
N MET A 31 -3.18 10.63 4.49
CA MET A 31 -2.63 10.50 3.15
C MET A 31 -3.56 11.17 2.12
N ASP A 32 -4.33 12.14 2.57
CA ASP A 32 -5.26 12.85 1.69
C ASP A 32 -4.52 13.87 0.85
N GLU A 33 -3.47 14.45 1.40
CA GLU A 33 -2.68 15.45 0.69
C GLU A 33 -2.09 14.87 -0.58
N LEU A 34 -1.08 14.02 -0.43
CA LEU A 34 -0.43 13.39 -1.57
C LEU A 34 0.70 12.47 -1.12
N PRO A 35 0.62 11.16 -1.41
CA PRO A 35 1.65 10.21 -1.02
C PRO A 35 2.95 10.42 -1.78
N LEU A 36 4.05 10.55 -1.05
CA LEU A 36 5.35 10.77 -1.68
C LEU A 36 6.46 10.02 -0.97
N ILE A 37 7.51 9.69 -1.72
CA ILE A 37 8.67 8.98 -1.20
C ILE A 37 9.90 9.39 -1.99
N GLY A 38 10.98 9.70 -1.30
CA GLY A 38 12.19 10.11 -1.97
C GLY A 38 11.95 11.22 -2.98
N GLY A 39 11.13 12.19 -2.58
CA GLY A 39 10.83 13.32 -3.46
C GLY A 39 9.96 12.95 -4.66
N CYS A 40 9.49 11.71 -4.73
CA CYS A 40 8.68 11.28 -5.86
C CYS A 40 7.40 10.58 -5.40
N GLU A 41 6.44 10.47 -6.31
CA GLU A 41 5.18 9.82 -6.02
C GLU A 41 5.31 8.30 -6.08
N LEU A 42 4.60 7.61 -5.21
CA LEU A 42 4.65 6.16 -5.16
C LEU A 42 3.26 5.55 -5.05
N ASP A 43 3.07 4.40 -5.68
CA ASP A 43 1.79 3.70 -5.65
C ASP A 43 1.77 2.63 -4.56
N LEU A 44 0.98 2.86 -3.52
CA LEU A 44 0.88 1.92 -2.40
C LEU A 44 0.57 0.51 -2.91
N ALA A 45 -0.34 0.41 -3.86
CA ALA A 45 -0.74 -0.88 -4.43
C ALA A 45 0.46 -1.59 -5.06
N CYS A 46 1.25 -0.84 -5.83
CA CYS A 46 2.42 -1.40 -6.49
C CYS A 46 3.49 -1.74 -5.46
N PHE A 47 3.57 -0.94 -4.40
CA PHE A 47 4.55 -1.16 -3.35
C PHE A 47 4.24 -2.43 -2.56
N PHE A 48 2.98 -2.60 -2.19
CA PHE A 48 2.56 -3.76 -1.43
C PHE A 48 2.81 -5.05 -2.20
N ARG A 49 2.40 -5.07 -3.47
CA ARG A 49 2.57 -6.24 -4.32
C ARG A 49 4.06 -6.62 -4.43
N LEU A 50 4.90 -5.62 -4.66
CA LEU A 50 6.33 -5.85 -4.80
C LEU A 50 6.91 -6.55 -3.57
N ILE A 51 6.63 -6.00 -2.39
CA ILE A 51 7.13 -6.57 -1.15
C ILE A 51 6.70 -8.03 -1.01
N ASN A 52 5.43 -8.29 -1.30
CA ASN A 52 4.89 -9.65 -1.21
C ASN A 52 5.60 -10.58 -2.18
N GLU A 53 5.79 -10.11 -3.42
CA GLU A 53 6.46 -10.90 -4.45
C GLU A 53 7.92 -11.18 -4.08
N MET A 54 8.44 -10.43 -3.11
CA MET A 54 9.82 -10.60 -2.67
C MET A 54 9.92 -11.55 -1.48
N GLY A 55 8.96 -12.48 -1.39
CA GLY A 55 8.98 -13.43 -0.29
C GLY A 55 8.50 -12.83 1.01
N GLY A 56 7.56 -11.89 0.92
CA GLY A 56 7.04 -11.24 2.12
C GLY A 56 7.86 -10.04 2.53
N MET A 57 7.36 -9.30 3.51
CA MET A 57 8.06 -8.11 4.01
C MET A 57 9.31 -8.49 4.79
N GLN A 58 9.32 -9.69 5.35
CA GLN A 58 10.47 -10.15 6.13
C GLN A 58 11.72 -10.17 5.28
N GLN A 59 11.63 -10.70 4.07
CA GLN A 59 12.77 -10.77 3.17
C GLN A 59 13.23 -9.37 2.76
N VAL A 60 12.29 -8.57 2.27
CA VAL A 60 12.59 -7.20 1.84
C VAL A 60 13.38 -6.43 2.90
N THR A 61 12.83 -6.36 4.10
CA THR A 61 13.46 -5.63 5.21
C THR A 61 14.65 -6.37 5.85
N ASP A 62 14.47 -7.66 6.14
CA ASP A 62 15.53 -8.44 6.80
C ASP A 62 16.75 -8.63 5.91
N LEU A 63 16.53 -9.10 4.68
CA LEU A 63 17.64 -9.34 3.76
C LEU A 63 18.19 -8.04 3.17
N LYS A 64 17.64 -6.90 3.58
CA LYS A 64 18.09 -5.61 3.07
C LYS A 64 18.14 -5.63 1.55
N LYS A 65 17.00 -5.37 0.93
CA LYS A 65 16.91 -5.35 -0.52
C LYS A 65 15.91 -4.30 -1.00
N TRP A 66 15.62 -3.32 -0.14
CA TRP A 66 14.68 -2.27 -0.51
C TRP A 66 15.16 -1.54 -1.76
N ASN A 67 16.47 -1.46 -1.91
CA ASN A 67 17.08 -0.78 -3.06
C ASN A 67 16.55 -1.34 -4.38
N LYS A 68 16.44 -2.65 -4.48
CA LYS A 68 15.97 -3.30 -5.71
C LYS A 68 14.46 -3.18 -5.85
N LEU A 69 13.72 -3.57 -4.81
CA LEU A 69 12.27 -3.50 -4.83
C LEU A 69 11.82 -2.07 -5.14
N ALA A 70 12.48 -1.08 -4.54
CA ALA A 70 12.16 0.32 -4.77
C ALA A 70 12.61 0.73 -6.17
N ASP A 71 13.71 0.16 -6.63
CA ASP A 71 14.24 0.47 -7.96
C ASP A 71 13.16 0.30 -9.02
N MET A 72 12.48 -0.85 -8.99
CA MET A 72 11.41 -1.13 -9.94
C MET A 72 10.26 -0.14 -9.77
N LEU A 73 10.18 0.47 -8.59
CA LEU A 73 9.12 1.43 -8.29
C LEU A 73 9.41 2.80 -8.92
N ARG A 74 10.57 2.91 -9.59
CA ARG A 74 10.97 4.16 -10.24
C ARG A 74 11.40 5.21 -9.21
N ILE A 75 12.56 4.98 -8.61
CA ILE A 75 13.10 5.90 -7.61
C ILE A 75 14.58 6.20 -7.92
N PRO A 76 15.01 7.46 -7.73
CA PRO A 76 16.39 7.87 -8.00
C PRO A 76 17.39 7.20 -7.06
N LYS A 77 18.36 6.51 -7.65
CA LYS A 77 19.38 5.82 -6.87
C LYS A 77 20.33 6.82 -6.21
N THR A 78 20.45 8.00 -6.80
CA THR A 78 21.32 9.04 -6.27
C THR A 78 20.82 9.53 -4.91
N ALA A 79 19.53 9.32 -4.64
CA ALA A 79 18.94 9.73 -3.37
C ALA A 79 19.44 8.86 -2.23
N GLN A 80 20.24 9.44 -1.34
CA GLN A 80 20.79 8.69 -0.21
C GLN A 80 19.70 8.41 0.82
N ASP A 81 19.22 9.45 1.49
CA ASP A 81 18.18 9.31 2.51
C ASP A 81 16.97 8.56 1.99
N ARG A 82 16.82 8.49 0.67
CA ARG A 82 15.70 7.79 0.05
C ARG A 82 15.60 6.37 0.59
N LEU A 83 16.75 5.76 0.86
CA LEU A 83 16.79 4.39 1.36
C LEU A 83 16.28 4.32 2.80
N ALA A 84 16.84 5.15 3.68
CA ALA A 84 16.45 5.16 5.08
C ALA A 84 15.05 5.73 5.25
N LYS A 85 14.70 6.73 4.44
CA LYS A 85 13.38 7.35 4.50
C LYS A 85 12.32 6.33 4.13
N LEU A 86 12.62 5.52 3.11
CA LEU A 86 11.69 4.49 2.65
C LEU A 86 11.47 3.46 3.74
N GLN A 87 12.56 3.03 4.39
CA GLN A 87 12.48 2.05 5.46
C GLN A 87 11.52 2.51 6.55
N GLU A 88 11.64 3.77 6.94
CA GLU A 88 10.78 4.35 7.97
C GLU A 88 9.39 4.67 7.41
N ALA A 89 9.32 4.99 6.13
CA ALA A 89 8.06 5.31 5.48
C ALA A 89 7.12 4.11 5.42
N TYR A 90 7.70 2.94 5.16
CA TYR A 90 6.91 1.72 5.07
C TYR A 90 6.69 1.13 6.47
N CYS A 91 7.72 1.24 7.31
CA CYS A 91 7.65 0.74 8.67
C CYS A 91 6.54 1.43 9.43
N GLN A 92 6.28 2.68 9.10
CA GLN A 92 5.23 3.46 9.76
C GLN A 92 3.91 3.37 8.99
N TYR A 93 3.96 2.83 7.77
CA TYR A 93 2.77 2.69 6.94
C TYR A 93 2.41 1.22 6.71
N LEU A 94 3.15 0.58 5.82
CA LEU A 94 2.91 -0.83 5.49
C LEU A 94 2.92 -1.71 6.74
N LEU A 95 3.95 -1.57 7.56
CA LEU A 95 4.06 -2.36 8.78
C LEU A 95 2.78 -2.33 9.60
N SER A 96 2.21 -1.13 9.76
CA SER A 96 0.99 -0.96 10.51
C SER A 96 -0.12 -1.87 9.96
N TYR A 97 -0.39 -1.74 8.66
CA TYR A 97 -1.42 -2.54 8.01
C TYR A 97 -1.05 -4.02 8.03
N ASP A 98 0.26 -4.30 7.99
CA ASP A 98 0.74 -5.68 8.00
C ASP A 98 0.69 -6.28 9.40
N SER A 99 0.62 -5.42 10.42
CA SER A 99 0.57 -5.89 11.80
C SER A 99 -0.87 -6.04 12.28
N LEU A 100 -1.79 -5.37 11.58
CA LEU A 100 -3.21 -5.44 11.92
C LEU A 100 -3.69 -6.87 12.06
N SER A 101 -4.56 -7.10 13.04
CA SER A 101 -5.12 -8.43 13.28
C SER A 101 -6.21 -8.74 12.27
N PRO A 102 -6.66 -10.00 12.19
CA PRO A 102 -7.71 -10.42 11.26
C PRO A 102 -8.96 -9.56 11.38
N GLU A 103 -9.14 -8.92 12.54
CA GLU A 103 -10.29 -8.07 12.77
C GLU A 103 -10.14 -6.72 12.04
N GLU A 104 -9.04 -6.03 12.33
CA GLU A 104 -8.78 -4.73 11.70
C GLU A 104 -8.73 -4.86 10.18
N HIS A 105 -8.37 -6.05 9.70
CA HIS A 105 -8.30 -6.29 8.27
C HIS A 105 -9.69 -6.46 7.68
N ARG A 106 -10.46 -7.38 8.26
CA ARG A 106 -11.81 -7.65 7.80
C ARG A 106 -12.70 -6.42 7.97
N ARG A 107 -12.49 -5.68 9.05
CA ARG A 107 -13.29 -4.48 9.31
C ARG A 107 -13.02 -3.40 8.28
N LEU A 108 -11.74 -3.04 8.13
CA LEU A 108 -11.34 -2.01 7.17
C LEU A 108 -11.65 -2.46 5.75
N GLU A 109 -11.39 -3.74 5.47
CA GLU A 109 -11.65 -4.28 4.14
C GLU A 109 -13.15 -4.32 3.86
N LYS A 110 -13.90 -4.95 4.75
CA LYS A 110 -15.35 -5.06 4.60
C LYS A 110 -15.98 -3.70 4.32
N GLU A 111 -15.43 -2.65 4.92
CA GLU A 111 -15.94 -1.30 4.73
C GLU A 111 -15.69 -0.84 3.29
N VAL A 112 -14.43 -0.88 2.88
CA VAL A 112 -14.06 -0.46 1.53
C VAL A 112 -14.70 -1.36 0.48
N LEU A 113 -14.46 -2.66 0.60
CA LEU A 113 -14.98 -3.65 -0.33
C LEU A 113 -16.47 -3.47 -0.58
N MET A 114 -17.24 -3.23 0.48
CA MET A 114 -18.68 -3.03 0.33
C MET A 114 -18.96 -1.67 -0.30
N GLU A 115 -18.20 -0.67 0.11
CA GLU A 115 -18.38 0.69 -0.41
C GLU A 115 -18.40 0.71 -1.93
N LYS A 116 -17.51 -0.05 -2.55
CA LYS A 116 -17.43 -0.10 -4.01
C LYS A 116 -18.39 -1.13 -4.58
N GLU A 117 -18.56 -2.25 -3.87
CA GLU A 117 -19.46 -3.31 -4.31
C GLU A 117 -20.90 -2.81 -4.38
N ILE A 118 -21.38 -2.25 -3.27
CA ILE A 118 -22.73 -1.72 -3.18
C ILE A 118 -22.80 -0.26 -3.63
N LEU A 119 -21.72 0.23 -4.25
CA LEU A 119 -21.68 1.61 -4.72
C LEU A 119 -22.81 1.89 -5.69
N GLU A 120 -23.19 0.88 -6.47
CA GLU A 120 -24.28 1.03 -7.43
C GLU A 120 -25.61 0.65 -6.82
N LYS A 121 -25.65 -0.50 -6.15
CA LYS A 121 -26.87 -0.97 -5.50
C LYS A 121 -27.36 0.03 -4.46
N GLY A 1 -12.58 -15.08 -26.41
CA GLY A 1 -13.12 -14.35 -25.24
C GLY A 1 -13.24 -12.86 -25.48
N PRO A 2 -14.19 -12.42 -26.31
CA PRO A 2 -14.39 -11.01 -26.61
C PRO A 2 -14.98 -10.23 -25.43
N LEU A 3 -15.77 -10.93 -24.62
CA LEU A 3 -16.41 -10.32 -23.46
C LEU A 3 -15.35 -9.85 -22.46
N GLY A 4 -15.80 -9.11 -21.44
CA GLY A 4 -14.89 -8.62 -20.43
C GLY A 4 -14.81 -7.10 -20.41
N SER A 5 -15.98 -6.46 -20.40
CA SER A 5 -16.04 -5.00 -20.38
C SER A 5 -16.73 -4.51 -19.11
N LEU A 6 -16.57 -5.26 -18.02
CA LEU A 6 -17.18 -4.89 -16.75
C LEU A 6 -16.21 -4.07 -15.91
N GLY A 7 -16.72 -3.44 -14.86
CA GLY A 7 -15.89 -2.64 -13.98
C GLY A 7 -16.64 -2.12 -12.77
N ARG A 8 -17.14 -3.05 -11.96
CA ARG A 8 -17.88 -2.69 -10.75
C ARG A 8 -16.94 -2.41 -9.59
N ARG A 9 -15.66 -2.56 -9.84
CA ARG A 9 -14.63 -2.33 -8.83
C ARG A 9 -13.46 -1.54 -9.40
N TRP A 10 -12.94 -0.60 -8.62
CA TRP A 10 -11.82 0.23 -9.06
C TRP A 10 -10.61 -0.63 -9.44
N GLY A 11 -10.59 -1.86 -8.95
CA GLY A 11 -9.48 -2.76 -9.25
C GLY A 11 -8.79 -3.26 -8.01
N PRO A 12 -7.98 -4.33 -8.12
CA PRO A 12 -7.25 -4.90 -6.98
C PRO A 12 -6.23 -3.94 -6.40
N ASN A 13 -5.52 -3.23 -7.29
CA ASN A 13 -4.50 -2.28 -6.87
C ASN A 13 -5.11 -1.18 -6.00
N VAL A 14 -6.27 -0.68 -6.42
CA VAL A 14 -6.96 0.36 -5.67
C VAL A 14 -7.55 -0.18 -4.37
N GLN A 15 -8.05 -1.40 -4.43
CA GLN A 15 -8.64 -2.04 -3.26
C GLN A 15 -7.65 -2.05 -2.10
N ARG A 16 -6.41 -2.42 -2.39
CA ARG A 16 -5.36 -2.44 -1.38
C ARG A 16 -4.99 -1.03 -0.96
N LEU A 17 -4.93 -0.13 -1.93
CA LEU A 17 -4.59 1.26 -1.67
C LEU A 17 -5.64 1.92 -0.77
N ALA A 18 -6.88 1.48 -0.91
CA ALA A 18 -7.98 2.02 -0.12
C ALA A 18 -7.91 1.54 1.33
N CYS A 19 -7.73 0.24 1.51
CA CYS A 19 -7.65 -0.34 2.84
C CYS A 19 -6.54 0.31 3.65
N ILE A 20 -5.36 0.45 3.04
CA ILE A 20 -4.22 1.06 3.71
C ILE A 20 -4.47 2.53 3.99
N LYS A 21 -5.13 3.21 3.04
CA LYS A 21 -5.44 4.62 3.20
C LYS A 21 -6.40 4.85 4.36
N LYS A 22 -7.36 3.96 4.50
CA LYS A 22 -8.35 4.06 5.57
C LYS A 22 -7.70 3.87 6.93
N HIS A 23 -6.79 2.90 7.01
CA HIS A 23 -6.09 2.61 8.26
C HIS A 23 -5.10 3.72 8.59
N LEU A 24 -4.39 4.20 7.57
CA LEU A 24 -3.42 5.26 7.75
C LEU A 24 -4.05 6.51 8.36
N ARG A 25 -5.16 6.95 7.77
CA ARG A 25 -5.86 8.14 8.26
C ARG A 25 -6.42 7.91 9.66
N SER A 26 -6.94 6.71 9.89
CA SER A 26 -7.51 6.36 11.19
C SER A 26 -6.41 6.15 12.23
N GLN A 27 -5.19 5.89 11.77
CA GLN A 27 -4.06 5.66 12.66
C GLN A 27 -3.35 6.96 13.01
N GLY A 28 -3.77 8.07 12.40
CA GLY A 28 -3.15 9.35 12.67
C GLY A 28 -2.33 9.86 11.51
N ILE A 29 -2.29 9.08 10.43
CA ILE A 29 -1.53 9.43 9.25
C ILE A 29 -2.46 9.93 8.14
N THR A 30 -2.47 11.24 7.92
CA THR A 30 -3.32 11.83 6.90
C THR A 30 -2.61 11.77 5.53
N MET A 31 -3.12 10.91 4.66
CA MET A 31 -2.55 10.76 3.32
C MET A 31 -3.59 11.08 2.25
N ASP A 32 -4.53 11.95 2.60
CA ASP A 32 -5.59 12.34 1.66
C ASP A 32 -4.99 13.01 0.42
N GLU A 33 -3.89 13.72 0.61
CA GLU A 33 -3.22 14.41 -0.49
C GLU A 33 -2.63 13.41 -1.48
N LEU A 34 -1.48 12.84 -1.11
CA LEU A 34 -0.80 11.86 -1.96
C LEU A 34 0.52 11.42 -1.33
N PRO A 35 0.76 10.11 -1.23
CA PRO A 35 1.99 9.57 -0.65
C PRO A 35 3.21 9.79 -1.55
N LEU A 36 4.28 10.31 -0.96
CA LEU A 36 5.50 10.58 -1.72
C LEU A 36 6.70 9.88 -1.11
N ILE A 37 7.66 9.56 -1.96
CA ILE A 37 8.89 8.90 -1.54
C ILE A 37 10.04 9.32 -2.44
N GLY A 38 11.16 9.68 -1.85
CA GLY A 38 12.29 10.11 -2.65
C GLY A 38 11.93 11.22 -3.63
N GLY A 39 11.13 12.17 -3.18
CA GLY A 39 10.73 13.27 -4.02
C GLY A 39 9.76 12.89 -5.13
N CYS A 40 9.32 11.64 -5.15
CA CYS A 40 8.41 11.18 -6.19
C CYS A 40 7.21 10.43 -5.60
N GLU A 41 6.18 10.25 -6.42
CA GLU A 41 4.98 9.55 -5.98
C GLU A 41 5.18 8.04 -6.03
N LEU A 42 4.57 7.33 -5.09
CA LEU A 42 4.70 5.88 -5.02
C LEU A 42 3.35 5.21 -4.77
N ASP A 43 3.17 4.03 -5.37
CA ASP A 43 1.94 3.28 -5.22
C ASP A 43 2.06 2.23 -4.13
N LEU A 44 1.32 2.42 -3.03
CA LEU A 44 1.35 1.49 -1.90
C LEU A 44 0.90 0.10 -2.34
N ALA A 45 -0.04 0.05 -3.27
CA ALA A 45 -0.56 -1.23 -3.76
C ALA A 45 0.53 -2.02 -4.47
N CYS A 46 1.26 -1.35 -5.36
CA CYS A 46 2.34 -1.99 -6.10
C CYS A 46 3.52 -2.29 -5.17
N PHE A 47 3.70 -1.41 -4.19
CA PHE A 47 4.78 -1.58 -3.22
C PHE A 47 4.51 -2.77 -2.31
N PHE A 48 3.28 -2.86 -1.81
CA PHE A 48 2.89 -3.96 -0.93
C PHE A 48 3.09 -5.30 -1.61
N ARG A 49 2.53 -5.46 -2.81
CA ARG A 49 2.66 -6.71 -3.55
C ARG A 49 4.13 -7.05 -3.78
N LEU A 50 4.92 -6.04 -4.11
CA LEU A 50 6.34 -6.24 -4.36
C LEU A 50 7.02 -6.91 -3.17
N ILE A 51 6.72 -6.42 -1.97
CA ILE A 51 7.31 -7.00 -0.76
C ILE A 51 6.89 -8.45 -0.57
N ASN A 52 5.61 -8.72 -0.82
CA ASN A 52 5.07 -10.07 -0.67
C ASN A 52 5.75 -11.04 -1.63
N GLU A 53 5.89 -10.62 -2.89
CA GLU A 53 6.52 -11.45 -3.91
C GLU A 53 8.04 -11.54 -3.70
N MET A 54 8.56 -10.72 -2.80
CA MET A 54 9.99 -10.71 -2.52
C MET A 54 10.33 -11.59 -1.32
N GLY A 55 9.62 -12.72 -1.21
CA GLY A 55 9.87 -13.63 -0.11
C GLY A 55 9.48 -13.04 1.23
N GLY A 56 8.37 -12.30 1.24
CA GLY A 56 7.91 -11.68 2.47
C GLY A 56 8.68 -10.40 2.80
N MET A 57 8.21 -9.70 3.82
CA MET A 57 8.85 -8.46 4.24
C MET A 57 10.18 -8.71 4.93
N GLN A 58 10.32 -9.89 5.54
CA GLN A 58 11.54 -10.26 6.24
C GLN A 58 12.76 -10.19 5.31
N GLN A 59 12.64 -10.81 4.14
CA GLN A 59 13.73 -10.82 3.17
C GLN A 59 14.07 -9.40 2.70
N VAL A 60 13.03 -8.62 2.41
CA VAL A 60 13.21 -7.25 1.94
C VAL A 60 13.94 -6.38 2.97
N THR A 61 13.43 -6.36 4.20
CA THR A 61 14.01 -5.56 5.27
C THR A 61 15.30 -6.16 5.83
N ASP A 62 15.26 -7.44 6.18
CA ASP A 62 16.43 -8.11 6.76
C ASP A 62 17.61 -8.16 5.80
N LEU A 63 17.35 -8.62 4.58
CA LEU A 63 18.41 -8.72 3.58
C LEU A 63 18.57 -7.41 2.79
N LYS A 64 17.93 -6.35 3.26
CA LYS A 64 18.02 -5.06 2.58
C LYS A 64 17.81 -5.22 1.08
N LYS A 65 16.55 -5.39 0.69
CA LYS A 65 16.22 -5.57 -0.72
C LYS A 65 15.36 -4.43 -1.25
N TRP A 66 15.17 -3.39 -0.43
CA TRP A 66 14.36 -2.26 -0.87
C TRP A 66 15.03 -1.53 -2.04
N ASN A 67 16.34 -1.70 -2.17
CA ASN A 67 17.10 -1.05 -3.23
C ASN A 67 16.58 -1.48 -4.60
N LYS A 68 16.47 -2.78 -4.81
CA LYS A 68 15.97 -3.32 -6.08
C LYS A 68 14.46 -3.20 -6.14
N LEU A 69 13.81 -3.62 -5.05
CA LEU A 69 12.36 -3.57 -4.95
C LEU A 69 11.87 -2.16 -5.26
N ALA A 70 12.52 -1.16 -4.66
CA ALA A 70 12.17 0.24 -4.86
C ALA A 70 12.55 0.71 -6.26
N ASP A 71 13.67 0.20 -6.78
CA ASP A 71 14.13 0.59 -8.10
C ASP A 71 13.02 0.40 -9.14
N MET A 72 12.39 -0.77 -9.12
CA MET A 72 11.31 -1.08 -10.04
C MET A 72 10.11 -0.16 -9.81
N LEU A 73 10.04 0.42 -8.60
CA LEU A 73 8.95 1.31 -8.25
C LEU A 73 9.15 2.71 -8.81
N ARG A 74 10.30 2.93 -9.47
CA ARG A 74 10.63 4.23 -10.06
C ARG A 74 11.02 5.25 -8.99
N ILE A 75 12.20 5.05 -8.42
CA ILE A 75 12.72 5.95 -7.39
C ILE A 75 14.09 6.49 -7.79
N PRO A 76 14.35 7.79 -7.57
CA PRO A 76 15.63 8.41 -7.91
C PRO A 76 16.78 7.91 -7.05
N LYS A 77 17.79 7.33 -7.70
CA LYS A 77 18.96 6.81 -6.99
C LYS A 77 19.80 7.94 -6.41
N THR A 78 19.61 9.15 -6.92
CA THR A 78 20.36 10.31 -6.46
C THR A 78 20.03 10.63 -5.00
N ALA A 79 18.89 10.15 -4.53
CA ALA A 79 18.47 10.40 -3.16
C ALA A 79 19.42 9.73 -2.17
N GLN A 80 20.08 10.53 -1.35
CA GLN A 80 21.03 10.02 -0.36
C GLN A 80 20.31 9.55 0.91
N ASP A 81 18.98 9.53 0.86
CA ASP A 81 18.19 9.10 2.01
C ASP A 81 17.01 8.23 1.57
N ARG A 82 16.88 7.99 0.27
CA ARG A 82 15.78 7.19 -0.25
C ARG A 82 15.77 5.80 0.39
N LEU A 83 16.96 5.28 0.69
CA LEU A 83 17.09 3.96 1.30
C LEU A 83 16.59 3.98 2.74
N ALA A 84 17.12 4.91 3.55
CA ALA A 84 16.73 5.02 4.94
C ALA A 84 15.32 5.59 5.09
N LYS A 85 14.98 6.53 4.22
CA LYS A 85 13.66 7.16 4.26
C LYS A 85 12.55 6.14 3.99
N LEU A 86 12.78 5.26 3.02
CA LEU A 86 11.79 4.26 2.69
C LEU A 86 11.71 3.19 3.77
N GLN A 87 12.87 2.79 4.29
CA GLN A 87 12.91 1.78 5.35
C GLN A 87 12.03 2.22 6.52
N GLU A 88 12.15 3.49 6.87
CA GLU A 88 11.36 4.06 7.96
C GLU A 88 9.93 4.36 7.50
N ALA A 89 9.79 4.65 6.20
CA ALA A 89 8.49 4.96 5.62
C ALA A 89 7.57 3.75 5.63
N TYR A 90 8.11 2.58 5.32
CA TYR A 90 7.31 1.36 5.31
C TYR A 90 7.15 0.81 6.71
N CYS A 91 8.22 0.88 7.51
CA CYS A 91 8.17 0.39 8.88
C CYS A 91 7.11 1.13 9.69
N GLN A 92 6.88 2.40 9.36
CA GLN A 92 5.89 3.19 10.06
C GLN A 92 4.54 3.19 9.33
N TYR A 93 4.49 2.55 8.17
CA TYR A 93 3.25 2.49 7.39
C TYR A 93 2.85 1.05 7.10
N LEU A 94 3.53 0.43 6.14
CA LEU A 94 3.25 -0.95 5.76
C LEU A 94 3.33 -1.90 6.95
N LEU A 95 4.39 -1.75 7.73
CA LEU A 95 4.60 -2.61 8.91
C LEU A 95 3.33 -2.70 9.75
N SER A 96 2.80 -1.55 10.13
CA SER A 96 1.59 -1.49 10.94
C SER A 96 0.46 -2.27 10.28
N TYR A 97 0.24 -2.03 9.00
CA TYR A 97 -0.80 -2.71 8.26
C TYR A 97 -0.54 -4.21 8.17
N ASP A 98 0.75 -4.58 8.13
CA ASP A 98 1.15 -5.97 8.04
C ASP A 98 1.06 -6.66 9.40
N SER A 99 0.99 -5.87 10.47
CA SER A 99 0.91 -6.41 11.82
C SER A 99 -0.54 -6.45 12.31
N LEU A 100 -1.40 -5.67 11.68
CA LEU A 100 -2.81 -5.61 12.05
C LEU A 100 -3.44 -7.01 12.02
N SER A 101 -4.46 -7.20 12.85
CA SER A 101 -5.17 -8.46 12.92
C SER A 101 -6.18 -8.59 11.79
N PRO A 102 -6.79 -9.78 11.61
CA PRO A 102 -7.77 -10.02 10.55
C PRO A 102 -9.10 -9.32 10.80
N GLU A 103 -9.26 -8.73 11.98
CA GLU A 103 -10.49 -8.04 12.35
C GLU A 103 -10.59 -6.70 11.62
N GLU A 104 -9.58 -5.86 11.80
CA GLU A 104 -9.55 -4.54 11.17
C GLU A 104 -9.56 -4.67 9.65
N HIS A 105 -9.06 -5.80 9.15
CA HIS A 105 -9.02 -6.04 7.72
C HIS A 105 -10.41 -6.33 7.19
N ARG A 106 -11.07 -7.31 7.80
CA ARG A 106 -12.42 -7.70 7.39
C ARG A 106 -13.39 -6.53 7.54
N ARG A 107 -13.25 -5.77 8.63
CA ARG A 107 -14.12 -4.63 8.89
C ARG A 107 -13.82 -3.48 7.94
N LEU A 108 -12.56 -3.07 7.88
CA LEU A 108 -12.15 -1.97 7.01
C LEU A 108 -12.42 -2.31 5.55
N GLU A 109 -12.10 -3.54 5.16
CA GLU A 109 -12.32 -3.98 3.79
C GLU A 109 -13.81 -3.98 3.47
N LYS A 110 -14.59 -4.66 4.29
CA LYS A 110 -16.04 -4.75 4.08
C LYS A 110 -16.65 -3.36 3.88
N GLU A 111 -16.10 -2.37 4.57
CA GLU A 111 -16.60 -1.00 4.45
C GLU A 111 -16.25 -0.41 3.09
N VAL A 112 -14.97 -0.43 2.75
CA VAL A 112 -14.51 0.12 1.48
C VAL A 112 -15.09 -0.67 0.30
N LEU A 113 -14.86 -1.98 0.31
CA LEU A 113 -15.33 -2.86 -0.75
C LEU A 113 -16.83 -2.72 -1.00
N MET A 114 -17.62 -2.61 0.06
CA MET A 114 -19.06 -2.46 -0.09
C MET A 114 -19.37 -1.09 -0.69
N GLU A 115 -18.64 -0.08 -0.26
CA GLU A 115 -18.85 1.28 -0.74
C GLU A 115 -18.65 1.37 -2.25
N LYS A 116 -17.70 0.57 -2.76
CA LYS A 116 -17.41 0.57 -4.20
C LYS A 116 -18.32 -0.40 -4.94
N GLU A 117 -18.61 -1.54 -4.32
CA GLU A 117 -19.47 -2.56 -4.93
C GLU A 117 -20.92 -2.09 -5.01
N ILE A 118 -21.44 -1.61 -3.89
CA ILE A 118 -22.81 -1.14 -3.83
C ILE A 118 -22.92 0.34 -4.20
N LEU A 119 -21.84 0.90 -4.74
CA LEU A 119 -21.82 2.32 -5.13
C LEU A 119 -22.93 2.60 -6.14
N GLU A 120 -23.19 1.64 -7.02
CA GLU A 120 -24.23 1.79 -8.04
C GLU A 120 -25.60 1.96 -7.41
N LYS A 121 -25.95 1.04 -6.51
CA LYS A 121 -27.23 1.09 -5.82
C LYS A 121 -27.40 2.38 -5.05
N GLY A 1 -30.17 -0.52 -15.02
CA GLY A 1 -31.29 -1.11 -14.23
C GLY A 1 -30.80 -1.94 -13.06
N PRO A 2 -31.70 -2.69 -12.40
CA PRO A 2 -31.33 -3.54 -11.25
C PRO A 2 -30.49 -4.74 -11.68
N LEU A 3 -30.68 -5.19 -12.90
CA LEU A 3 -29.93 -6.33 -13.42
C LEU A 3 -28.57 -5.90 -13.95
N GLY A 4 -27.78 -6.87 -14.40
CA GLY A 4 -26.46 -6.57 -14.91
C GLY A 4 -25.37 -6.75 -13.87
N SER A 5 -25.74 -6.64 -12.60
CA SER A 5 -24.79 -6.79 -11.50
C SER A 5 -23.73 -5.71 -11.55
N LEU A 6 -24.08 -4.51 -11.06
CA LEU A 6 -23.15 -3.39 -11.05
C LEU A 6 -22.01 -3.64 -10.08
N GLY A 7 -21.03 -2.73 -10.07
CA GLY A 7 -19.90 -2.87 -9.17
C GLY A 7 -18.80 -3.75 -9.76
N ARG A 8 -18.07 -3.21 -10.73
CA ARG A 8 -16.99 -3.95 -11.37
C ARG A 8 -15.70 -3.85 -10.57
N ARG A 9 -15.76 -3.12 -9.48
CA ARG A 9 -14.61 -2.93 -8.60
C ARG A 9 -13.50 -2.18 -9.32
N TRP A 10 -12.98 -1.14 -8.67
CA TRP A 10 -11.90 -0.33 -9.26
C TRP A 10 -10.71 -1.20 -9.65
N GLY A 11 -10.60 -2.37 -9.03
CA GLY A 11 -9.50 -3.27 -9.33
C GLY A 11 -8.74 -3.69 -8.08
N PRO A 12 -7.84 -4.69 -8.20
CA PRO A 12 -7.06 -5.17 -7.07
C PRO A 12 -6.03 -4.15 -6.59
N ASN A 13 -5.49 -3.38 -7.53
CA ASN A 13 -4.50 -2.36 -7.21
C ASN A 13 -5.13 -1.23 -6.39
N VAL A 14 -6.32 -0.80 -6.81
CA VAL A 14 -7.02 0.26 -6.12
C VAL A 14 -7.55 -0.21 -4.78
N GLN A 15 -8.06 -1.44 -4.75
CA GLN A 15 -8.60 -2.02 -3.53
C GLN A 15 -7.56 -2.00 -2.41
N ARG A 16 -6.37 -2.51 -2.72
CA ARG A 16 -5.28 -2.55 -1.74
C ARG A 16 -4.86 -1.14 -1.34
N LEU A 17 -4.75 -0.26 -2.32
CA LEU A 17 -4.35 1.12 -2.07
C LEU A 17 -5.33 1.82 -1.14
N ALA A 18 -6.61 1.50 -1.29
CA ALA A 18 -7.65 2.08 -0.46
C ALA A 18 -7.61 1.55 0.97
N CYS A 19 -7.47 0.23 1.09
CA CYS A 19 -7.43 -0.42 2.40
C CYS A 19 -6.29 0.14 3.24
N ILE A 20 -5.10 0.26 2.65
CA ILE A 20 -3.94 0.78 3.34
C ILE A 20 -4.14 2.25 3.71
N LYS A 21 -4.68 3.01 2.77
CA LYS A 21 -4.92 4.44 2.99
C LYS A 21 -5.93 4.67 4.10
N LYS A 22 -7.01 3.90 4.08
CA LYS A 22 -8.06 4.03 5.09
C LYS A 22 -7.51 3.75 6.48
N HIS A 23 -6.70 2.71 6.60
CA HIS A 23 -6.12 2.35 7.90
C HIS A 23 -5.10 3.39 8.35
N LEU A 24 -4.29 3.87 7.41
CA LEU A 24 -3.27 4.87 7.71
C LEU A 24 -3.89 6.11 8.34
N ARG A 25 -4.96 6.61 7.73
CA ARG A 25 -5.64 7.80 8.25
C ARG A 25 -6.24 7.53 9.63
N SER A 26 -6.86 6.35 9.77
CA SER A 26 -7.45 5.97 11.04
C SER A 26 -6.40 5.58 12.08
N GLN A 27 -5.15 5.43 11.62
CA GLN A 27 -4.06 5.06 12.51
C GLN A 27 -3.25 6.29 12.94
N GLY A 28 -3.53 7.44 12.33
CA GLY A 28 -2.81 8.65 12.68
C GLY A 28 -2.03 9.22 11.51
N ILE A 29 -1.97 8.45 10.43
CA ILE A 29 -1.24 8.86 9.24
C ILE A 29 -2.20 9.39 8.17
N THR A 30 -2.23 10.71 8.01
CA THR A 30 -3.11 11.33 7.02
C THR A 30 -2.50 11.26 5.62
N MET A 31 -3.10 10.43 4.77
CA MET A 31 -2.62 10.28 3.40
C MET A 31 -3.64 10.80 2.40
N ASP A 32 -4.49 11.74 2.86
CA ASP A 32 -5.51 12.31 2.00
C ASP A 32 -4.89 13.24 0.97
N GLU A 33 -4.01 14.13 1.43
CA GLU A 33 -3.35 15.08 0.54
C GLU A 33 -2.76 14.38 -0.68
N LEU A 34 -1.67 13.64 -0.47
CA LEU A 34 -1.03 12.92 -1.56
C LEU A 34 0.16 12.11 -1.04
N PRO A 35 0.12 10.77 -1.17
CA PRO A 35 1.20 9.89 -0.72
C PRO A 35 2.46 10.07 -1.55
N LEU A 36 3.55 10.46 -0.89
CA LEU A 36 4.81 10.67 -1.58
C LEU A 36 5.97 9.97 -0.85
N ILE A 37 7.00 9.67 -1.61
CA ILE A 37 8.19 9.02 -1.09
C ILE A 37 9.40 9.44 -1.91
N GLY A 38 10.49 9.80 -1.24
CA GLY A 38 11.68 10.23 -1.94
C GLY A 38 11.38 11.30 -2.97
N GLY A 39 10.52 12.25 -2.61
CA GLY A 39 10.16 13.33 -3.51
C GLY A 39 9.31 12.89 -4.69
N CYS A 40 8.89 11.62 -4.70
CA CYS A 40 8.08 11.11 -5.81
C CYS A 40 6.86 10.35 -5.31
N GLU A 41 5.89 10.16 -6.20
CA GLU A 41 4.66 9.45 -5.85
C GLU A 41 4.88 7.94 -5.93
N LEU A 42 4.23 7.22 -5.02
CA LEU A 42 4.35 5.76 -4.97
C LEU A 42 2.98 5.11 -4.82
N ASP A 43 2.82 3.94 -5.44
CA ASP A 43 1.56 3.20 -5.37
C ASP A 43 1.61 2.14 -4.28
N LEU A 44 0.86 2.36 -3.21
CA LEU A 44 0.81 1.43 -2.09
C LEU A 44 0.51 0.01 -2.57
N ALA A 45 -0.33 -0.09 -3.59
CA ALA A 45 -0.71 -1.39 -4.14
C ALA A 45 0.47 -2.03 -4.87
N CYS A 46 1.14 -1.25 -5.72
CA CYS A 46 2.28 -1.74 -6.46
C CYS A 46 3.44 -2.08 -5.53
N PHE A 47 3.66 -1.21 -4.54
CA PHE A 47 4.73 -1.43 -3.57
C PHE A 47 4.44 -2.64 -2.70
N PHE A 48 3.19 -2.75 -2.24
CA PHE A 48 2.79 -3.87 -1.40
C PHE A 48 3.06 -5.21 -2.09
N ARG A 49 2.58 -5.33 -3.32
CA ARG A 49 2.79 -6.56 -4.10
C ARG A 49 4.27 -6.85 -4.26
N LEU A 50 5.06 -5.81 -4.50
CA LEU A 50 6.50 -5.95 -4.69
C LEU A 50 7.13 -6.65 -3.49
N ILE A 51 6.75 -6.22 -2.29
CA ILE A 51 7.29 -6.80 -1.07
C ILE A 51 6.85 -8.25 -0.90
N ASN A 52 5.57 -8.51 -1.15
CA ASN A 52 5.03 -9.86 -1.03
C ASN A 52 5.72 -10.83 -1.99
N GLU A 53 5.97 -10.38 -3.21
CA GLU A 53 6.62 -11.22 -4.21
C GLU A 53 8.10 -11.42 -3.90
N MET A 54 8.62 -10.67 -2.93
CA MET A 54 10.03 -10.77 -2.56
C MET A 54 10.20 -11.69 -1.35
N GLY A 55 9.40 -12.75 -1.29
CA GLY A 55 9.49 -13.68 -0.17
C GLY A 55 9.04 -13.07 1.14
N GLY A 56 8.12 -12.11 1.05
CA GLY A 56 7.61 -11.46 2.25
C GLY A 56 8.38 -10.21 2.60
N MET A 57 7.88 -9.46 3.58
CA MET A 57 8.52 -8.24 4.02
C MET A 57 9.80 -8.54 4.79
N GLN A 58 9.84 -9.66 5.48
CA GLN A 58 11.00 -10.05 6.26
C GLN A 58 12.25 -10.07 5.39
N GLN A 59 12.15 -10.65 4.20
CA GLN A 59 13.28 -10.72 3.28
C GLN A 59 13.70 -9.33 2.82
N VAL A 60 12.74 -8.56 2.31
CA VAL A 60 12.99 -7.21 1.84
C VAL A 60 13.79 -6.40 2.85
N THR A 61 13.28 -6.31 4.08
CA THR A 61 13.93 -5.54 5.13
C THR A 61 15.16 -6.23 5.73
N ASP A 62 15.01 -7.50 6.13
CA ASP A 62 16.12 -8.24 6.76
C ASP A 62 17.33 -8.38 5.85
N LEU A 63 17.11 -8.85 4.62
CA LEU A 63 18.21 -9.05 3.67
C LEU A 63 18.69 -7.73 3.08
N LYS A 64 18.10 -6.60 3.49
CA LYS A 64 18.50 -5.30 2.97
C LYS A 64 18.52 -5.33 1.45
N LYS A 65 17.36 -5.10 0.85
CA LYS A 65 17.25 -5.09 -0.60
C LYS A 65 16.19 -4.11 -1.06
N TRP A 66 15.84 -3.15 -0.21
CA TRP A 66 14.84 -2.16 -0.57
C TRP A 66 15.23 -1.46 -1.87
N ASN A 67 16.53 -1.36 -2.09
CA ASN A 67 17.07 -0.72 -3.28
C ASN A 67 16.54 -1.35 -4.56
N LYS A 68 16.49 -2.69 -4.59
CA LYS A 68 16.01 -3.40 -5.78
C LYS A 68 14.49 -3.35 -5.89
N LEU A 69 13.79 -3.72 -4.82
CA LEU A 69 12.34 -3.70 -4.82
C LEU A 69 11.85 -2.29 -5.15
N ALA A 70 12.52 -1.30 -4.58
CA ALA A 70 12.17 0.10 -4.83
C ALA A 70 12.59 0.49 -6.24
N ASP A 71 13.64 -0.14 -6.75
CA ASP A 71 14.14 0.14 -8.09
C ASP A 71 13.01 -0.05 -9.10
N MET A 72 12.36 -1.20 -9.04
CA MET A 72 11.26 -1.50 -9.96
C MET A 72 10.13 -0.48 -9.79
N LEU A 73 10.09 0.16 -8.63
CA LEU A 73 9.06 1.16 -8.32
C LEU A 73 9.39 2.50 -8.99
N ARG A 74 10.54 2.58 -9.66
CA ARG A 74 10.96 3.81 -10.33
C ARG A 74 11.39 4.87 -9.30
N ILE A 75 12.55 4.64 -8.68
CA ILE A 75 13.07 5.55 -7.68
C ILE A 75 14.47 6.05 -8.08
N PRO A 76 14.73 7.36 -7.93
CA PRO A 76 16.03 7.95 -8.27
C PRO A 76 17.14 7.45 -7.36
N LYS A 77 18.17 6.86 -7.97
CA LYS A 77 19.31 6.34 -7.22
C LYS A 77 20.15 7.48 -6.63
N THR A 78 19.96 8.69 -7.15
CA THR A 78 20.70 9.85 -6.67
C THR A 78 20.35 10.19 -5.24
N ALA A 79 19.17 9.75 -4.79
CA ALA A 79 18.73 10.01 -3.43
C ALA A 79 19.28 8.97 -2.47
N GLN A 80 20.27 9.36 -1.68
CA GLN A 80 20.90 8.45 -0.72
C GLN A 80 19.95 8.14 0.43
N ASP A 81 19.68 9.14 1.27
CA ASP A 81 18.80 8.98 2.41
C ASP A 81 17.45 8.37 2.02
N ARG A 82 17.11 8.46 0.74
CA ARG A 82 15.85 7.91 0.24
C ARG A 82 15.63 6.49 0.75
N LEU A 83 16.72 5.72 0.82
CA LEU A 83 16.64 4.34 1.28
C LEU A 83 16.20 4.27 2.74
N ALA A 84 16.74 5.16 3.57
CA ALA A 84 16.40 5.21 4.98
C ALA A 84 14.99 5.76 5.18
N LYS A 85 14.62 6.74 4.35
CA LYS A 85 13.31 7.35 4.44
C LYS A 85 12.24 6.33 4.08
N LEU A 86 12.51 5.54 3.04
CA LEU A 86 11.59 4.51 2.59
C LEU A 86 11.41 3.45 3.66
N GLN A 87 12.52 3.06 4.29
CA GLN A 87 12.49 2.05 5.35
C GLN A 87 11.56 2.47 6.48
N GLU A 88 11.67 3.74 6.87
CA GLU A 88 10.83 4.28 7.93
C GLU A 88 9.41 4.57 7.43
N ALA A 89 9.30 4.90 6.15
CA ALA A 89 8.00 5.21 5.55
C ALA A 89 7.11 3.97 5.49
N TYR A 90 7.69 2.82 5.21
CA TYR A 90 6.92 1.58 5.15
C TYR A 90 6.75 0.98 6.54
N CYS A 91 7.80 1.07 7.34
CA CYS A 91 7.77 0.55 8.70
C CYS A 91 6.68 1.24 9.52
N GLN A 92 6.40 2.50 9.19
CA GLN A 92 5.38 3.27 9.89
C GLN A 92 4.05 3.25 9.12
N TYR A 93 4.04 2.64 7.94
CA TYR A 93 2.84 2.57 7.12
C TYR A 93 2.39 1.13 6.91
N LEU A 94 3.10 0.41 6.04
CA LEU A 94 2.78 -0.98 5.74
C LEU A 94 2.86 -1.87 6.98
N LEU A 95 3.94 -1.73 7.74
CA LEU A 95 4.12 -2.52 8.95
C LEU A 95 2.91 -2.42 9.87
N SER A 96 2.48 -1.19 10.14
CA SER A 96 1.33 -0.96 11.01
C SER A 96 0.10 -1.73 10.50
N TYR A 97 -0.24 -1.50 9.23
CA TYR A 97 -1.39 -2.15 8.60
C TYR A 97 -1.41 -3.65 8.88
N ASP A 98 -0.25 -4.29 8.77
CA ASP A 98 -0.15 -5.74 8.98
C ASP A 98 0.23 -6.07 10.43
N SER A 99 0.43 -5.05 11.26
CA SER A 99 0.80 -5.27 12.65
C SER A 99 -0.40 -5.64 13.52
N LEU A 100 -1.61 -5.39 13.02
CA LEU A 100 -2.83 -5.71 13.78
C LEU A 100 -3.39 -7.07 13.39
N SER A 101 -4.57 -7.39 13.92
CA SER A 101 -5.22 -8.67 13.64
C SER A 101 -6.06 -8.59 12.38
N PRO A 102 -6.48 -9.75 11.83
CA PRO A 102 -7.29 -9.82 10.61
C PRO A 102 -8.59 -9.02 10.72
N GLU A 103 -9.01 -8.73 11.95
CA GLU A 103 -10.25 -7.99 12.17
C GLU A 103 -10.17 -6.62 11.52
N GLU A 104 -9.13 -5.86 11.85
CA GLU A 104 -8.93 -4.53 11.30
C GLU A 104 -8.77 -4.59 9.78
N HIS A 105 -8.31 -5.73 9.28
CA HIS A 105 -8.13 -5.92 7.85
C HIS A 105 -9.48 -6.13 7.17
N ARG A 106 -10.24 -7.10 7.67
CA ARG A 106 -11.54 -7.42 7.11
C ARG A 106 -12.52 -6.28 7.33
N ARG A 107 -12.39 -5.60 8.46
CA ARG A 107 -13.28 -4.49 8.78
C ARG A 107 -13.06 -3.31 7.83
N LEU A 108 -11.81 -2.86 7.73
CA LEU A 108 -11.48 -1.75 6.85
C LEU A 108 -11.71 -2.13 5.40
N GLU A 109 -11.46 -3.39 5.08
CA GLU A 109 -11.65 -3.89 3.72
C GLU A 109 -13.14 -3.96 3.39
N LYS A 110 -13.91 -4.63 4.24
CA LYS A 110 -15.34 -4.77 4.03
C LYS A 110 -16.02 -3.41 3.84
N GLU A 111 -15.51 -2.39 4.52
CA GLU A 111 -16.08 -1.05 4.41
C GLU A 111 -15.79 -0.46 3.03
N VAL A 112 -14.51 -0.41 2.68
CA VAL A 112 -14.10 0.14 1.39
C VAL A 112 -14.68 -0.68 0.24
N LEU A 113 -14.48 -1.99 0.29
CA LEU A 113 -14.97 -2.89 -0.75
C LEU A 113 -16.47 -2.77 -0.96
N MET A 114 -17.22 -2.59 0.13
CA MET A 114 -18.67 -2.45 0.01
C MET A 114 -19.01 -1.07 -0.54
N GLU A 115 -18.31 -0.05 -0.05
CA GLU A 115 -18.55 1.32 -0.50
C GLU A 115 -18.40 1.44 -2.01
N LYS A 116 -17.53 0.62 -2.58
CA LYS A 116 -17.29 0.64 -4.02
C LYS A 116 -18.29 -0.25 -4.76
N GLU A 117 -18.55 -1.43 -4.22
CA GLU A 117 -19.49 -2.36 -4.84
C GLU A 117 -20.92 -1.82 -4.79
N ILE A 118 -21.34 -1.42 -3.61
CA ILE A 118 -22.69 -0.88 -3.42
C ILE A 118 -22.74 0.63 -3.68
N LEU A 119 -21.65 1.18 -4.24
CA LEU A 119 -21.58 2.61 -4.53
C LEU A 119 -22.79 3.07 -5.34
N GLU A 120 -23.29 2.20 -6.21
CA GLU A 120 -24.44 2.51 -7.05
C GLU A 120 -25.74 2.26 -6.28
N LYS A 121 -25.91 1.04 -5.78
CA LYS A 121 -27.11 0.68 -5.03
C LYS A 121 -27.10 1.32 -3.65
N GLY A 1 -25.13 3.53 -20.03
CA GLY A 1 -26.26 2.79 -20.64
C GLY A 1 -27.56 2.96 -19.86
N PRO A 2 -28.72 2.91 -20.55
CA PRO A 2 -30.02 3.05 -19.90
C PRO A 2 -30.37 1.86 -19.01
N LEU A 3 -29.85 0.69 -19.38
CA LEU A 3 -30.10 -0.52 -18.62
C LEU A 3 -29.41 -0.48 -17.26
N GLY A 4 -30.00 -1.14 -16.28
CA GLY A 4 -29.42 -1.15 -14.95
C GLY A 4 -28.36 -2.23 -14.80
N SER A 5 -28.36 -2.90 -13.64
CA SER A 5 -27.38 -3.94 -13.38
C SER A 5 -25.96 -3.39 -13.43
N LEU A 6 -25.41 -3.08 -12.25
CA LEU A 6 -24.05 -2.54 -12.16
C LEU A 6 -23.15 -3.49 -11.39
N GLY A 7 -21.90 -3.06 -11.17
CA GLY A 7 -20.96 -3.88 -10.44
C GLY A 7 -19.61 -3.98 -11.13
N ARG A 8 -18.70 -3.08 -10.76
CA ARG A 8 -17.37 -3.06 -11.34
C ARG A 8 -16.33 -2.68 -10.29
N ARG A 9 -15.39 -3.58 -10.07
CA ARG A 9 -14.32 -3.35 -9.09
C ARG A 9 -13.17 -2.56 -9.71
N TRP A 10 -12.67 -1.58 -8.97
CA TRP A 10 -11.57 -0.75 -9.44
C TRP A 10 -10.29 -1.58 -9.65
N GLY A 11 -10.26 -2.78 -9.09
CA GLY A 11 -9.10 -3.63 -9.22
C GLY A 11 -8.49 -3.98 -7.87
N PRO A 12 -7.65 -5.03 -7.81
CA PRO A 12 -7.00 -5.45 -6.57
C PRO A 12 -5.97 -4.44 -6.10
N ASN A 13 -5.26 -3.83 -7.04
CA ASN A 13 -4.24 -2.85 -6.72
C ASN A 13 -4.86 -1.59 -6.12
N VAL A 14 -6.05 -1.23 -6.61
CA VAL A 14 -6.75 -0.05 -6.12
C VAL A 14 -7.28 -0.30 -4.71
N GLN A 15 -7.74 -1.52 -4.46
CA GLN A 15 -8.26 -1.87 -3.16
C GLN A 15 -7.13 -1.92 -2.13
N ARG A 16 -5.95 -2.34 -2.58
CA ARG A 16 -4.79 -2.41 -1.71
C ARG A 16 -4.41 -1.01 -1.21
N LEU A 17 -4.29 -0.08 -2.14
CA LEU A 17 -3.94 1.30 -1.79
C LEU A 17 -5.07 1.96 -1.01
N ALA A 18 -6.30 1.59 -1.33
CA ALA A 18 -7.47 2.13 -0.66
C ALA A 18 -7.56 1.66 0.79
N CYS A 19 -7.37 0.35 0.99
CA CYS A 19 -7.43 -0.23 2.33
C CYS A 19 -6.38 0.39 3.24
N ILE A 20 -5.14 0.47 2.76
CA ILE A 20 -4.05 1.05 3.54
C ILE A 20 -4.32 2.52 3.84
N LYS A 21 -4.93 3.21 2.88
CA LYS A 21 -5.23 4.63 3.03
C LYS A 21 -6.21 4.86 4.19
N LYS A 22 -7.28 4.07 4.21
CA LYS A 22 -8.29 4.20 5.26
C LYS A 22 -7.70 3.89 6.63
N HIS A 23 -6.82 2.89 6.68
CA HIS A 23 -6.19 2.50 7.94
C HIS A 23 -5.19 3.55 8.40
N LEU A 24 -4.41 4.08 7.45
CA LEU A 24 -3.40 5.09 7.78
C LEU A 24 -4.03 6.31 8.42
N ARG A 25 -5.08 6.84 7.81
CA ARG A 25 -5.77 8.02 8.33
C ARG A 25 -6.39 7.71 9.69
N SER A 26 -7.00 6.53 9.80
CA SER A 26 -7.63 6.11 11.05
C SER A 26 -6.58 5.73 12.08
N GLN A 27 -5.33 5.60 11.64
CA GLN A 27 -4.24 5.23 12.54
C GLN A 27 -3.44 6.45 12.99
N GLY A 28 -3.71 7.61 12.38
CA GLY A 28 -3.01 8.82 12.76
C GLY A 28 -2.24 9.41 11.59
N ILE A 29 -2.14 8.67 10.50
CA ILE A 29 -1.42 9.10 9.32
C ILE A 29 -2.38 9.64 8.26
N THR A 30 -2.43 10.96 8.12
CA THR A 30 -3.30 11.58 7.13
C THR A 30 -2.72 11.45 5.73
N MET A 31 -3.39 10.69 4.87
CA MET A 31 -2.95 10.49 3.50
C MET A 31 -4.07 10.76 2.51
N ASP A 32 -4.94 11.70 2.86
CA ASP A 32 -6.07 12.05 2.00
C ASP A 32 -5.58 12.63 0.67
N GLU A 33 -4.41 13.26 0.71
CA GLU A 33 -3.83 13.85 -0.50
C GLU A 33 -3.17 12.79 -1.37
N LEU A 34 -1.95 12.40 -1.01
CA LEU A 34 -1.21 11.39 -1.75
C LEU A 34 0.14 11.10 -1.09
N PRO A 35 0.55 9.81 -1.07
CA PRO A 35 1.81 9.40 -0.46
C PRO A 35 3.02 9.71 -1.34
N LEU A 36 4.14 10.02 -0.70
CA LEU A 36 5.37 10.33 -1.44
C LEU A 36 6.57 9.64 -0.80
N ILE A 37 7.55 9.34 -1.64
CA ILE A 37 8.76 8.68 -1.19
C ILE A 37 9.94 9.15 -2.04
N GLY A 38 11.03 9.52 -1.40
CA GLY A 38 12.20 9.99 -2.12
C GLY A 38 11.85 11.11 -3.09
N GLY A 39 11.02 12.05 -2.64
CA GLY A 39 10.64 13.17 -3.47
C GLY A 39 9.76 12.80 -4.66
N CYS A 40 9.30 11.55 -4.71
CA CYS A 40 8.47 11.09 -5.80
C CYS A 40 7.25 10.32 -5.30
N GLU A 41 6.26 10.16 -6.17
CA GLU A 41 5.04 9.44 -5.82
C GLU A 41 5.27 7.93 -5.89
N LEU A 42 4.63 7.20 -4.99
CA LEU A 42 4.77 5.75 -4.95
C LEU A 42 3.41 5.07 -4.78
N ASP A 43 3.28 3.90 -5.41
CA ASP A 43 2.03 3.14 -5.33
C ASP A 43 2.11 2.08 -4.23
N LEU A 44 1.40 2.32 -3.13
CA LEU A 44 1.38 1.39 -2.01
C LEU A 44 0.98 -0.02 -2.47
N ALA A 45 0.01 -0.09 -3.37
CA ALA A 45 -0.46 -1.36 -3.89
C ALA A 45 0.67 -2.12 -4.56
N CYS A 46 1.47 -1.41 -5.36
CA CYS A 46 2.58 -2.03 -6.06
C CYS A 46 3.71 -2.37 -5.08
N PHE A 47 3.99 -1.44 -4.17
CA PHE A 47 5.03 -1.64 -3.17
C PHE A 47 4.72 -2.87 -2.31
N PHE A 48 3.48 -2.96 -1.85
CA PHE A 48 3.06 -4.08 -1.01
C PHE A 48 3.22 -5.40 -1.75
N ARG A 49 2.71 -5.45 -2.98
CA ARG A 49 2.79 -6.66 -3.78
C ARG A 49 4.24 -7.03 -4.06
N LEU A 50 5.05 -6.03 -4.40
CA LEU A 50 6.46 -6.25 -4.71
C LEU A 50 7.17 -6.91 -3.52
N ILE A 51 6.83 -6.49 -2.32
CA ILE A 51 7.45 -7.05 -1.12
C ILE A 51 7.00 -8.48 -0.90
N ASN A 52 5.71 -8.74 -1.08
CA ASN A 52 5.15 -10.08 -0.91
C ASN A 52 5.72 -11.04 -1.93
N GLU A 53 5.81 -10.60 -3.17
CA GLU A 53 6.35 -11.44 -4.25
C GLU A 53 7.85 -11.67 -4.08
N MET A 54 8.49 -10.88 -3.21
CA MET A 54 9.91 -11.01 -2.98
C MET A 54 10.20 -11.92 -1.78
N GLY A 55 9.23 -12.77 -1.44
CA GLY A 55 9.41 -13.69 -0.33
C GLY A 55 8.84 -13.15 0.98
N GLY A 56 8.31 -11.93 0.95
CA GLY A 56 7.74 -11.35 2.15
C GLY A 56 8.49 -10.11 2.61
N MET A 57 8.01 -9.50 3.69
CA MET A 57 8.65 -8.31 4.24
C MET A 57 9.98 -8.66 4.89
N GLN A 58 10.07 -9.86 5.44
CA GLN A 58 11.28 -10.31 6.11
C GLN A 58 12.48 -10.26 5.18
N GLN A 59 12.33 -10.81 3.98
CA GLN A 59 13.42 -10.83 3.01
C GLN A 59 13.83 -9.41 2.60
N VAL A 60 12.86 -8.60 2.20
CA VAL A 60 13.11 -7.23 1.78
C VAL A 60 13.92 -6.46 2.83
N THR A 61 13.42 -6.42 4.05
CA THR A 61 14.06 -5.69 5.14
C THR A 61 15.30 -6.39 5.72
N ASP A 62 15.16 -7.68 6.06
CA ASP A 62 16.24 -8.44 6.66
C ASP A 62 17.47 -8.55 5.76
N LEU A 63 17.26 -8.97 4.51
CA LEU A 63 18.36 -9.13 3.57
C LEU A 63 18.81 -7.79 2.98
N LYS A 64 18.21 -6.70 3.42
CA LYS A 64 18.56 -5.37 2.91
C LYS A 64 18.60 -5.37 1.39
N LYS A 65 17.45 -5.15 0.78
CA LYS A 65 17.34 -5.13 -0.66
C LYS A 65 16.25 -4.17 -1.12
N TRP A 66 15.90 -3.21 -0.27
CA TRP A 66 14.88 -2.25 -0.63
C TRP A 66 15.28 -1.49 -1.90
N ASN A 67 16.59 -1.37 -2.09
CA ASN A 67 17.13 -0.67 -3.25
C ASN A 67 16.60 -1.26 -4.56
N LYS A 68 16.55 -2.58 -4.64
CA LYS A 68 16.09 -3.26 -5.85
C LYS A 68 14.56 -3.21 -5.95
N LEU A 69 13.88 -3.62 -4.89
CA LEU A 69 12.42 -3.62 -4.86
C LEU A 69 11.91 -2.21 -5.19
N ALA A 70 12.58 -1.20 -4.65
CA ALA A 70 12.21 0.19 -4.89
C ALA A 70 12.55 0.60 -6.32
N ASP A 71 13.65 0.05 -6.84
CA ASP A 71 14.08 0.35 -8.20
C ASP A 71 12.95 0.09 -9.18
N MET A 72 12.32 -1.07 -9.06
CA MET A 72 11.21 -1.43 -9.94
C MET A 72 10.02 -0.49 -9.71
N LEU A 73 9.98 0.14 -8.54
CA LEU A 73 8.90 1.06 -8.20
C LEU A 73 9.09 2.42 -8.86
N ARG A 74 10.20 2.57 -9.61
CA ARG A 74 10.49 3.83 -10.31
C ARG A 74 10.82 4.95 -9.32
N ILE A 75 11.99 4.85 -8.70
CA ILE A 75 12.45 5.86 -7.75
C ILE A 75 13.80 6.42 -8.18
N PRO A 76 13.99 7.76 -8.10
CA PRO A 76 15.25 8.40 -8.50
C PRO A 76 16.41 7.97 -7.62
N LYS A 77 17.48 7.49 -8.26
CA LYS A 77 18.66 7.03 -7.55
C LYS A 77 19.42 8.21 -6.93
N THR A 78 19.09 9.42 -7.39
CA THR A 78 19.75 10.63 -6.89
C THR A 78 19.41 10.87 -5.42
N ALA A 79 18.28 10.33 -4.97
CA ALA A 79 17.86 10.49 -3.60
C ALA A 79 18.64 9.56 -2.67
N GLN A 80 19.43 10.14 -1.78
CA GLN A 80 20.23 9.37 -0.86
C GLN A 80 19.39 8.79 0.27
N ASP A 81 18.88 9.67 1.14
CA ASP A 81 18.07 9.25 2.28
C ASP A 81 16.83 8.46 1.87
N ARG A 82 16.51 8.44 0.56
CA ARG A 82 15.34 7.71 0.08
C ARG A 82 15.33 6.28 0.62
N LEU A 83 16.53 5.71 0.79
CA LEU A 83 16.66 4.35 1.29
C LEU A 83 16.21 4.25 2.74
N ALA A 84 16.73 5.14 3.59
CA ALA A 84 16.38 5.16 5.00
C ALA A 84 14.96 5.67 5.20
N LYS A 85 14.57 6.65 4.40
CA LYS A 85 13.24 7.22 4.50
C LYS A 85 12.19 6.17 4.16
N LEU A 86 12.50 5.32 3.18
CA LEU A 86 11.61 4.25 2.76
C LEU A 86 11.49 3.20 3.85
N GLN A 87 12.61 2.82 4.44
CA GLN A 87 12.63 1.82 5.50
C GLN A 87 11.70 2.22 6.63
N GLU A 88 11.81 3.47 7.06
CA GLU A 88 10.97 3.99 8.14
C GLU A 88 9.58 4.31 7.62
N ALA A 89 9.48 4.66 6.35
CA ALA A 89 8.20 5.00 5.73
C ALA A 89 7.29 3.78 5.66
N TYR A 90 7.87 2.62 5.38
CA TYR A 90 7.09 1.39 5.28
C TYR A 90 6.93 0.75 6.66
N CYS A 91 7.92 0.96 7.52
CA CYS A 91 7.89 0.41 8.86
C CYS A 91 6.79 1.06 9.68
N GLN A 92 6.48 2.32 9.38
CA GLN A 92 5.44 3.06 10.08
C GLN A 92 4.13 3.07 9.30
N TYR A 93 4.13 2.47 8.11
CA TYR A 93 2.93 2.43 7.27
C TYR A 93 2.48 0.99 7.03
N LEU A 94 3.15 0.30 6.12
CA LEU A 94 2.83 -1.07 5.79
C LEU A 94 2.89 -1.98 7.01
N LEU A 95 3.93 -1.81 7.82
CA LEU A 95 4.10 -2.61 9.02
C LEU A 95 2.87 -2.52 9.93
N SER A 96 2.46 -1.30 10.23
CA SER A 96 1.30 -1.07 11.08
C SER A 96 0.08 -1.81 10.53
N TYR A 97 -0.24 -1.55 9.27
CA TYR A 97 -1.39 -2.17 8.62
C TYR A 97 -1.43 -3.68 8.85
N ASP A 98 -0.27 -4.34 8.75
CA ASP A 98 -0.20 -5.77 8.94
C ASP A 98 0.17 -6.14 10.39
N SER A 99 0.36 -5.12 11.23
CA SER A 99 0.72 -5.36 12.62
C SER A 99 -0.49 -5.74 13.48
N LEU A 100 -1.70 -5.45 12.99
CA LEU A 100 -2.92 -5.78 13.73
C LEU A 100 -3.47 -7.14 13.31
N SER A 101 -4.65 -7.48 13.83
CA SER A 101 -5.30 -8.75 13.51
C SER A 101 -6.12 -8.64 12.23
N PRO A 102 -6.53 -9.79 11.67
CA PRO A 102 -7.33 -9.82 10.43
C PRO A 102 -8.63 -9.05 10.54
N GLU A 103 -9.07 -8.80 11.78
CA GLU A 103 -10.31 -8.06 12.01
C GLU A 103 -10.22 -6.65 11.42
N GLU A 104 -9.18 -5.92 11.82
CA GLU A 104 -8.97 -4.57 11.32
C GLU A 104 -8.80 -4.56 9.80
N HIS A 105 -8.34 -5.68 9.26
CA HIS A 105 -8.15 -5.81 7.83
C HIS A 105 -9.50 -5.99 7.13
N ARG A 106 -10.25 -6.99 7.60
CA ARG A 106 -11.57 -7.28 7.03
C ARG A 106 -12.54 -6.13 7.26
N ARG A 107 -12.38 -5.44 8.39
CA ARG A 107 -13.25 -4.33 8.73
C ARG A 107 -13.02 -3.16 7.76
N LEU A 108 -11.77 -2.72 7.65
CA LEU A 108 -11.42 -1.62 6.77
C LEU A 108 -11.70 -2.01 5.32
N GLU A 109 -11.43 -3.26 4.98
CA GLU A 109 -11.66 -3.74 3.63
C GLU A 109 -13.14 -3.78 3.32
N LYS A 110 -13.91 -4.45 4.18
CA LYS A 110 -15.35 -4.57 3.99
C LYS A 110 -16.00 -3.20 3.79
N GLU A 111 -15.47 -2.18 4.47
CA GLU A 111 -16.01 -0.84 4.35
C GLU A 111 -15.75 -0.28 2.95
N VAL A 112 -14.49 -0.28 2.55
CA VAL A 112 -14.11 0.22 1.23
C VAL A 112 -14.78 -0.61 0.13
N LEU A 113 -14.63 -1.92 0.24
CA LEU A 113 -15.20 -2.86 -0.73
C LEU A 113 -16.66 -2.56 -1.03
N MET A 114 -17.45 -2.34 0.02
CA MET A 114 -18.86 -2.05 -0.18
C MET A 114 -19.03 -0.63 -0.71
N GLU A 115 -18.25 0.30 -0.16
CA GLU A 115 -18.33 1.70 -0.56
C GLU A 115 -18.25 1.86 -2.08
N LYS A 116 -17.38 1.09 -2.73
CA LYS A 116 -17.22 1.17 -4.18
C LYS A 116 -18.27 0.32 -4.89
N GLU A 117 -18.53 -0.86 -4.35
CA GLU A 117 -19.52 -1.78 -4.93
C GLU A 117 -20.90 -1.12 -4.98
N ILE A 118 -21.35 -0.63 -3.84
CA ILE A 118 -22.65 0.02 -3.73
C ILE A 118 -22.56 1.52 -4.00
N LEU A 119 -21.40 1.96 -4.50
CA LEU A 119 -21.19 3.38 -4.79
C LEU A 119 -22.30 3.92 -5.70
N GLU A 120 -22.66 3.14 -6.70
CA GLU A 120 -23.71 3.56 -7.64
C GLU A 120 -25.08 3.51 -6.98
N LYS A 121 -25.56 2.30 -6.72
CA LYS A 121 -26.87 2.12 -6.09
C LYS A 121 -26.77 2.24 -4.58
N GLY A 1 -14.13 -15.87 -9.11
CA GLY A 1 -13.79 -17.29 -9.42
C GLY A 1 -14.20 -17.69 -10.83
N PRO A 2 -14.43 -18.99 -11.07
CA PRO A 2 -14.82 -19.49 -12.39
C PRO A 2 -16.03 -18.74 -12.96
N LEU A 3 -16.94 -18.35 -12.08
CA LEU A 3 -18.14 -17.63 -12.50
C LEU A 3 -17.80 -16.19 -12.86
N GLY A 4 -18.81 -15.45 -13.33
CA GLY A 4 -18.59 -14.07 -13.72
C GLY A 4 -19.87 -13.25 -13.65
N SER A 5 -20.06 -12.55 -12.55
CA SER A 5 -21.25 -11.72 -12.36
C SER A 5 -20.91 -10.44 -11.61
N LEU A 6 -19.70 -9.93 -11.85
CA LEU A 6 -19.25 -8.71 -11.21
C LEU A 6 -20.03 -7.50 -11.72
N GLY A 7 -20.07 -6.44 -10.92
CA GLY A 7 -20.78 -5.24 -11.33
C GLY A 7 -19.84 -4.07 -11.60
N ARG A 8 -19.10 -3.66 -10.58
CA ARG A 8 -18.15 -2.56 -10.71
C ARG A 8 -17.07 -2.65 -9.64
N ARG A 9 -15.81 -2.66 -10.09
CA ARG A 9 -14.67 -2.74 -9.20
C ARG A 9 -13.50 -1.94 -9.74
N TRP A 10 -12.95 -1.06 -8.91
CA TRP A 10 -11.82 -0.23 -9.31
C TRP A 10 -10.58 -1.07 -9.57
N GLY A 11 -10.60 -2.33 -9.13
CA GLY A 11 -9.47 -3.21 -9.32
C GLY A 11 -8.86 -3.68 -8.01
N PRO A 12 -8.07 -4.78 -8.04
CA PRO A 12 -7.44 -5.31 -6.82
C PRO A 12 -6.37 -4.38 -6.27
N ASN A 13 -5.60 -3.77 -7.16
CA ASN A 13 -4.54 -2.85 -6.76
C ASN A 13 -5.12 -1.62 -6.08
N VAL A 14 -6.28 -1.17 -6.57
CA VAL A 14 -6.94 0.01 -6.01
C VAL A 14 -7.44 -0.28 -4.59
N GLN A 15 -8.04 -1.45 -4.41
CA GLN A 15 -8.55 -1.86 -3.11
C GLN A 15 -7.43 -1.88 -2.08
N ARG A 16 -6.29 -2.42 -2.47
CA ARG A 16 -5.14 -2.50 -1.59
C ARG A 16 -4.72 -1.11 -1.11
N LEU A 17 -4.57 -0.19 -2.07
CA LEU A 17 -4.19 1.18 -1.74
C LEU A 17 -5.30 1.87 -0.94
N ALA A 18 -6.54 1.43 -1.16
CA ALA A 18 -7.69 2.02 -0.48
C ALA A 18 -7.72 1.62 1.00
N CYS A 19 -7.63 0.32 1.27
CA CYS A 19 -7.67 -0.19 2.63
C CYS A 19 -6.50 0.36 3.45
N ILE A 20 -5.33 0.47 2.82
CA ILE A 20 -4.14 0.97 3.50
C ILE A 20 -4.30 2.44 3.88
N LYS A 21 -4.78 3.25 2.93
CA LYS A 21 -4.97 4.67 3.17
C LYS A 21 -6.05 4.91 4.23
N LYS A 22 -7.06 4.05 4.24
CA LYS A 22 -8.16 4.17 5.19
C LYS A 22 -7.67 3.90 6.61
N HIS A 23 -6.90 2.83 6.77
CA HIS A 23 -6.37 2.46 8.07
C HIS A 23 -5.34 3.50 8.54
N LEU A 24 -4.52 3.98 7.61
CA LEU A 24 -3.50 4.96 7.93
C LEU A 24 -4.11 6.22 8.55
N ARG A 25 -5.16 6.74 7.90
CA ARG A 25 -5.83 7.93 8.40
C ARG A 25 -6.46 7.68 9.77
N SER A 26 -7.05 6.50 9.93
CA SER A 26 -7.68 6.14 11.20
C SER A 26 -6.64 5.82 12.26
N GLN A 27 -5.42 5.52 11.83
CA GLN A 27 -4.34 5.19 12.76
C GLN A 27 -3.55 6.43 13.17
N GLY A 28 -3.83 7.56 12.53
CA GLY A 28 -3.14 8.79 12.86
C GLY A 28 -2.34 9.34 11.69
N ILE A 29 -2.18 8.52 10.66
CA ILE A 29 -1.44 8.90 9.47
C ILE A 29 -2.37 9.45 8.39
N THR A 30 -2.38 10.76 8.21
CA THR A 30 -3.23 11.39 7.21
C THR A 30 -2.63 11.23 5.82
N MET A 31 -3.40 10.62 4.92
CA MET A 31 -2.95 10.39 3.56
C MET A 31 -4.04 10.78 2.55
N ASP A 32 -4.86 11.75 2.94
CA ASP A 32 -5.95 12.22 2.08
C ASP A 32 -5.39 12.88 0.81
N GLU A 33 -4.26 13.54 0.95
CA GLU A 33 -3.62 14.22 -0.18
C GLU A 33 -3.07 13.20 -1.17
N LEU A 34 -1.92 12.61 -0.84
CA LEU A 34 -1.28 11.63 -1.70
C LEU A 34 0.01 11.11 -1.08
N PRO A 35 0.25 9.79 -1.13
CA PRO A 35 1.45 9.18 -0.56
C PRO A 35 2.69 9.48 -1.41
N LEU A 36 3.69 10.12 -0.79
CA LEU A 36 4.92 10.46 -1.48
C LEU A 36 6.13 9.81 -0.83
N ILE A 37 7.12 9.52 -1.64
CA ILE A 37 8.36 8.91 -1.17
C ILE A 37 9.53 9.45 -1.98
N GLY A 38 10.57 9.90 -1.29
CA GLY A 38 11.73 10.45 -1.98
C GLY A 38 11.34 11.52 -2.97
N GLY A 39 10.48 12.45 -2.55
CA GLY A 39 10.05 13.53 -3.42
C GLY A 39 9.24 13.07 -4.62
N CYS A 40 8.88 11.80 -4.67
CA CYS A 40 8.12 11.26 -5.80
C CYS A 40 6.90 10.48 -5.32
N GLU A 41 5.95 10.29 -6.24
CA GLU A 41 4.74 9.56 -5.94
C GLU A 41 4.97 8.05 -6.01
N LEU A 42 4.35 7.30 -5.11
CA LEU A 42 4.51 5.85 -5.08
C LEU A 42 3.16 5.15 -4.91
N ASP A 43 3.03 4.00 -5.56
CA ASP A 43 1.80 3.22 -5.48
C ASP A 43 1.89 2.17 -4.39
N LEU A 44 1.13 2.37 -3.31
CA LEU A 44 1.13 1.45 -2.19
C LEU A 44 0.76 0.04 -2.64
N ALA A 45 -0.14 -0.03 -3.62
CA ALA A 45 -0.58 -1.32 -4.15
C ALA A 45 0.57 -2.04 -4.85
N CYS A 46 1.30 -1.31 -5.69
CA CYS A 46 2.42 -1.88 -6.41
C CYS A 46 3.58 -2.17 -5.46
N PHE A 47 3.71 -1.34 -4.43
CA PHE A 47 4.77 -1.50 -3.45
C PHE A 47 4.51 -2.72 -2.57
N PHE A 48 3.28 -2.87 -2.10
CA PHE A 48 2.91 -4.00 -1.27
C PHE A 48 3.13 -5.32 -2.00
N ARG A 49 2.61 -5.41 -3.21
CA ARG A 49 2.76 -6.62 -4.02
C ARG A 49 4.22 -6.96 -4.23
N LEU A 50 5.03 -5.95 -4.54
CA LEU A 50 6.45 -6.15 -4.78
C LEU A 50 7.13 -6.79 -3.57
N ILE A 51 6.86 -6.25 -2.38
CA ILE A 51 7.45 -6.77 -1.15
C ILE A 51 7.11 -8.25 -0.98
N ASN A 52 5.85 -8.60 -1.20
CA ASN A 52 5.40 -9.98 -1.07
C ASN A 52 6.08 -10.88 -2.10
N GLU A 53 6.08 -10.42 -3.35
CA GLU A 53 6.68 -11.18 -4.43
C GLU A 53 8.18 -11.39 -4.21
N MET A 54 8.77 -10.59 -3.33
CA MET A 54 10.19 -10.68 -3.03
C MET A 54 10.45 -11.59 -1.83
N GLY A 55 9.61 -12.60 -1.66
CA GLY A 55 9.77 -13.52 -0.55
C GLY A 55 9.33 -12.93 0.78
N GLY A 56 8.20 -12.24 0.77
CA GLY A 56 7.69 -11.64 1.99
C GLY A 56 8.41 -10.35 2.36
N MET A 57 7.90 -9.67 3.38
CA MET A 57 8.50 -8.42 3.85
C MET A 57 9.80 -8.68 4.60
N GLN A 58 9.86 -9.80 5.29
CA GLN A 58 11.06 -10.16 6.07
C GLN A 58 12.31 -10.11 5.19
N GLN A 59 12.22 -10.65 3.98
CA GLN A 59 13.34 -10.66 3.06
C GLN A 59 13.73 -9.24 2.66
N VAL A 60 12.75 -8.48 2.19
CA VAL A 60 12.97 -7.11 1.77
C VAL A 60 13.75 -6.31 2.83
N THR A 61 13.21 -6.29 4.06
CA THR A 61 13.81 -5.54 5.16
C THR A 61 15.06 -6.23 5.76
N ASP A 62 14.92 -7.50 6.12
CA ASP A 62 16.01 -8.24 6.75
C ASP A 62 17.24 -8.40 5.84
N LEU A 63 17.02 -8.87 4.61
CA LEU A 63 18.12 -9.08 3.68
C LEU A 63 18.59 -7.77 3.06
N LYS A 64 18.00 -6.65 3.48
CA LYS A 64 18.38 -5.34 2.94
C LYS A 64 18.40 -5.38 1.42
N LYS A 65 17.25 -5.15 0.82
CA LYS A 65 17.12 -5.17 -0.63
C LYS A 65 16.10 -4.15 -1.11
N TRP A 66 15.82 -3.13 -0.29
CA TRP A 66 14.86 -2.12 -0.68
C TRP A 66 15.32 -1.40 -1.94
N ASN A 67 16.64 -1.34 -2.12
CA ASN A 67 17.24 -0.68 -3.28
C ASN A 67 16.69 -1.26 -4.58
N LYS A 68 16.59 -2.59 -4.66
CA LYS A 68 16.10 -3.24 -5.87
C LYS A 68 14.58 -3.14 -5.98
N LEU A 69 13.88 -3.51 -4.91
CA LEU A 69 12.43 -3.45 -4.90
C LEU A 69 11.96 -2.04 -5.24
N ALA A 70 12.66 -1.04 -4.69
CA ALA A 70 12.34 0.36 -4.94
C ALA A 70 12.73 0.75 -6.36
N ASP A 71 13.82 0.17 -6.86
CA ASP A 71 14.29 0.46 -8.21
C ASP A 71 13.16 0.25 -9.22
N MET A 72 12.49 -0.88 -9.11
CA MET A 72 11.38 -1.20 -10.01
C MET A 72 10.23 -0.21 -9.82
N LEU A 73 10.20 0.44 -8.65
CA LEU A 73 9.15 1.42 -8.34
C LEU A 73 9.44 2.76 -8.99
N ARG A 74 10.58 2.88 -9.68
CA ARG A 74 10.97 4.12 -10.36
C ARG A 74 11.40 5.18 -9.36
N ILE A 75 12.58 4.99 -8.76
CA ILE A 75 13.12 5.93 -7.79
C ILE A 75 14.57 6.28 -8.15
N PRO A 76 14.96 7.57 -8.01
CA PRO A 76 16.31 8.01 -8.33
C PRO A 76 17.36 7.41 -7.40
N LYS A 77 18.35 6.76 -7.98
CA LYS A 77 19.42 6.14 -7.20
C LYS A 77 20.33 7.19 -6.58
N THR A 78 20.29 8.41 -7.12
CA THR A 78 21.11 9.51 -6.61
C THR A 78 20.72 9.88 -5.18
N ALA A 79 19.51 9.49 -4.78
CA ALA A 79 19.03 9.80 -3.43
C ALA A 79 19.52 8.76 -2.42
N GLN A 80 20.47 9.16 -1.59
CA GLN A 80 21.04 8.27 -0.58
C GLN A 80 20.03 7.99 0.53
N ASP A 81 19.71 9.02 1.31
CA ASP A 81 18.76 8.89 2.41
C ASP A 81 17.47 8.20 1.99
N ARG A 82 17.19 8.20 0.69
CA ARG A 82 15.99 7.57 0.16
C ARG A 82 15.79 6.17 0.75
N LEU A 83 16.89 5.44 0.89
CA LEU A 83 16.83 4.09 1.44
C LEU A 83 16.34 4.10 2.89
N ALA A 84 16.90 5.00 3.69
CA ALA A 84 16.51 5.11 5.10
C ALA A 84 15.11 5.70 5.24
N LYS A 85 14.80 6.69 4.40
CA LYS A 85 13.50 7.34 4.44
C LYS A 85 12.40 6.35 4.08
N LEU A 86 12.67 5.51 3.08
CA LEU A 86 11.72 4.51 2.64
C LEU A 86 11.52 3.45 3.72
N GLN A 87 12.62 3.07 4.36
CA GLN A 87 12.59 2.07 5.42
C GLN A 87 11.66 2.51 6.55
N GLU A 88 11.77 3.76 6.94
CA GLU A 88 10.94 4.32 8.01
C GLU A 88 9.53 4.63 7.50
N ALA A 89 9.43 4.95 6.22
CA ALA A 89 8.13 5.28 5.62
C ALA A 89 7.21 4.06 5.56
N TYR A 90 7.79 2.90 5.28
CA TYR A 90 7.02 1.67 5.20
C TYR A 90 6.83 1.07 6.60
N CYS A 91 7.86 1.18 7.43
CA CYS A 91 7.81 0.65 8.78
C CYS A 91 6.72 1.36 9.58
N GLN A 92 6.47 2.62 9.26
CA GLN A 92 5.45 3.40 9.95
C GLN A 92 4.12 3.38 9.20
N TYR A 93 4.10 2.73 8.03
CA TYR A 93 2.88 2.65 7.23
C TYR A 93 2.44 1.20 7.03
N LEU A 94 3.10 0.50 6.11
CA LEU A 94 2.75 -0.89 5.82
C LEU A 94 2.90 -1.79 7.04
N LEU A 95 3.98 -1.61 7.78
CA LEU A 95 4.24 -2.43 8.97
C LEU A 95 3.01 -2.51 9.87
N SER A 96 2.52 -1.35 10.29
CA SER A 96 1.35 -1.29 11.17
C SER A 96 0.17 -2.06 10.59
N TYR A 97 -0.13 -1.81 9.32
CA TYR A 97 -1.24 -2.48 8.63
C TYR A 97 -0.98 -3.98 8.50
N ASP A 98 0.28 -4.37 8.42
CA ASP A 98 0.63 -5.78 8.27
C ASP A 98 1.00 -6.42 9.62
N SER A 99 0.93 -5.64 10.69
CA SER A 99 1.26 -6.15 12.02
C SER A 99 0.05 -6.16 12.94
N LEU A 100 -1.03 -5.47 12.54
CA LEU A 100 -2.24 -5.40 13.34
C LEU A 100 -3.07 -6.67 13.19
N SER A 101 -4.20 -6.73 13.89
CA SER A 101 -5.08 -7.88 13.83
C SER A 101 -5.87 -7.91 12.53
N PRO A 102 -6.47 -9.07 12.19
CA PRO A 102 -7.26 -9.23 10.97
C PRO A 102 -8.55 -8.42 11.00
N GLU A 103 -9.04 -8.17 12.22
CA GLU A 103 -10.28 -7.41 12.39
C GLU A 103 -10.23 -6.11 11.60
N GLU A 104 -9.14 -5.36 11.76
CA GLU A 104 -8.97 -4.09 11.07
C GLU A 104 -8.99 -4.29 9.55
N HIS A 105 -8.60 -5.49 9.11
CA HIS A 105 -8.58 -5.80 7.69
C HIS A 105 -10.00 -6.06 7.19
N ARG A 106 -10.69 -6.99 7.84
CA ARG A 106 -12.06 -7.34 7.47
C ARG A 106 -13.00 -6.15 7.61
N ARG A 107 -12.88 -5.41 8.71
CA ARG A 107 -13.73 -4.26 8.95
C ARG A 107 -13.46 -3.15 7.94
N LEU A 108 -12.20 -2.75 7.83
CA LEU A 108 -11.82 -1.69 6.90
C LEU A 108 -12.10 -2.12 5.46
N GLU A 109 -11.83 -3.38 5.16
CA GLU A 109 -12.07 -3.90 3.82
C GLU A 109 -13.55 -3.94 3.53
N LYS A 110 -14.32 -4.58 4.39
CA LYS A 110 -15.77 -4.69 4.22
C LYS A 110 -16.39 -3.33 3.94
N GLU A 111 -15.84 -2.29 4.58
CA GLU A 111 -16.36 -0.94 4.39
C GLU A 111 -16.06 -0.43 2.97
N VAL A 112 -14.79 -0.47 2.60
CA VAL A 112 -14.36 -0.02 1.28
C VAL A 112 -15.00 -0.87 0.18
N LEU A 113 -14.79 -2.18 0.28
CA LEU A 113 -15.32 -3.13 -0.69
C LEU A 113 -16.80 -2.93 -0.96
N MET A 114 -17.59 -2.73 0.09
CA MET A 114 -19.02 -2.51 -0.08
C MET A 114 -19.27 -1.14 -0.68
N GLU A 115 -18.51 -0.15 -0.23
CA GLU A 115 -18.65 1.21 -0.72
C GLU A 115 -18.46 1.28 -2.24
N LYS A 116 -17.62 0.40 -2.77
CA LYS A 116 -17.35 0.36 -4.20
C LYS A 116 -18.38 -0.49 -4.95
N GLU A 117 -18.70 -1.65 -4.38
CA GLU A 117 -19.66 -2.55 -4.99
C GLU A 117 -21.06 -1.94 -5.01
N ILE A 118 -21.49 -1.43 -3.86
CA ILE A 118 -22.82 -0.82 -3.74
C ILE A 118 -22.78 0.67 -4.08
N LEU A 119 -21.66 1.13 -4.65
CA LEU A 119 -21.51 2.53 -5.01
C LEU A 119 -22.61 2.97 -5.96
N GLU A 120 -23.00 2.07 -6.86
CA GLU A 120 -24.05 2.37 -7.84
C GLU A 120 -25.39 2.61 -7.14
N LYS A 121 -25.95 1.55 -6.56
CA LYS A 121 -27.23 1.66 -5.87
C LYS A 121 -27.05 2.26 -4.47
N GLY A 1 -12.37 -15.70 -23.14
CA GLY A 1 -11.57 -15.03 -22.08
C GLY A 1 -12.33 -14.86 -20.78
N PRO A 2 -11.63 -14.87 -19.63
CA PRO A 2 -12.28 -14.71 -18.32
C PRO A 2 -12.78 -13.28 -18.09
N LEU A 3 -12.02 -12.31 -18.57
CA LEU A 3 -12.38 -10.91 -18.41
C LEU A 3 -13.40 -10.49 -19.47
N GLY A 4 -13.80 -9.22 -19.44
CA GLY A 4 -14.76 -8.73 -20.39
C GLY A 4 -14.73 -7.22 -20.53
N SER A 5 -15.57 -6.53 -19.76
CA SER A 5 -15.64 -5.08 -19.79
C SER A 5 -16.52 -4.54 -18.68
N LEU A 6 -16.49 -5.21 -17.53
CA LEU A 6 -17.31 -4.80 -16.38
C LEU A 6 -16.62 -3.70 -15.60
N GLY A 7 -17.39 -2.94 -14.83
CA GLY A 7 -16.84 -1.86 -14.04
C GLY A 7 -17.49 -1.75 -12.68
N ARG A 8 -17.46 -2.84 -11.91
CA ARG A 8 -18.05 -2.86 -10.58
C ARG A 8 -17.00 -2.67 -9.50
N ARG A 9 -15.76 -2.58 -9.92
CA ARG A 9 -14.64 -2.40 -9.01
C ARG A 9 -13.57 -1.49 -9.62
N TRP A 10 -12.77 -0.87 -8.76
CA TRP A 10 -11.71 0.02 -9.21
C TRP A 10 -10.46 -0.76 -9.59
N GLY A 11 -10.36 -2.00 -9.11
CA GLY A 11 -9.21 -2.83 -9.40
C GLY A 11 -8.52 -3.34 -8.14
N PRO A 12 -7.67 -4.37 -8.26
CA PRO A 12 -6.95 -4.93 -7.10
C PRO A 12 -5.94 -3.95 -6.52
N ASN A 13 -5.27 -3.22 -7.39
CA ASN A 13 -4.27 -2.24 -6.96
C ASN A 13 -4.92 -1.13 -6.14
N VAL A 14 -6.12 -0.71 -6.55
CA VAL A 14 -6.83 0.33 -5.84
C VAL A 14 -7.39 -0.19 -4.53
N GLN A 15 -7.82 -1.46 -4.53
CA GLN A 15 -8.37 -2.09 -3.34
C GLN A 15 -7.35 -2.10 -2.21
N ARG A 16 -6.10 -2.40 -2.56
CA ARG A 16 -5.02 -2.45 -1.57
C ARG A 16 -4.69 -1.04 -1.08
N LEU A 17 -4.52 -0.12 -2.02
CA LEU A 17 -4.19 1.26 -1.68
C LEU A 17 -5.31 1.90 -0.84
N ALA A 18 -6.53 1.44 -1.07
CA ALA A 18 -7.68 1.97 -0.35
C ALA A 18 -7.70 1.48 1.09
N CYS A 19 -7.55 0.16 1.28
CA CYS A 19 -7.54 -0.43 2.61
C CYS A 19 -6.44 0.19 3.47
N ILE A 20 -5.24 0.31 2.91
CA ILE A 20 -4.12 0.88 3.64
C ILE A 20 -4.37 2.35 3.96
N LYS A 21 -4.97 3.06 3.01
CA LYS A 21 -5.27 4.48 3.19
C LYS A 21 -6.20 4.68 4.38
N LYS A 22 -7.29 3.92 4.41
CA LYS A 22 -8.26 4.01 5.49
C LYS A 22 -7.61 3.71 6.83
N HIS A 23 -6.70 2.74 6.83
CA HIS A 23 -6.00 2.35 8.05
C HIS A 23 -5.04 3.44 8.49
N LEU A 24 -4.28 3.99 7.53
CA LEU A 24 -3.31 5.04 7.82
C LEU A 24 -3.97 6.23 8.53
N ARG A 25 -5.07 6.72 7.97
CA ARG A 25 -5.77 7.85 8.57
C ARG A 25 -6.33 7.48 9.94
N SER A 26 -6.87 6.28 10.05
CA SER A 26 -7.43 5.80 11.32
C SER A 26 -6.31 5.46 12.30
N GLN A 27 -5.08 5.40 11.81
CA GLN A 27 -3.93 5.07 12.64
C GLN A 27 -3.17 6.32 13.08
N GLY A 28 -3.51 7.46 12.47
CA GLY A 28 -2.85 8.71 12.82
C GLY A 28 -2.09 9.31 11.66
N ILE A 29 -2.11 8.63 10.52
CA ILE A 29 -1.40 9.09 9.34
C ILE A 29 -2.39 9.58 8.27
N THR A 30 -2.40 10.90 8.04
CA THR A 30 -3.28 11.49 7.05
C THR A 30 -2.67 11.40 5.65
N MET A 31 -3.32 10.64 4.78
CA MET A 31 -2.84 10.48 3.41
C MET A 31 -3.92 10.85 2.39
N ASP A 32 -4.78 11.77 2.78
CA ASP A 32 -5.88 12.20 1.90
C ASP A 32 -5.33 12.88 0.64
N GLU A 33 -4.18 13.52 0.78
CA GLU A 33 -3.55 14.21 -0.34
C GLU A 33 -2.93 13.20 -1.31
N LEU A 34 -1.73 12.72 -0.97
CA LEU A 34 -1.03 11.75 -1.82
C LEU A 34 0.30 11.35 -1.18
N PRO A 35 0.59 10.04 -1.11
CA PRO A 35 1.83 9.53 -0.53
C PRO A 35 3.04 9.75 -1.44
N LEU A 36 4.15 10.17 -0.85
CA LEU A 36 5.37 10.42 -1.62
C LEU A 36 6.56 9.70 -1.00
N ILE A 37 7.52 9.36 -1.85
CA ILE A 37 8.73 8.69 -1.42
C ILE A 37 9.89 9.08 -2.33
N GLY A 38 11.03 9.42 -1.73
CA GLY A 38 12.18 9.81 -2.52
C GLY A 38 11.86 10.96 -3.47
N GLY A 39 11.04 11.90 -3.01
CA GLY A 39 10.67 13.04 -3.84
C GLY A 39 9.75 12.69 -4.99
N CYS A 40 9.24 11.45 -5.02
CA CYS A 40 8.36 11.02 -6.09
C CYS A 40 7.14 10.28 -5.55
N GLU A 41 6.12 10.14 -6.39
CA GLU A 41 4.91 9.46 -6.00
C GLU A 41 5.10 7.94 -6.05
N LEU A 42 4.45 7.24 -5.14
CA LEU A 42 4.56 5.79 -5.07
C LEU A 42 3.19 5.12 -4.90
N ASP A 43 3.03 3.95 -5.51
CA ASP A 43 1.78 3.21 -5.43
C ASP A 43 1.85 2.15 -4.34
N LEU A 44 1.13 2.36 -3.25
CA LEU A 44 1.11 1.42 -2.14
C LEU A 44 0.76 0.02 -2.62
N ALA A 45 -0.11 -0.06 -3.61
CA ALA A 45 -0.54 -1.34 -4.16
C ALA A 45 0.63 -2.05 -4.84
N CYS A 46 1.41 -1.29 -5.61
CA CYS A 46 2.55 -1.85 -6.32
C CYS A 46 3.68 -2.16 -5.34
N PHE A 47 3.80 -1.34 -4.30
CA PHE A 47 4.83 -1.52 -3.29
C PHE A 47 4.53 -2.74 -2.43
N PHE A 48 3.30 -2.83 -1.96
CA PHE A 48 2.89 -3.95 -1.12
C PHE A 48 3.07 -5.29 -1.85
N ARG A 49 2.56 -5.34 -3.08
CA ARG A 49 2.67 -6.55 -3.89
C ARG A 49 4.13 -6.93 -4.11
N LEU A 50 4.97 -5.93 -4.38
CA LEU A 50 6.39 -6.16 -4.62
C LEU A 50 7.03 -6.84 -3.42
N ILE A 51 6.80 -6.30 -2.22
CA ILE A 51 7.36 -6.87 -1.00
C ILE A 51 6.96 -8.34 -0.85
N ASN A 52 5.68 -8.62 -1.07
CA ASN A 52 5.18 -9.98 -0.96
C ASN A 52 5.84 -10.90 -1.98
N GLU A 53 5.99 -10.40 -3.20
CA GLU A 53 6.61 -11.17 -4.27
C GLU A 53 8.12 -11.32 -4.06
N MET A 54 8.66 -10.56 -3.10
CA MET A 54 10.09 -10.61 -2.81
C MET A 54 10.37 -11.54 -1.63
N GLY A 55 9.57 -12.59 -1.50
CA GLY A 55 9.75 -13.54 -0.43
C GLY A 55 9.28 -13.00 0.91
N GLY A 56 8.20 -12.23 0.89
CA GLY A 56 7.67 -11.66 2.12
C GLY A 56 8.39 -10.40 2.53
N MET A 57 7.85 -9.72 3.54
CA MET A 57 8.44 -8.48 4.04
C MET A 57 9.73 -8.77 4.81
N GLN A 58 9.77 -9.91 5.48
CA GLN A 58 10.93 -10.30 6.27
C GLN A 58 12.21 -10.26 5.42
N GLN A 59 12.16 -10.88 4.24
CA GLN A 59 13.30 -10.91 3.34
C GLN A 59 13.69 -9.51 2.88
N VAL A 60 12.71 -8.76 2.38
CA VAL A 60 12.96 -7.40 1.91
C VAL A 60 13.75 -6.59 2.95
N THR A 61 13.25 -6.57 4.18
CA THR A 61 13.88 -5.82 5.25
C THR A 61 15.15 -6.49 5.82
N ASP A 62 15.01 -7.75 6.23
CA ASP A 62 16.13 -8.49 6.82
C ASP A 62 17.33 -8.62 5.89
N LEU A 63 17.09 -9.08 4.67
CA LEU A 63 18.17 -9.27 3.71
C LEU A 63 18.63 -7.94 3.10
N LYS A 64 18.05 -6.83 3.54
CA LYS A 64 18.41 -5.52 3.03
C LYS A 64 18.42 -5.53 1.50
N LYS A 65 17.24 -5.38 0.92
CA LYS A 65 17.12 -5.38 -0.53
C LYS A 65 16.08 -4.37 -1.00
N TRP A 66 15.83 -3.35 -0.18
CA TRP A 66 14.86 -2.33 -0.55
C TRP A 66 15.31 -1.60 -1.81
N ASN A 67 16.62 -1.54 -1.99
CA ASN A 67 17.20 -0.86 -3.15
C ASN A 67 16.67 -1.43 -4.47
N LYS A 68 16.60 -2.76 -4.55
CA LYS A 68 16.11 -3.43 -5.76
C LYS A 68 14.59 -3.33 -5.86
N LEU A 69 13.90 -3.72 -4.79
CA LEU A 69 12.45 -3.68 -4.77
C LEU A 69 11.97 -2.26 -5.10
N ALA A 70 12.68 -1.26 -4.55
CA ALA A 70 12.34 0.14 -4.80
C ALA A 70 12.70 0.53 -6.23
N ASP A 71 13.77 -0.05 -6.74
CA ASP A 71 14.22 0.23 -8.10
C ASP A 71 13.08 0.02 -9.09
N MET A 72 12.42 -1.13 -8.98
CA MET A 72 11.30 -1.45 -9.86
C MET A 72 10.14 -0.46 -9.65
N LEU A 73 10.13 0.21 -8.50
CA LEU A 73 9.09 1.18 -8.18
C LEU A 73 9.36 2.53 -8.83
N ARG A 74 10.48 2.64 -9.55
CA ARG A 74 10.86 3.88 -10.23
C ARG A 74 11.18 4.99 -9.23
N ILE A 75 12.32 4.86 -8.57
CA ILE A 75 12.77 5.84 -7.58
C ILE A 75 14.15 6.38 -7.96
N PRO A 76 14.38 7.70 -7.81
CA PRO A 76 15.66 8.32 -8.15
C PRO A 76 16.80 7.83 -7.25
N LYS A 77 17.83 7.30 -7.88
CA LYS A 77 18.99 6.79 -7.14
C LYS A 77 19.80 7.93 -6.52
N THR A 78 19.61 9.14 -7.04
CA THR A 78 20.33 10.31 -6.53
C THR A 78 19.92 10.64 -5.09
N ALA A 79 18.72 10.21 -4.71
CA ALA A 79 18.23 10.46 -3.35
C ALA A 79 19.01 9.68 -2.31
N GLN A 80 19.79 10.39 -1.51
CA GLN A 80 20.60 9.75 -0.46
C GLN A 80 19.77 9.51 0.81
N ASP A 81 18.48 9.80 0.73
CA ASP A 81 17.59 9.60 1.87
C ASP A 81 16.48 8.61 1.51
N ARG A 82 16.27 8.41 0.20
CA ARG A 82 15.24 7.50 -0.28
C ARG A 82 15.31 6.15 0.42
N LEU A 83 16.53 5.69 0.71
CA LEU A 83 16.73 4.40 1.35
C LEU A 83 16.24 4.42 2.80
N ALA A 84 16.71 5.39 3.58
CA ALA A 84 16.31 5.51 4.98
C ALA A 84 14.86 5.97 5.11
N LYS A 85 14.47 6.91 4.26
CA LYS A 85 13.11 7.43 4.27
C LYS A 85 12.11 6.31 3.98
N LEU A 86 12.49 5.45 3.04
CA LEU A 86 11.64 4.33 2.64
C LEU A 86 11.51 3.34 3.80
N GLN A 87 12.62 3.03 4.44
CA GLN A 87 12.63 2.10 5.56
C GLN A 87 11.65 2.54 6.65
N GLU A 88 11.77 3.80 7.05
CA GLU A 88 10.90 4.35 8.08
C GLU A 88 9.49 4.61 7.54
N ALA A 89 9.41 4.89 6.24
CA ALA A 89 8.13 5.15 5.59
C ALA A 89 7.26 3.91 5.54
N TYR A 90 7.88 2.77 5.27
CA TYR A 90 7.15 1.51 5.20
C TYR A 90 7.02 0.88 6.58
N CYS A 91 8.00 1.13 7.44
CA CYS A 91 8.00 0.61 8.79
C CYS A 91 6.87 1.24 9.62
N GLN A 92 6.54 2.49 9.29
CA GLN A 92 5.49 3.20 10.01
C GLN A 92 4.16 3.17 9.24
N TYR A 93 4.16 2.57 8.05
CA TYR A 93 2.96 2.49 7.24
C TYR A 93 2.54 1.04 7.00
N LEU A 94 3.21 0.38 6.06
CA LEU A 94 2.89 -1.01 5.72
C LEU A 94 2.98 -1.91 6.94
N LEU A 95 4.01 -1.72 7.76
CA LEU A 95 4.20 -2.53 8.96
C LEU A 95 2.95 -2.53 9.83
N SER A 96 2.29 -1.39 9.89
CA SER A 96 1.07 -1.25 10.69
C SER A 96 -0.05 -2.13 10.12
N TYR A 97 -0.34 -1.93 8.84
CA TYR A 97 -1.39 -2.70 8.17
C TYR A 97 -1.10 -4.20 8.19
N ASP A 98 0.17 -4.56 8.22
CA ASP A 98 0.55 -5.97 8.23
C ASP A 98 0.84 -6.48 9.64
N SER A 99 0.86 -5.58 10.62
CA SER A 99 1.13 -5.97 12.00
C SER A 99 -0.15 -6.02 12.83
N LEU A 100 -1.17 -5.30 12.38
CA LEU A 100 -2.45 -5.28 13.08
C LEU A 100 -3.19 -6.61 12.94
N SER A 101 -4.27 -6.76 13.68
CA SER A 101 -5.06 -7.98 13.65
C SER A 101 -5.88 -8.08 12.36
N PRO A 102 -6.44 -9.27 12.06
CA PRO A 102 -7.25 -9.48 10.86
C PRO A 102 -8.54 -8.70 10.89
N GLU A 103 -9.08 -8.51 12.10
CA GLU A 103 -10.33 -7.77 12.27
C GLU A 103 -10.27 -6.44 11.52
N GLU A 104 -9.18 -5.71 11.71
CA GLU A 104 -8.99 -4.42 11.05
C GLU A 104 -9.01 -4.58 9.52
N HIS A 105 -8.65 -5.77 9.06
CA HIS A 105 -8.63 -6.04 7.62
C HIS A 105 -10.04 -6.23 7.10
N ARG A 106 -10.77 -7.15 7.72
CA ARG A 106 -12.14 -7.44 7.32
C ARG A 106 -13.05 -6.23 7.50
N ARG A 107 -12.88 -5.53 8.62
CA ARG A 107 -13.69 -4.34 8.90
C ARG A 107 -13.40 -3.22 7.90
N LEU A 108 -12.13 -2.86 7.80
CA LEU A 108 -11.72 -1.80 6.89
C LEU A 108 -12.00 -2.18 5.44
N GLU A 109 -11.76 -3.45 5.11
CA GLU A 109 -12.00 -3.93 3.76
C GLU A 109 -13.49 -3.94 3.46
N LYS A 110 -14.26 -4.60 4.31
CA LYS A 110 -15.70 -4.67 4.13
C LYS A 110 -16.32 -3.29 3.90
N GLU A 111 -15.75 -2.28 4.56
CA GLU A 111 -16.25 -0.92 4.42
C GLU A 111 -15.91 -0.36 3.03
N VAL A 112 -14.63 -0.39 2.68
CA VAL A 112 -14.18 0.12 1.39
C VAL A 112 -14.79 -0.69 0.24
N LEU A 113 -14.60 -2.00 0.29
CA LEU A 113 -15.11 -2.90 -0.74
C LEU A 113 -16.60 -2.72 -0.96
N MET A 114 -17.36 -2.53 0.12
CA MET A 114 -18.80 -2.33 -0.02
C MET A 114 -19.09 -0.94 -0.56
N GLU A 115 -18.35 0.05 -0.05
CA GLU A 115 -18.53 1.43 -0.47
C GLU A 115 -18.40 1.60 -1.99
N LYS A 116 -17.40 0.93 -2.57
CA LYS A 116 -17.17 1.03 -4.01
C LYS A 116 -18.14 0.14 -4.79
N GLU A 117 -18.46 -1.02 -4.24
CA GLU A 117 -19.37 -1.95 -4.91
C GLU A 117 -20.80 -1.41 -4.91
N ILE A 118 -21.29 -1.04 -3.74
CA ILE A 118 -22.64 -0.50 -3.61
C ILE A 118 -22.66 1.02 -3.79
N LEU A 119 -21.55 1.58 -4.26
CA LEU A 119 -21.45 3.02 -4.48
C LEU A 119 -22.59 3.53 -5.35
N GLU A 120 -22.83 2.83 -6.46
CA GLU A 120 -23.90 3.21 -7.38
C GLU A 120 -25.27 2.88 -6.80
N LYS A 121 -25.45 1.63 -6.39
CA LYS A 121 -26.71 1.18 -5.82
C LYS A 121 -27.00 1.91 -4.51
#